data_1Y7N
#
_entry.id   1Y7N
#
_entity_poly.entity_id   1
_entity_poly.type   'polypeptide(L)'
_entity_poly.pdbx_seq_one_letter_code
;HHHHHLETMGNVTTVLIRRPDLRYQLGFSVQNGIICSLMRGGIAERGGVRVGHRIIEINGQSVVATPHEKIVHILSNAVG
EIHMKTMPAA
;
_entity_poly.pdbx_strand_id   A
#
# COMPACT_ATOMS: atom_id res chain seq x y z
N GLU A 7 -12.90 14.09 2.71
CA GLU A 7 -12.16 12.88 3.08
C GLU A 7 -10.73 13.06 2.69
N THR A 8 -9.86 12.21 3.23
CA THR A 8 -8.43 12.25 2.98
C THR A 8 -7.85 13.60 3.47
N MET A 9 -7.69 13.69 4.77
CA MET A 9 -7.25 14.92 5.40
C MET A 9 -5.94 14.73 6.13
N GLY A 10 -5.08 15.71 6.06
CA GLY A 10 -3.92 15.72 6.91
C GLY A 10 -2.70 15.19 6.25
N ASN A 11 -2.10 14.23 6.89
CA ASN A 11 -0.87 13.66 6.40
C ASN A 11 -1.14 12.43 5.62
N VAL A 12 -1.30 12.61 4.36
CA VAL A 12 -1.58 11.55 3.45
C VAL A 12 -0.60 11.63 2.33
N THR A 13 0.00 10.56 2.12
CA THR A 13 0.97 10.36 1.14
C THR A 13 0.45 9.30 0.19
N THR A 14 0.09 9.72 -0.96
CA THR A 14 -0.42 8.86 -1.93
C THR A 14 0.72 8.11 -2.62
N VAL A 15 0.49 6.87 -2.88
CA VAL A 15 1.43 6.01 -3.49
C VAL A 15 0.87 5.46 -4.74
N LEU A 16 1.67 5.43 -5.75
CA LEU A 16 1.28 4.79 -6.93
C LEU A 16 2.16 3.63 -7.19
N ILE A 17 1.59 2.49 -7.16
CA ILE A 17 2.26 1.30 -7.48
C ILE A 17 1.94 0.97 -8.88
N ARG A 18 2.92 0.67 -9.66
CA ARG A 18 2.68 0.20 -10.96
C ARG A 18 3.18 -1.20 -11.06
N ARG A 19 2.25 -2.07 -10.97
CA ARG A 19 2.49 -3.47 -10.93
C ARG A 19 2.23 -4.14 -12.28
N PRO A 20 3.26 -4.76 -12.87
CA PRO A 20 3.12 -5.48 -14.14
C PRO A 20 2.09 -6.64 -14.09
N ASP A 21 2.20 -7.47 -13.07
CA ASP A 21 1.32 -8.64 -12.92
C ASP A 21 1.45 -9.19 -11.50
N LEU A 22 0.79 -10.30 -11.23
CA LEU A 22 0.70 -10.86 -9.88
C LEU A 22 1.96 -11.50 -9.37
N ARG A 23 2.90 -11.71 -10.21
CA ARG A 23 4.17 -12.28 -9.79
C ARG A 23 5.10 -11.20 -9.31
N TYR A 24 4.73 -9.98 -9.60
CA TYR A 24 5.46 -8.85 -9.10
C TYR A 24 4.73 -8.39 -7.91
N GLN A 25 5.09 -8.91 -6.78
CA GLN A 25 4.42 -8.56 -5.59
C GLN A 25 4.88 -7.21 -5.12
N LEU A 26 4.07 -6.63 -4.25
CA LEU A 26 4.20 -5.24 -3.78
C LEU A 26 5.64 -4.91 -3.41
N GLY A 27 6.25 -5.76 -2.63
CA GLY A 27 7.61 -5.52 -2.26
C GLY A 27 7.71 -4.87 -0.91
N PHE A 28 6.63 -4.87 -0.18
CA PHE A 28 6.65 -4.36 1.15
C PHE A 28 5.85 -5.29 2.03
N SER A 29 6.25 -5.37 3.25
CA SER A 29 5.61 -6.21 4.21
C SER A 29 4.63 -5.36 4.98
N VAL A 30 3.39 -5.72 4.98
CA VAL A 30 2.41 -4.94 5.66
C VAL A 30 1.74 -5.81 6.71
N GLN A 31 1.43 -5.22 7.83
CA GLN A 31 0.68 -5.92 8.84
C GLN A 31 -0.46 -5.03 9.27
N ASN A 32 -1.67 -5.48 8.98
CA ASN A 32 -2.92 -4.77 9.37
C ASN A 32 -3.06 -3.43 8.68
N GLY A 33 -2.27 -3.22 7.65
CA GLY A 33 -2.33 -1.98 6.93
C GLY A 33 -1.11 -1.12 7.22
N ILE A 34 -0.25 -1.56 8.09
CA ILE A 34 0.94 -0.79 8.41
C ILE A 34 2.19 -1.46 7.86
N ILE A 35 2.91 -0.69 7.09
CA ILE A 35 4.12 -1.11 6.42
C ILE A 35 5.24 -1.34 7.44
N CYS A 36 5.69 -2.57 7.52
CA CYS A 36 6.71 -2.98 8.46
C CYS A 36 8.10 -3.01 7.81
N SER A 37 8.15 -3.33 6.52
CA SER A 37 9.42 -3.47 5.85
C SER A 37 9.23 -3.22 4.36
N LEU A 38 10.29 -2.78 3.70
CA LEU A 38 10.26 -2.48 2.29
C LEU A 38 11.46 -3.11 1.59
N MET A 39 11.21 -3.79 0.50
CA MET A 39 12.26 -4.36 -0.29
C MET A 39 12.78 -3.30 -1.25
N ARG A 40 14.02 -2.91 -1.08
CA ARG A 40 14.62 -1.88 -1.88
C ARG A 40 14.83 -2.45 -3.29
N GLY A 41 14.48 -1.68 -4.28
CA GLY A 41 14.55 -2.15 -5.64
C GLY A 41 13.24 -2.76 -6.09
N GLY A 42 12.28 -2.81 -5.19
CA GLY A 42 10.99 -3.37 -5.51
C GLY A 42 10.03 -2.31 -5.98
N ILE A 43 8.90 -2.72 -6.52
CA ILE A 43 7.90 -1.79 -7.03
C ILE A 43 7.42 -0.81 -5.97
N ALA A 44 7.29 -1.27 -4.73
CA ALA A 44 6.84 -0.43 -3.64
C ALA A 44 7.77 0.75 -3.39
N GLU A 45 9.07 0.53 -3.57
CA GLU A 45 10.04 1.59 -3.38
C GLU A 45 9.81 2.63 -4.45
N ARG A 46 9.56 2.14 -5.65
CA ARG A 46 9.28 2.97 -6.82
C ARG A 46 7.95 3.71 -6.64
N GLY A 47 7.05 3.06 -5.93
CA GLY A 47 5.75 3.61 -5.66
C GLY A 47 5.79 4.76 -4.67
N GLY A 48 6.80 4.74 -3.82
CA GLY A 48 6.93 5.79 -2.83
C GLY A 48 6.48 5.30 -1.48
N VAL A 49 6.49 4.00 -1.33
CA VAL A 49 6.11 3.37 -0.10
C VAL A 49 7.28 3.49 0.87
N ARG A 50 6.96 3.79 2.11
CA ARG A 50 7.94 3.89 3.17
C ARG A 50 7.43 3.21 4.39
N VAL A 51 8.32 2.65 5.11
CA VAL A 51 8.05 1.93 6.31
C VAL A 51 7.56 2.89 7.38
N GLY A 52 6.60 2.46 8.15
CA GLY A 52 6.05 3.31 9.17
C GLY A 52 4.92 4.11 8.60
N HIS A 53 4.32 3.57 7.57
CA HIS A 53 3.17 4.15 6.94
C HIS A 53 2.00 3.22 7.04
N ARG A 54 0.86 3.80 7.18
CA ARG A 54 -0.38 3.07 7.27
C ARG A 54 -1.15 3.27 5.98
N ILE A 55 -1.48 2.19 5.36
CA ILE A 55 -2.27 2.20 4.12
C ILE A 55 -3.70 2.55 4.49
N ILE A 56 -4.18 3.69 4.04
CA ILE A 56 -5.51 4.09 4.37
C ILE A 56 -6.50 3.89 3.22
N GLU A 57 -5.99 3.74 2.02
CA GLU A 57 -6.86 3.53 0.86
C GLU A 57 -6.11 2.77 -0.21
N ILE A 58 -6.83 1.95 -0.95
CA ILE A 58 -6.28 1.16 -2.05
C ILE A 58 -7.28 1.16 -3.21
N ASN A 59 -6.84 1.67 -4.35
CA ASN A 59 -7.61 1.75 -5.60
C ASN A 59 -9.04 2.27 -5.47
N GLY A 60 -9.25 3.17 -4.54
CA GLY A 60 -10.55 3.78 -4.41
C GLY A 60 -11.35 3.28 -3.23
N GLN A 61 -10.81 2.35 -2.48
CA GLN A 61 -11.50 1.89 -1.30
C GLN A 61 -10.65 2.14 -0.08
N SER A 62 -11.22 2.83 0.87
CA SER A 62 -10.56 3.09 2.12
C SER A 62 -10.44 1.78 2.88
N VAL A 63 -9.23 1.29 3.01
CA VAL A 63 -9.00 0.00 3.61
C VAL A 63 -8.50 0.19 5.00
N VAL A 64 -8.62 1.38 5.49
CA VAL A 64 -8.13 1.72 6.78
C VAL A 64 -9.00 1.10 7.90
N ALA A 65 -10.18 0.66 7.54
CA ALA A 65 -11.05 -0.01 8.47
C ALA A 65 -11.29 -1.44 8.00
N THR A 66 -10.46 -1.86 7.07
CA THR A 66 -10.51 -3.14 6.48
C THR A 66 -9.56 -4.07 7.26
N PRO A 67 -9.95 -5.33 7.49
CA PRO A 67 -9.10 -6.28 8.22
C PRO A 67 -7.85 -6.71 7.42
N HIS A 68 -6.88 -7.25 8.15
CA HIS A 68 -5.56 -7.73 7.66
C HIS A 68 -5.68 -8.52 6.37
N GLU A 69 -6.49 -9.55 6.41
CA GLU A 69 -6.67 -10.47 5.32
C GLU A 69 -7.12 -9.76 4.09
N LYS A 70 -8.16 -8.96 4.25
CA LYS A 70 -8.74 -8.23 3.17
C LYS A 70 -7.73 -7.31 2.55
N ILE A 71 -7.10 -6.49 3.38
CA ILE A 71 -6.07 -5.56 2.92
C ILE A 71 -5.00 -6.28 2.09
N VAL A 72 -4.56 -7.42 2.59
CA VAL A 72 -3.54 -8.21 1.90
C VAL A 72 -4.09 -8.85 0.62
N HIS A 73 -5.34 -9.32 0.68
CA HIS A 73 -5.96 -10.03 -0.44
C HIS A 73 -6.19 -9.08 -1.60
N ILE A 74 -6.55 -7.87 -1.26
CA ILE A 74 -6.78 -6.82 -2.19
C ILE A 74 -5.47 -6.42 -2.86
N LEU A 75 -4.43 -6.19 -2.05
CA LEU A 75 -3.10 -5.85 -2.59
C LEU A 75 -2.53 -6.96 -3.43
N SER A 76 -2.74 -8.18 -3.00
CA SER A 76 -2.24 -9.35 -3.67
C SER A 76 -2.87 -9.54 -5.07
N ASN A 77 -4.07 -9.04 -5.28
CA ASN A 77 -4.73 -9.28 -6.56
C ASN A 77 -4.81 -8.07 -7.46
N ALA A 78 -4.42 -6.92 -6.94
CA ALA A 78 -4.46 -5.71 -7.73
C ALA A 78 -3.13 -5.49 -8.45
N VAL A 79 -3.20 -5.12 -9.72
CA VAL A 79 -2.01 -4.82 -10.50
C VAL A 79 -2.26 -3.52 -11.30
N GLY A 80 -1.27 -3.06 -12.02
CA GLY A 80 -1.42 -1.86 -12.80
C GLY A 80 -1.14 -0.66 -11.99
N GLU A 81 -1.72 0.45 -12.36
CA GLU A 81 -1.62 1.67 -11.61
C GLU A 81 -2.50 1.56 -10.37
N ILE A 82 -1.86 1.43 -9.25
CA ILE A 82 -2.52 1.23 -7.98
C ILE A 82 -2.34 2.45 -7.11
N HIS A 83 -3.44 3.05 -6.76
CA HIS A 83 -3.43 4.25 -5.96
C HIS A 83 -3.67 3.87 -4.53
N MET A 84 -2.73 4.14 -3.70
CA MET A 84 -2.90 3.92 -2.30
C MET A 84 -2.68 5.22 -1.61
N LYS A 85 -3.19 5.34 -0.43
CA LYS A 85 -3.00 6.51 0.35
C LYS A 85 -2.40 6.04 1.61
N THR A 86 -1.30 6.55 1.96
CA THR A 86 -0.65 6.13 3.16
C THR A 86 -0.49 7.31 4.10
N MET A 87 -0.51 7.06 5.36
CA MET A 87 -0.28 8.11 6.33
C MET A 87 0.93 7.69 7.12
N PRO A 88 1.58 8.58 7.90
CA PRO A 88 2.77 8.22 8.74
C PRO A 88 2.42 7.32 9.95
N ALA A 89 1.35 6.52 9.77
CA ALA A 89 0.85 5.53 10.76
C ALA A 89 0.35 6.16 12.06
N ALA A 90 0.21 7.46 12.06
CA ALA A 90 -0.30 8.16 13.20
C ALA A 90 -1.80 8.21 13.05
N GLU A 7 -7.58 10.03 7.26
CA GLU A 7 -8.21 9.38 6.12
C GLU A 7 -8.31 10.42 5.00
N THR A 8 -9.22 11.37 5.16
CA THR A 8 -9.36 12.45 4.21
C THR A 8 -8.24 13.46 4.44
N MET A 9 -8.00 13.77 5.71
CA MET A 9 -7.00 14.73 6.07
C MET A 9 -5.88 14.06 6.81
N GLY A 10 -4.79 14.77 6.94
CA GLY A 10 -3.68 14.31 7.70
C GLY A 10 -2.43 14.41 6.89
N ASN A 11 -1.56 13.50 7.09
CA ASN A 11 -0.38 13.42 6.30
C ASN A 11 -0.53 12.25 5.41
N VAL A 12 -1.16 12.49 4.31
CA VAL A 12 -1.50 11.49 3.41
C VAL A 12 -0.58 11.57 2.26
N THR A 13 0.13 10.57 2.17
CA THR A 13 1.08 10.39 1.20
C THR A 13 0.56 9.32 0.27
N THR A 14 0.25 9.70 -0.90
CA THR A 14 -0.27 8.83 -1.84
C THR A 14 0.85 8.03 -2.48
N VAL A 15 0.56 6.81 -2.69
CA VAL A 15 1.46 5.93 -3.31
C VAL A 15 0.83 5.36 -4.51
N LEU A 16 1.50 5.47 -5.57
CA LEU A 16 1.08 4.84 -6.73
C LEU A 16 2.04 3.74 -7.00
N ILE A 17 1.59 2.56 -6.97
CA ILE A 17 2.42 1.44 -7.26
C ILE A 17 2.04 0.97 -8.66
N ARG A 18 3.01 0.64 -9.48
CA ARG A 18 2.72 0.13 -10.80
C ARG A 18 3.07 -1.32 -10.87
N ARG A 19 2.06 -2.12 -10.83
CA ARG A 19 2.21 -3.52 -10.83
C ARG A 19 1.81 -4.12 -12.19
N PRO A 20 2.76 -4.69 -12.93
CA PRO A 20 2.47 -5.32 -14.23
C PRO A 20 1.41 -6.43 -14.15
N ASP A 21 1.63 -7.41 -13.30
CA ASP A 21 0.73 -8.55 -13.16
C ASP A 21 1.00 -9.23 -11.82
N LEU A 22 0.37 -10.37 -11.58
CA LEU A 22 0.48 -11.07 -10.32
C LEU A 22 1.82 -11.71 -10.06
N ARG A 23 2.60 -11.91 -11.11
CA ARG A 23 3.99 -12.42 -10.98
C ARG A 23 4.80 -11.44 -10.17
N TYR A 24 4.45 -10.18 -10.31
CA TYR A 24 5.12 -9.14 -9.62
C TYR A 24 4.36 -8.89 -8.37
N GLN A 25 5.02 -8.85 -7.29
CA GLN A 25 4.37 -8.54 -6.06
C GLN A 25 4.74 -7.16 -5.63
N LEU A 26 3.99 -6.64 -4.69
CA LEU A 26 4.07 -5.26 -4.22
C LEU A 26 5.50 -4.87 -3.87
N GLY A 27 6.11 -5.65 -3.02
CA GLY A 27 7.44 -5.34 -2.61
C GLY A 27 7.47 -4.65 -1.28
N PHE A 28 6.54 -4.98 -0.44
CA PHE A 28 6.53 -4.49 0.91
C PHE A 28 5.69 -5.42 1.73
N SER A 29 5.86 -5.35 3.00
CA SER A 29 5.12 -6.18 3.91
C SER A 29 4.24 -5.30 4.77
N VAL A 30 2.96 -5.53 4.76
CA VAL A 30 2.07 -4.73 5.55
C VAL A 30 1.50 -5.58 6.70
N GLN A 31 1.46 -5.00 7.86
CA GLN A 31 0.89 -5.66 9.01
C GLN A 31 -0.17 -4.77 9.60
N ASN A 32 -1.40 -5.25 9.56
CA ASN A 32 -2.59 -4.52 10.08
C ASN A 32 -2.92 -3.28 9.27
N GLY A 33 -2.23 -3.14 8.15
CA GLY A 33 -2.40 -1.98 7.31
C GLY A 33 -1.22 -1.04 7.45
N ILE A 34 -0.27 -1.41 8.27
CA ILE A 34 0.91 -0.60 8.49
C ILE A 34 2.11 -1.30 7.89
N ILE A 35 2.77 -0.61 7.00
CA ILE A 35 3.96 -1.08 6.32
C ILE A 35 5.08 -1.37 7.33
N CYS A 36 5.40 -2.64 7.44
CA CYS A 36 6.39 -3.14 8.35
C CYS A 36 7.78 -2.99 7.76
N SER A 37 7.89 -3.34 6.50
CA SER A 37 9.15 -3.28 5.82
C SER A 37 8.92 -3.09 4.32
N LEU A 38 9.94 -2.62 3.66
CA LEU A 38 9.90 -2.36 2.24
C LEU A 38 11.02 -3.09 1.52
N MET A 39 10.68 -3.74 0.43
CA MET A 39 11.65 -4.48 -0.37
C MET A 39 12.49 -3.49 -1.17
N ARG A 40 13.72 -3.36 -0.75
CA ARG A 40 14.69 -2.43 -1.31
C ARG A 40 14.93 -2.73 -2.79
N GLY A 41 14.64 -1.77 -3.63
CA GLY A 41 14.81 -1.92 -5.06
C GLY A 41 13.56 -2.46 -5.72
N GLY A 42 12.52 -2.67 -4.92
CA GLY A 42 11.28 -3.22 -5.43
C GLY A 42 10.35 -2.16 -5.98
N ILE A 43 9.23 -2.60 -6.57
CA ILE A 43 8.26 -1.69 -7.18
C ILE A 43 7.61 -0.77 -6.19
N ALA A 44 7.41 -1.25 -4.98
CA ALA A 44 6.82 -0.45 -3.92
C ALA A 44 7.70 0.73 -3.58
N GLU A 45 9.00 0.50 -3.58
CA GLU A 45 9.93 1.56 -3.28
C GLU A 45 9.98 2.56 -4.43
N ARG A 46 9.79 2.05 -5.64
CA ARG A 46 9.64 2.87 -6.85
C ARG A 46 8.34 3.69 -6.79
N GLY A 47 7.32 3.10 -6.17
CA GLY A 47 6.01 3.72 -6.04
C GLY A 47 5.97 4.80 -4.97
N GLY A 48 6.98 4.83 -4.12
CA GLY A 48 7.05 5.84 -3.10
C GLY A 48 6.46 5.37 -1.79
N VAL A 49 6.55 4.08 -1.54
CA VAL A 49 6.11 3.49 -0.30
C VAL A 49 7.15 3.76 0.80
N ARG A 50 6.68 3.97 2.02
CA ARG A 50 7.55 4.22 3.15
C ARG A 50 7.08 3.43 4.33
N VAL A 51 8.03 2.93 5.03
CA VAL A 51 7.82 2.10 6.19
C VAL A 51 7.33 2.94 7.38
N GLY A 52 6.45 2.37 8.17
CA GLY A 52 5.87 3.10 9.28
C GLY A 52 4.68 3.90 8.82
N HIS A 53 4.17 3.52 7.69
CA HIS A 53 3.03 4.16 7.12
C HIS A 53 1.84 3.25 7.18
N ARG A 54 0.72 3.84 7.48
CA ARG A 54 -0.52 3.13 7.57
C ARG A 54 -1.28 3.39 6.31
N ILE A 55 -1.53 2.37 5.57
CA ILE A 55 -2.27 2.47 4.35
C ILE A 55 -3.72 2.64 4.68
N ILE A 56 -4.31 3.66 4.13
CA ILE A 56 -5.68 3.93 4.35
C ILE A 56 -6.52 3.63 3.13
N GLU A 57 -5.89 3.48 1.99
CA GLU A 57 -6.65 3.33 0.78
C GLU A 57 -5.83 2.62 -0.25
N ILE A 58 -6.49 1.80 -1.04
CA ILE A 58 -5.87 1.02 -2.10
C ILE A 58 -6.82 1.03 -3.31
N ASN A 59 -6.31 1.50 -4.44
CA ASN A 59 -7.05 1.61 -5.75
C ASN A 59 -8.21 2.60 -5.69
N GLY A 60 -8.35 3.28 -4.59
CA GLY A 60 -9.44 4.20 -4.42
C GLY A 60 -10.46 3.66 -3.48
N GLN A 61 -10.14 2.53 -2.91
CA GLN A 61 -10.93 1.85 -1.94
C GLN A 61 -10.28 2.06 -0.57
N SER A 62 -10.98 2.74 0.31
CA SER A 62 -10.48 2.98 1.66
C SER A 62 -10.48 1.64 2.42
N VAL A 63 -9.29 1.13 2.67
CA VAL A 63 -9.11 -0.15 3.27
C VAL A 63 -8.68 0.04 4.70
N VAL A 64 -8.84 1.24 5.17
CA VAL A 64 -8.40 1.58 6.49
C VAL A 64 -9.24 0.89 7.58
N ALA A 65 -10.43 0.49 7.21
CA ALA A 65 -11.33 -0.19 8.13
C ALA A 65 -11.41 -1.67 7.77
N THR A 66 -10.70 -2.03 6.74
CA THR A 66 -10.66 -3.33 6.21
C THR A 66 -9.73 -4.19 7.08
N PRO A 67 -10.12 -5.44 7.38
CA PRO A 67 -9.29 -6.34 8.17
C PRO A 67 -7.94 -6.58 7.48
N HIS A 68 -6.90 -6.76 8.28
CA HIS A 68 -5.52 -6.94 7.82
C HIS A 68 -5.39 -7.97 6.71
N GLU A 69 -6.14 -9.04 6.83
CA GLU A 69 -6.07 -10.13 5.90
C GLU A 69 -6.61 -9.71 4.54
N LYS A 70 -7.67 -8.91 4.56
CA LYS A 70 -8.24 -8.40 3.34
C LYS A 70 -7.31 -7.47 2.66
N ILE A 71 -6.75 -6.55 3.43
CA ILE A 71 -5.80 -5.57 2.90
C ILE A 71 -4.68 -6.30 2.16
N VAL A 72 -4.23 -7.41 2.73
CA VAL A 72 -3.20 -8.22 2.12
C VAL A 72 -3.75 -8.97 0.89
N HIS A 73 -5.00 -9.43 0.96
CA HIS A 73 -5.61 -10.23 -0.12
C HIS A 73 -5.82 -9.36 -1.35
N ILE A 74 -6.25 -8.16 -1.10
CA ILE A 74 -6.49 -7.18 -2.09
C ILE A 74 -5.19 -6.77 -2.75
N LEU A 75 -4.19 -6.43 -1.93
CA LEU A 75 -2.86 -6.07 -2.45
C LEU A 75 -2.26 -7.21 -3.25
N SER A 76 -2.44 -8.41 -2.76
CA SER A 76 -1.93 -9.61 -3.39
C SER A 76 -2.48 -9.78 -4.82
N ASN A 77 -3.68 -9.26 -5.10
CA ASN A 77 -4.31 -9.53 -6.39
C ASN A 77 -4.58 -8.30 -7.24
N ALA A 78 -4.36 -7.13 -6.71
CA ALA A 78 -4.58 -5.92 -7.49
C ALA A 78 -3.33 -5.54 -8.23
N VAL A 79 -3.45 -5.28 -9.51
CA VAL A 79 -2.32 -4.90 -10.32
C VAL A 79 -2.64 -3.58 -11.06
N GLY A 80 -1.69 -3.06 -11.80
CA GLY A 80 -1.88 -1.84 -12.52
C GLY A 80 -1.36 -0.68 -11.75
N GLU A 81 -1.94 0.46 -12.00
CA GLU A 81 -1.65 1.65 -11.27
C GLU A 81 -2.49 1.63 -10.03
N ILE A 82 -1.87 1.53 -8.91
CA ILE A 82 -2.61 1.41 -7.69
C ILE A 82 -2.38 2.62 -6.85
N HIS A 83 -3.44 3.34 -6.60
CA HIS A 83 -3.40 4.54 -5.78
C HIS A 83 -3.66 4.13 -4.36
N MET A 84 -2.68 4.23 -3.56
CA MET A 84 -2.84 3.97 -2.18
C MET A 84 -2.64 5.24 -1.44
N LYS A 85 -3.17 5.33 -0.29
CA LYS A 85 -2.98 6.48 0.52
C LYS A 85 -2.39 6.01 1.79
N THR A 86 -1.29 6.54 2.13
CA THR A 86 -0.63 6.14 3.32
C THR A 86 -0.45 7.33 4.25
N MET A 87 -0.61 7.10 5.53
CA MET A 87 -0.42 8.15 6.51
C MET A 87 0.77 7.74 7.34
N PRO A 88 1.37 8.61 8.19
CA PRO A 88 2.52 8.22 9.04
C PRO A 88 2.09 7.35 10.22
N ALA A 89 1.03 6.56 10.00
CA ALA A 89 0.42 5.67 10.99
C ALA A 89 -0.10 6.47 12.17
N ALA A 90 -0.56 7.66 11.87
CA ALA A 90 -1.13 8.56 12.81
C ALA A 90 -2.36 9.18 12.19
N GLU A 7 -11.53 14.90 8.76
CA GLU A 7 -11.30 13.46 8.86
C GLU A 7 -10.64 12.99 7.60
N THR A 8 -9.77 12.00 7.72
CA THR A 8 -9.03 11.45 6.58
C THR A 8 -8.12 12.56 5.99
N MET A 9 -7.73 13.50 6.83
CA MET A 9 -6.93 14.62 6.40
C MET A 9 -5.87 14.95 7.44
N GLY A 10 -4.72 14.40 7.26
CA GLY A 10 -3.62 14.65 8.14
C GLY A 10 -2.37 14.79 7.35
N ASN A 11 -1.61 13.75 7.30
CA ASN A 11 -0.41 13.73 6.50
C ASN A 11 -0.48 12.56 5.60
N VAL A 12 -0.91 12.80 4.40
CA VAL A 12 -1.14 11.76 3.48
C VAL A 12 -0.18 11.86 2.35
N THR A 13 0.44 10.81 2.14
CA THR A 13 1.35 10.63 1.10
C THR A 13 0.81 9.51 0.24
N THR A 14 0.58 9.83 -0.97
CA THR A 14 -0.02 8.94 -1.87
C THR A 14 1.03 8.09 -2.54
N VAL A 15 0.70 6.87 -2.72
CA VAL A 15 1.56 5.92 -3.31
C VAL A 15 0.93 5.39 -4.55
N LEU A 16 1.71 5.26 -5.56
CA LEU A 16 1.26 4.64 -6.71
C LEU A 16 2.19 3.51 -7.02
N ILE A 17 1.70 2.34 -6.91
CA ILE A 17 2.47 1.18 -7.16
C ILE A 17 2.15 0.75 -8.58
N ARG A 18 3.16 0.36 -9.30
CA ARG A 18 3.02 -0.08 -10.66
C ARG A 18 3.23 -1.55 -10.72
N ARG A 19 2.20 -2.27 -10.95
CA ARG A 19 2.29 -3.69 -10.94
C ARG A 19 1.97 -4.28 -12.32
N PRO A 20 2.97 -4.83 -13.02
CA PRO A 20 2.75 -5.48 -14.32
C PRO A 20 1.75 -6.65 -14.26
N ASP A 21 1.83 -7.45 -13.22
CA ASP A 21 0.97 -8.64 -13.06
C ASP A 21 1.19 -9.19 -11.65
N LEU A 22 0.58 -10.31 -11.36
CA LEU A 22 0.60 -10.95 -10.06
C LEU A 22 1.87 -11.75 -9.89
N ARG A 23 2.57 -11.91 -11.00
CA ARG A 23 3.87 -12.59 -11.03
C ARG A 23 4.91 -11.65 -10.41
N TYR A 24 4.51 -10.39 -10.31
CA TYR A 24 5.28 -9.39 -9.66
C TYR A 24 4.62 -9.15 -8.34
N GLN A 25 5.38 -9.01 -7.34
CA GLN A 25 4.86 -8.75 -6.03
C GLN A 25 5.18 -7.35 -5.62
N LEU A 26 4.43 -6.86 -4.64
CA LEU A 26 4.47 -5.47 -4.21
C LEU A 26 5.90 -5.06 -3.81
N GLY A 27 6.48 -5.80 -2.90
CA GLY A 27 7.79 -5.48 -2.43
C GLY A 27 7.77 -4.80 -1.09
N PHE A 28 6.67 -4.93 -0.37
CA PHE A 28 6.55 -4.40 0.96
C PHE A 28 5.69 -5.32 1.79
N SER A 29 5.76 -5.17 3.08
CA SER A 29 4.98 -5.97 3.98
C SER A 29 4.15 -5.06 4.85
N VAL A 30 2.89 -5.33 4.95
CA VAL A 30 2.01 -4.50 5.71
C VAL A 30 1.47 -5.29 6.90
N GLN A 31 1.43 -4.68 8.03
CA GLN A 31 0.89 -5.28 9.23
C GLN A 31 -0.22 -4.44 9.76
N ASN A 32 -1.41 -5.00 9.75
CA ASN A 32 -2.65 -4.37 10.25
C ASN A 32 -3.00 -3.09 9.46
N GLY A 33 -2.37 -2.93 8.30
CA GLY A 33 -2.59 -1.74 7.49
C GLY A 33 -1.44 -0.78 7.58
N ILE A 34 -0.41 -1.17 8.31
CA ILE A 34 0.76 -0.32 8.47
C ILE A 34 1.97 -1.02 7.87
N ILE A 35 2.61 -0.35 6.95
CA ILE A 35 3.78 -0.85 6.27
C ILE A 35 4.90 -1.05 7.28
N CYS A 36 5.34 -2.29 7.41
CA CYS A 36 6.32 -2.62 8.41
C CYS A 36 7.66 -2.98 7.77
N SER A 37 7.65 -3.24 6.48
CA SER A 37 8.87 -3.57 5.78
C SER A 37 8.72 -3.20 4.31
N LEU A 38 9.84 -2.94 3.67
CA LEU A 38 9.92 -2.56 2.28
C LEU A 38 11.20 -3.14 1.71
N MET A 39 11.19 -3.50 0.45
CA MET A 39 12.37 -4.00 -0.18
C MET A 39 12.93 -2.98 -1.17
N ARG A 40 14.15 -2.55 -0.92
CA ARG A 40 14.84 -1.59 -1.76
C ARG A 40 15.03 -2.16 -3.16
N GLY A 41 14.70 -1.35 -4.15
CA GLY A 41 14.79 -1.76 -5.53
C GLY A 41 13.48 -2.28 -6.04
N GLY A 42 12.61 -2.64 -5.11
CA GLY A 42 11.34 -3.22 -5.46
C GLY A 42 10.35 -2.18 -5.91
N ILE A 43 9.32 -2.62 -6.60
CA ILE A 43 8.29 -1.71 -7.12
C ILE A 43 7.63 -0.87 -6.06
N ALA A 44 7.48 -1.41 -4.85
CA ALA A 44 6.88 -0.65 -3.76
C ALA A 44 7.71 0.57 -3.40
N GLU A 45 9.02 0.41 -3.37
CA GLU A 45 9.92 1.52 -3.06
C GLU A 45 9.79 2.57 -4.14
N ARG A 46 9.76 2.10 -5.36
CA ARG A 46 9.63 2.94 -6.54
C ARG A 46 8.20 3.52 -6.64
N GLY A 47 7.30 2.96 -5.85
CA GLY A 47 5.95 3.42 -5.78
C GLY A 47 5.80 4.50 -4.73
N GLY A 48 6.81 4.65 -3.88
CA GLY A 48 6.80 5.68 -2.88
C GLY A 48 6.34 5.16 -1.54
N VAL A 49 6.30 3.86 -1.40
CA VAL A 49 5.90 3.19 -0.17
C VAL A 49 6.98 3.42 0.88
N ARG A 50 6.56 3.73 2.10
CA ARG A 50 7.49 3.91 3.21
C ARG A 50 7.00 3.18 4.40
N VAL A 51 7.92 2.71 5.15
CA VAL A 51 7.68 1.94 6.32
C VAL A 51 7.29 2.86 7.47
N GLY A 52 6.37 2.41 8.28
CA GLY A 52 5.86 3.24 9.35
C GLY A 52 4.74 4.10 8.85
N HIS A 53 4.11 3.63 7.80
CA HIS A 53 3.00 4.32 7.19
C HIS A 53 1.76 3.47 7.24
N ARG A 54 0.66 4.08 7.61
CA ARG A 54 -0.62 3.41 7.62
C ARG A 54 -1.26 3.67 6.31
N ILE A 55 -1.61 2.64 5.61
CA ILE A 55 -2.31 2.79 4.38
C ILE A 55 -3.77 3.05 4.70
N ILE A 56 -4.29 4.11 4.18
CA ILE A 56 -5.64 4.44 4.41
C ILE A 56 -6.52 4.09 3.24
N GLU A 57 -5.94 3.86 2.08
CA GLU A 57 -6.73 3.61 0.90
C GLU A 57 -5.90 2.87 -0.10
N ILE A 58 -6.53 1.97 -0.81
CA ILE A 58 -5.91 1.19 -1.86
C ILE A 58 -6.91 0.99 -2.96
N ASN A 59 -6.53 1.35 -4.16
CA ASN A 59 -7.29 1.05 -5.40
C ASN A 59 -8.72 1.67 -5.39
N GLY A 60 -8.92 2.66 -4.54
CA GLY A 60 -10.21 3.30 -4.47
C GLY A 60 -11.01 2.91 -3.24
N GLN A 61 -10.47 2.06 -2.42
CA GLN A 61 -11.17 1.67 -1.23
C GLN A 61 -10.38 2.04 -0.02
N SER A 62 -11.04 2.65 0.93
CA SER A 62 -10.41 3.03 2.15
C SER A 62 -10.21 1.76 2.99
N VAL A 63 -8.98 1.33 3.10
CA VAL A 63 -8.67 0.08 3.73
C VAL A 63 -8.22 0.30 5.14
N VAL A 64 -8.42 1.51 5.58
CA VAL A 64 -7.99 1.95 6.88
C VAL A 64 -8.75 1.21 7.99
N ALA A 65 -9.90 0.65 7.65
CA ALA A 65 -10.72 -0.09 8.58
C ALA A 65 -10.87 -1.52 8.08
N THR A 66 -10.07 -1.87 7.12
CA THR A 66 -10.09 -3.14 6.51
C THR A 66 -9.05 -4.04 7.21
N PRO A 67 -9.39 -5.30 7.51
CA PRO A 67 -8.47 -6.22 8.19
C PRO A 67 -7.37 -6.73 7.26
N HIS A 68 -6.32 -7.32 7.88
CA HIS A 68 -5.13 -7.86 7.23
C HIS A 68 -5.47 -8.68 6.00
N GLU A 69 -6.33 -9.66 6.17
CA GLU A 69 -6.67 -10.60 5.13
C GLU A 69 -7.18 -9.90 3.89
N LYS A 70 -8.05 -8.94 4.10
CA LYS A 70 -8.64 -8.19 3.02
C LYS A 70 -7.60 -7.38 2.33
N ILE A 71 -6.91 -6.56 3.11
CA ILE A 71 -5.87 -5.68 2.59
C ILE A 71 -4.88 -6.48 1.76
N VAL A 72 -4.53 -7.66 2.26
CA VAL A 72 -3.58 -8.51 1.56
C VAL A 72 -4.21 -9.14 0.31
N HIS A 73 -5.44 -9.61 0.41
CA HIS A 73 -6.14 -10.27 -0.71
C HIS A 73 -6.36 -9.30 -1.84
N ILE A 74 -6.76 -8.12 -1.48
CA ILE A 74 -7.05 -7.08 -2.42
C ILE A 74 -5.77 -6.59 -3.09
N LEU A 75 -4.71 -6.43 -2.30
CA LEU A 75 -3.37 -6.10 -2.87
C LEU A 75 -2.89 -7.21 -3.79
N SER A 76 -3.02 -8.42 -3.33
CA SER A 76 -2.61 -9.61 -4.06
C SER A 76 -3.37 -9.76 -5.40
N ASN A 77 -4.58 -9.23 -5.46
CA ASN A 77 -5.35 -9.31 -6.70
C ASN A 77 -5.05 -8.15 -7.64
N ALA A 78 -4.84 -6.99 -7.07
CA ALA A 78 -4.70 -5.78 -7.86
C ALA A 78 -3.35 -5.63 -8.52
N VAL A 79 -3.38 -5.23 -9.78
CA VAL A 79 -2.19 -4.94 -10.56
C VAL A 79 -2.39 -3.58 -11.26
N GLY A 80 -1.37 -3.10 -11.93
CA GLY A 80 -1.44 -1.87 -12.64
C GLY A 80 -1.07 -0.71 -11.79
N GLU A 81 -1.58 0.44 -12.14
CA GLU A 81 -1.42 1.63 -11.34
C GLU A 81 -2.34 1.53 -10.14
N ILE A 82 -1.75 1.33 -9.00
CA ILE A 82 -2.52 1.15 -7.79
C ILE A 82 -2.30 2.32 -6.88
N HIS A 83 -3.37 3.01 -6.61
CA HIS A 83 -3.37 4.16 -5.75
C HIS A 83 -3.49 3.72 -4.34
N MET A 84 -2.65 4.22 -3.50
CA MET A 84 -2.79 4.02 -2.11
C MET A 84 -2.55 5.32 -1.45
N LYS A 85 -3.13 5.52 -0.32
CA LYS A 85 -2.96 6.74 0.40
C LYS A 85 -2.42 6.35 1.73
N THR A 86 -1.28 6.85 2.08
CA THR A 86 -0.69 6.45 3.32
C THR A 86 -0.48 7.66 4.25
N MET A 87 -0.47 7.42 5.55
CA MET A 87 -0.23 8.45 6.56
C MET A 87 0.97 7.97 7.38
N PRO A 88 1.59 8.81 8.27
CA PRO A 88 2.76 8.38 9.10
C PRO A 88 2.35 7.45 10.26
N ALA A 89 1.36 6.64 9.96
CA ALA A 89 0.77 5.67 10.85
C ALA A 89 0.19 6.30 12.08
N ALA A 90 -0.74 7.15 11.84
CA ALA A 90 -1.55 7.72 12.85
C ALA A 90 -2.64 6.74 13.10
N GLU A 7 -9.69 14.22 -1.40
CA GLU A 7 -9.51 14.42 0.04
C GLU A 7 -8.08 14.85 0.31
N THR A 8 -7.93 15.92 1.06
CA THR A 8 -6.63 16.41 1.44
C THR A 8 -6.55 16.39 2.97
N MET A 9 -5.89 15.40 3.49
CA MET A 9 -5.79 15.24 4.93
C MET A 9 -4.52 15.86 5.45
N GLY A 10 -3.52 15.96 4.59
CA GLY A 10 -2.26 16.55 4.98
C GLY A 10 -1.16 15.53 4.93
N ASN A 11 -0.91 14.86 6.03
CA ASN A 11 0.12 13.82 6.07
C ASN A 11 -0.37 12.56 5.44
N VAL A 12 -0.27 12.54 4.16
CA VAL A 12 -0.64 11.46 3.35
C VAL A 12 0.32 11.42 2.22
N THR A 13 0.86 10.31 2.04
CA THR A 13 1.74 10.04 1.00
C THR A 13 1.01 9.13 0.08
N THR A 14 0.63 9.65 -1.01
CA THR A 14 -0.04 8.87 -1.97
C THR A 14 0.98 8.05 -2.70
N VAL A 15 0.71 6.84 -2.79
CA VAL A 15 1.54 5.91 -3.39
C VAL A 15 0.90 5.45 -4.63
N LEU A 16 1.65 5.34 -5.63
CA LEU A 16 1.15 4.79 -6.78
C LEU A 16 1.98 3.61 -7.13
N ILE A 17 1.40 2.50 -7.01
CA ILE A 17 2.04 1.28 -7.32
C ILE A 17 1.62 0.95 -8.71
N ARG A 18 2.56 0.67 -9.53
CA ARG A 18 2.26 0.22 -10.83
C ARG A 18 2.76 -1.15 -10.93
N ARG A 19 1.85 -2.02 -10.82
CA ARG A 19 2.12 -3.40 -10.79
C ARG A 19 1.90 -4.03 -12.15
N PRO A 20 2.92 -4.70 -12.69
CA PRO A 20 2.82 -5.39 -13.99
C PRO A 20 1.71 -6.46 -14.04
N ASP A 21 1.76 -7.41 -13.11
CA ASP A 21 0.84 -8.53 -13.07
C ASP A 21 0.96 -9.23 -11.73
N LEU A 22 0.20 -10.30 -11.55
CA LEU A 22 0.12 -11.03 -10.30
C LEU A 22 1.36 -11.76 -9.87
N ARG A 23 2.27 -11.98 -10.77
CA ARG A 23 3.48 -12.66 -10.37
C ARG A 23 4.48 -11.70 -9.79
N TYR A 24 4.22 -10.42 -9.95
CA TYR A 24 5.06 -9.40 -9.37
C TYR A 24 4.50 -9.04 -8.05
N GLN A 25 5.32 -9.06 -7.04
CA GLN A 25 4.86 -8.73 -5.74
C GLN A 25 5.28 -7.36 -5.31
N LEU A 26 4.55 -6.85 -4.35
CA LEU A 26 4.58 -5.47 -3.92
C LEU A 26 5.97 -5.07 -3.47
N GLY A 27 6.51 -5.83 -2.56
CA GLY A 27 7.83 -5.52 -2.09
C GLY A 27 7.82 -4.79 -0.78
N PHE A 28 6.79 -4.99 0.00
CA PHE A 28 6.76 -4.44 1.33
C PHE A 28 6.02 -5.40 2.24
N SER A 29 6.32 -5.35 3.49
CA SER A 29 5.70 -6.20 4.46
C SER A 29 4.74 -5.35 5.27
N VAL A 30 3.48 -5.72 5.28
CA VAL A 30 2.51 -4.94 6.00
C VAL A 30 1.94 -5.75 7.18
N GLN A 31 1.74 -5.10 8.28
CA GLN A 31 1.10 -5.68 9.43
C GLN A 31 0.03 -4.73 9.89
N ASN A 32 -1.19 -5.22 10.01
CA ASN A 32 -2.40 -4.43 10.42
C ASN A 32 -2.73 -3.31 9.41
N GLY A 33 -2.02 -3.27 8.30
CA GLY A 33 -2.20 -2.20 7.35
C GLY A 33 -1.09 -1.17 7.49
N ILE A 34 -0.12 -1.49 8.33
CA ILE A 34 1.02 -0.62 8.56
C ILE A 34 2.28 -1.30 8.04
N ILE A 35 3.00 -0.58 7.23
CA ILE A 35 4.20 -1.04 6.56
C ILE A 35 5.33 -1.22 7.56
N CYS A 36 5.76 -2.44 7.72
CA CYS A 36 6.77 -2.79 8.69
C CYS A 36 8.15 -2.90 8.04
N SER A 37 8.19 -3.17 6.74
CA SER A 37 9.43 -3.33 6.03
C SER A 37 9.17 -3.05 4.55
N LEU A 38 10.20 -2.61 3.85
CA LEU A 38 10.12 -2.31 2.43
C LEU A 38 11.33 -2.91 1.75
N MET A 39 11.13 -3.46 0.59
CA MET A 39 12.21 -4.03 -0.18
C MET A 39 12.73 -3.00 -1.15
N ARG A 40 13.96 -2.61 -0.96
CA ARG A 40 14.62 -1.61 -1.77
C ARG A 40 14.76 -2.16 -3.18
N GLY A 41 14.37 -1.37 -4.16
CA GLY A 41 14.46 -1.79 -5.53
C GLY A 41 13.18 -2.45 -6.01
N GLY A 42 12.24 -2.63 -5.11
CA GLY A 42 10.97 -3.23 -5.45
C GLY A 42 9.98 -2.19 -5.92
N ILE A 43 8.84 -2.64 -6.46
CA ILE A 43 7.82 -1.72 -6.96
C ILE A 43 7.27 -0.83 -5.89
N ALA A 44 7.16 -1.35 -4.68
CA ALA A 44 6.63 -0.59 -3.56
C ALA A 44 7.45 0.66 -3.29
N GLU A 45 8.76 0.52 -3.32
CA GLU A 45 9.63 1.63 -3.05
C GLU A 45 9.50 2.68 -4.16
N ARG A 46 9.40 2.21 -5.40
CA ARG A 46 9.23 3.09 -6.55
C ARG A 46 7.86 3.76 -6.49
N GLY A 47 6.89 3.03 -5.97
CA GLY A 47 5.55 3.53 -5.83
C GLY A 47 5.46 4.65 -4.81
N GLY A 48 6.33 4.61 -3.81
CA GLY A 48 6.33 5.63 -2.81
C GLY A 48 5.97 5.08 -1.45
N VAL A 49 6.01 3.77 -1.33
CA VAL A 49 5.70 3.10 -0.09
C VAL A 49 6.83 3.37 0.91
N ARG A 50 6.48 3.65 2.13
CA ARG A 50 7.45 3.95 3.17
C ARG A 50 7.09 3.22 4.41
N VAL A 51 8.09 2.84 5.09
CA VAL A 51 7.95 2.08 6.31
C VAL A 51 7.46 2.96 7.44
N GLY A 52 6.57 2.41 8.25
CA GLY A 52 6.01 3.16 9.35
C GLY A 52 4.78 3.88 8.91
N HIS A 53 4.33 3.56 7.72
CA HIS A 53 3.16 4.16 7.15
C HIS A 53 1.97 3.24 7.25
N ARG A 54 0.82 3.84 7.38
CA ARG A 54 -0.44 3.13 7.48
C ARG A 54 -1.17 3.28 6.17
N ILE A 55 -1.52 2.18 5.56
CA ILE A 55 -2.23 2.17 4.30
C ILE A 55 -3.68 2.57 4.57
N ILE A 56 -4.12 3.66 4.02
CA ILE A 56 -5.47 4.06 4.23
C ILE A 56 -6.37 3.82 3.02
N GLU A 57 -5.77 3.68 1.85
CA GLU A 57 -6.55 3.49 0.64
C GLU A 57 -5.72 2.70 -0.34
N ILE A 58 -6.39 1.88 -1.13
CA ILE A 58 -5.78 1.06 -2.16
C ILE A 58 -6.72 1.00 -3.35
N ASN A 59 -6.23 1.44 -4.50
CA ASN A 59 -6.92 1.34 -5.81
C ASN A 59 -8.22 2.16 -5.85
N GLY A 60 -8.45 2.93 -4.82
CA GLY A 60 -9.64 3.74 -4.76
C GLY A 60 -10.58 3.33 -3.65
N GLN A 61 -10.20 2.35 -2.85
CA GLN A 61 -11.03 1.95 -1.73
C GLN A 61 -10.29 2.18 -0.44
N SER A 62 -10.98 2.72 0.53
CA SER A 62 -10.40 3.00 1.81
C SER A 62 -10.25 1.69 2.56
N VAL A 63 -9.04 1.23 2.71
CA VAL A 63 -8.80 -0.04 3.31
C VAL A 63 -8.33 0.16 4.72
N VAL A 64 -8.48 1.37 5.18
CA VAL A 64 -8.09 1.76 6.50
C VAL A 64 -9.04 1.15 7.54
N ALA A 65 -10.16 0.66 7.04
CA ALA A 65 -11.16 0.04 7.84
C ALA A 65 -11.35 -1.40 7.38
N THR A 66 -10.42 -1.86 6.60
CA THR A 66 -10.41 -3.16 6.05
C THR A 66 -9.45 -4.01 6.86
N PRO A 67 -9.82 -5.25 7.23
CA PRO A 67 -8.94 -6.14 7.99
C PRO A 67 -7.71 -6.54 7.18
N HIS A 68 -6.65 -6.91 7.89
CA HIS A 68 -5.36 -7.35 7.33
C HIS A 68 -5.51 -8.30 6.16
N GLU A 69 -6.28 -9.34 6.35
CA GLU A 69 -6.46 -10.38 5.36
C GLU A 69 -7.01 -9.81 4.07
N LYS A 70 -7.97 -8.93 4.20
CA LYS A 70 -8.57 -8.28 3.07
C LYS A 70 -7.57 -7.38 2.40
N ILE A 71 -6.96 -6.49 3.15
CA ILE A 71 -5.93 -5.58 2.62
C ILE A 71 -4.85 -6.37 1.84
N VAL A 72 -4.46 -7.51 2.39
CA VAL A 72 -3.48 -8.37 1.76
C VAL A 72 -4.05 -9.03 0.50
N HIS A 73 -5.32 -9.41 0.55
CA HIS A 73 -5.99 -10.09 -0.56
C HIS A 73 -6.17 -9.12 -1.72
N ILE A 74 -6.52 -7.87 -1.40
CA ILE A 74 -6.66 -6.83 -2.40
C ILE A 74 -5.29 -6.60 -3.08
N LEU A 75 -4.24 -6.35 -2.28
CA LEU A 75 -2.90 -6.11 -2.82
C LEU A 75 -2.39 -7.31 -3.60
N SER A 76 -2.78 -8.48 -3.17
CA SER A 76 -2.43 -9.72 -3.82
C SER A 76 -2.98 -9.79 -5.24
N ASN A 77 -4.18 -9.28 -5.45
CA ASN A 77 -4.85 -9.47 -6.75
C ASN A 77 -4.96 -8.20 -7.59
N ALA A 78 -4.63 -7.07 -7.02
CA ALA A 78 -4.72 -5.82 -7.73
C ALA A 78 -3.41 -5.53 -8.45
N VAL A 79 -3.49 -5.21 -9.73
CA VAL A 79 -2.30 -4.85 -10.51
C VAL A 79 -2.57 -3.51 -11.24
N GLY A 80 -1.59 -2.98 -11.95
CA GLY A 80 -1.77 -1.73 -12.67
C GLY A 80 -1.42 -0.56 -11.82
N GLU A 81 -1.89 0.62 -12.22
CA GLU A 81 -1.74 1.85 -11.48
C GLU A 81 -2.70 1.84 -10.30
N ILE A 82 -2.14 1.69 -9.14
CA ILE A 82 -2.90 1.55 -7.93
C ILE A 82 -2.63 2.72 -7.01
N HIS A 83 -3.66 3.48 -6.73
CA HIS A 83 -3.56 4.64 -5.83
C HIS A 83 -3.69 4.16 -4.43
N MET A 84 -2.69 4.33 -3.70
CA MET A 84 -2.69 4.02 -2.34
C MET A 84 -2.44 5.27 -1.56
N LYS A 85 -3.02 5.39 -0.42
CA LYS A 85 -2.78 6.53 0.40
C LYS A 85 -2.18 6.01 1.65
N THR A 86 -1.05 6.50 1.98
CA THR A 86 -0.42 6.07 3.18
C THR A 86 -0.24 7.25 4.12
N MET A 87 -0.46 7.05 5.38
CA MET A 87 -0.28 8.09 6.36
C MET A 87 0.87 7.68 7.22
N PRO A 88 1.44 8.56 8.06
CA PRO A 88 2.56 8.21 8.96
C PRO A 88 2.10 7.35 10.15
N ALA A 89 1.08 6.54 9.91
CA ALA A 89 0.46 5.68 10.90
C ALA A 89 -0.02 6.47 12.09
N ALA A 90 -0.84 7.40 11.79
CA ALA A 90 -1.48 8.23 12.75
C ALA A 90 -2.95 8.27 12.42
N GLU A 7 -3.83 17.42 0.29
CA GLU A 7 -4.56 17.01 1.48
C GLU A 7 -5.67 16.06 1.10
N THR A 8 -5.59 14.83 1.58
CA THR A 8 -6.66 13.88 1.35
C THR A 8 -7.55 13.76 2.63
N MET A 9 -6.96 14.07 3.77
CA MET A 9 -7.64 13.99 5.07
C MET A 9 -6.71 14.58 6.12
N GLY A 10 -5.49 14.16 6.03
CA GLY A 10 -4.45 14.67 6.87
C GLY A 10 -3.19 14.69 6.09
N ASN A 11 -2.15 14.20 6.67
CA ASN A 11 -0.87 14.10 6.01
C ASN A 11 -0.84 12.79 5.30
N VAL A 12 -1.28 12.83 4.09
CA VAL A 12 -1.47 11.71 3.29
C VAL A 12 -0.53 11.77 2.14
N THR A 13 0.16 10.75 2.01
CA THR A 13 1.12 10.57 1.02
C THR A 13 0.67 9.42 0.16
N THR A 14 0.37 9.72 -1.05
CA THR A 14 -0.14 8.78 -1.96
C THR A 14 1.00 7.99 -2.58
N VAL A 15 0.77 6.75 -2.69
CA VAL A 15 1.68 5.84 -3.28
C VAL A 15 1.07 5.27 -4.52
N LEU A 16 1.85 5.13 -5.52
CA LEU A 16 1.38 4.53 -6.70
C LEU A 16 2.26 3.38 -7.07
N ILE A 17 1.71 2.22 -7.07
CA ILE A 17 2.42 1.03 -7.39
C ILE A 17 2.14 0.69 -8.85
N ARG A 18 3.15 0.22 -9.55
CA ARG A 18 2.97 -0.21 -10.93
C ARG A 18 3.19 -1.68 -10.97
N ARG A 19 2.14 -2.39 -11.06
CA ARG A 19 2.20 -3.81 -11.09
C ARG A 19 1.78 -4.36 -12.46
N PRO A 20 2.74 -4.75 -13.31
CA PRO A 20 2.44 -5.30 -14.65
C PRO A 20 1.54 -6.56 -14.63
N ASP A 21 1.69 -7.40 -13.60
CA ASP A 21 0.90 -8.63 -13.45
C ASP A 21 1.14 -9.19 -12.05
N LEU A 22 0.43 -10.26 -11.70
CA LEU A 22 0.47 -10.81 -10.35
C LEU A 22 1.80 -11.38 -9.94
N ARG A 23 2.65 -11.66 -10.89
CA ARG A 23 3.98 -12.17 -10.61
C ARG A 23 4.91 -11.09 -10.07
N TYR A 24 4.48 -9.86 -10.18
CA TYR A 24 5.21 -8.77 -9.61
C TYR A 24 4.54 -8.44 -8.31
N GLN A 25 5.02 -8.96 -7.22
CA GLN A 25 4.38 -8.69 -5.97
C GLN A 25 4.87 -7.39 -5.40
N LEU A 26 3.99 -6.76 -4.61
CA LEU A 26 4.15 -5.41 -4.04
C LEU A 26 5.58 -5.18 -3.54
N GLY A 27 6.00 -5.96 -2.59
CA GLY A 27 7.35 -5.85 -2.12
C GLY A 27 7.44 -5.27 -0.73
N PHE A 28 6.32 -4.90 -0.17
CA PHE A 28 6.32 -4.38 1.17
C PHE A 28 5.50 -5.28 2.06
N SER A 29 5.76 -5.23 3.33
CA SER A 29 5.05 -6.02 4.30
C SER A 29 4.19 -5.07 5.11
N VAL A 30 2.92 -5.40 5.28
CA VAL A 30 2.05 -4.53 5.98
C VAL A 30 1.42 -5.27 7.16
N GLN A 31 1.38 -4.64 8.29
CA GLN A 31 0.73 -5.20 9.43
C GLN A 31 -0.27 -4.24 9.99
N ASN A 32 -1.52 -4.68 10.03
CA ASN A 32 -2.69 -3.89 10.49
C ASN A 32 -2.94 -2.69 9.55
N GLY A 33 -2.29 -2.72 8.40
CA GLY A 33 -2.40 -1.63 7.47
C GLY A 33 -1.18 -0.73 7.52
N ILE A 34 -0.25 -1.03 8.41
CA ILE A 34 0.94 -0.22 8.56
C ILE A 34 2.15 -0.96 8.00
N ILE A 35 2.79 -0.33 7.05
CA ILE A 35 3.97 -0.82 6.38
C ILE A 35 5.10 -1.02 7.38
N CYS A 36 5.53 -2.25 7.52
CA CYS A 36 6.51 -2.62 8.51
C CYS A 36 7.89 -2.71 7.88
N SER A 37 7.97 -3.32 6.70
CA SER A 37 9.23 -3.47 6.00
C SER A 37 9.00 -3.30 4.50
N LEU A 38 10.05 -2.92 3.79
CA LEU A 38 9.99 -2.66 2.36
C LEU A 38 11.15 -3.36 1.65
N MET A 39 10.92 -3.83 0.43
CA MET A 39 11.99 -4.38 -0.39
C MET A 39 12.58 -3.24 -1.21
N ARG A 40 13.80 -2.90 -0.92
CA ARG A 40 14.42 -1.75 -1.49
C ARG A 40 14.81 -2.00 -2.92
N GLY A 41 14.31 -1.17 -3.78
CA GLY A 41 14.61 -1.26 -5.18
C GLY A 41 13.45 -1.85 -5.95
N GLY A 42 12.54 -2.46 -5.22
CA GLY A 42 11.40 -3.09 -5.82
C GLY A 42 10.33 -2.10 -6.16
N ILE A 43 9.25 -2.58 -6.77
CA ILE A 43 8.14 -1.75 -7.20
C ILE A 43 7.57 -0.87 -6.09
N ALA A 44 7.51 -1.39 -4.89
CA ALA A 44 6.98 -0.64 -3.78
C ALA A 44 7.83 0.59 -3.45
N GLU A 45 9.15 0.45 -3.53
CA GLU A 45 10.08 1.55 -3.26
C GLU A 45 9.87 2.65 -4.30
N ARG A 46 9.79 2.24 -5.55
CA ARG A 46 9.62 3.19 -6.65
C ARG A 46 8.18 3.69 -6.72
N GLY A 47 7.30 2.95 -6.06
CA GLY A 47 5.93 3.32 -5.94
C GLY A 47 5.76 4.46 -4.97
N GLY A 48 6.66 4.53 -4.00
CA GLY A 48 6.63 5.57 -3.03
C GLY A 48 6.26 5.07 -1.65
N VAL A 49 6.26 3.75 -1.50
CA VAL A 49 5.92 3.11 -0.25
C VAL A 49 6.99 3.42 0.79
N ARG A 50 6.56 3.77 1.97
CA ARG A 50 7.45 4.12 3.04
C ARG A 50 7.08 3.40 4.28
N VAL A 51 8.07 3.02 4.99
CA VAL A 51 7.93 2.23 6.19
C VAL A 51 7.51 3.11 7.35
N GLY A 52 6.58 2.62 8.14
CA GLY A 52 6.04 3.42 9.23
C GLY A 52 4.86 4.20 8.75
N HIS A 53 4.26 3.72 7.70
CA HIS A 53 3.12 4.35 7.10
C HIS A 53 1.89 3.48 7.18
N ARG A 54 0.79 4.10 7.54
CA ARG A 54 -0.50 3.42 7.59
C ARG A 54 -1.17 3.64 6.26
N ILE A 55 -1.51 2.59 5.60
CA ILE A 55 -2.25 2.69 4.38
C ILE A 55 -3.70 2.89 4.71
N ILE A 56 -4.27 3.89 4.13
CA ILE A 56 -5.64 4.18 4.35
C ILE A 56 -6.49 3.84 3.17
N GLU A 57 -5.88 3.66 2.02
CA GLU A 57 -6.65 3.42 0.82
C GLU A 57 -5.82 2.68 -0.15
N ILE A 58 -6.45 1.80 -0.89
CA ILE A 58 -5.83 1.04 -1.95
C ILE A 58 -6.80 0.98 -3.09
N ASN A 59 -6.37 1.38 -4.26
CA ASN A 59 -7.14 1.27 -5.54
C ASN A 59 -8.44 2.12 -5.52
N GLY A 60 -8.61 2.92 -4.49
CA GLY A 60 -9.79 3.73 -4.36
C GLY A 60 -10.64 3.35 -3.19
N GLN A 61 -10.32 2.24 -2.57
CA GLN A 61 -11.10 1.78 -1.45
C GLN A 61 -10.34 1.94 -0.15
N SER A 62 -10.98 2.61 0.79
CA SER A 62 -10.43 2.83 2.10
C SER A 62 -10.32 1.48 2.79
N VAL A 63 -9.10 1.06 3.04
CA VAL A 63 -8.84 -0.22 3.63
C VAL A 63 -8.33 -0.04 5.05
N VAL A 64 -8.48 1.15 5.55
CA VAL A 64 -7.93 1.53 6.84
C VAL A 64 -8.61 0.80 8.01
N ALA A 65 -9.78 0.25 7.77
CA ALA A 65 -10.51 -0.51 8.76
C ALA A 65 -10.93 -1.84 8.16
N THR A 66 -10.28 -2.19 7.08
CA THR A 66 -10.52 -3.39 6.37
C THR A 66 -9.72 -4.52 7.03
N PRO A 67 -10.30 -5.75 7.13
CA PRO A 67 -9.61 -6.92 7.70
C PRO A 67 -8.20 -7.10 7.11
N HIS A 68 -7.28 -7.54 7.96
CA HIS A 68 -5.88 -7.76 7.63
C HIS A 68 -5.73 -8.59 6.36
N GLU A 69 -6.42 -9.72 6.32
CA GLU A 69 -6.31 -10.63 5.20
C GLU A 69 -6.92 -10.01 3.98
N LYS A 70 -7.96 -9.18 4.17
CA LYS A 70 -8.55 -8.48 3.06
C LYS A 70 -7.56 -7.56 2.44
N ILE A 71 -6.99 -6.71 3.24
CA ILE A 71 -5.99 -5.74 2.80
C ILE A 71 -4.91 -6.43 1.95
N VAL A 72 -4.48 -7.60 2.41
CA VAL A 72 -3.47 -8.36 1.68
C VAL A 72 -4.09 -8.98 0.41
N HIS A 73 -5.34 -9.43 0.50
CA HIS A 73 -6.06 -10.06 -0.61
C HIS A 73 -6.26 -9.05 -1.72
N ILE A 74 -6.67 -7.84 -1.35
CA ILE A 74 -6.88 -6.77 -2.28
C ILE A 74 -5.55 -6.45 -2.99
N LEU A 75 -4.48 -6.28 -2.21
CA LEU A 75 -3.15 -5.98 -2.77
C LEU A 75 -2.63 -7.09 -3.66
N SER A 76 -2.78 -8.31 -3.20
CA SER A 76 -2.30 -9.49 -3.89
C SER A 76 -3.00 -9.67 -5.26
N ASN A 77 -4.22 -9.18 -5.40
CA ASN A 77 -4.97 -9.40 -6.64
C ASN A 77 -5.00 -8.18 -7.55
N ALA A 78 -4.61 -7.04 -7.05
CA ALA A 78 -4.66 -5.83 -7.83
C ALA A 78 -3.37 -5.61 -8.59
N VAL A 79 -3.48 -5.26 -9.87
CA VAL A 79 -2.31 -4.95 -10.69
C VAL A 79 -2.52 -3.57 -11.39
N GLY A 80 -1.53 -3.11 -12.09
CA GLY A 80 -1.59 -1.84 -12.76
C GLY A 80 -1.09 -0.75 -11.87
N GLU A 81 -1.46 0.45 -12.18
CA GLU A 81 -1.18 1.57 -11.35
C GLU A 81 -2.18 1.59 -10.22
N ILE A 82 -1.68 1.39 -9.04
CA ILE A 82 -2.50 1.23 -7.87
C ILE A 82 -2.24 2.37 -6.91
N HIS A 83 -3.27 3.14 -6.62
CA HIS A 83 -3.16 4.23 -5.67
C HIS A 83 -3.27 3.67 -4.30
N MET A 84 -2.45 4.12 -3.45
CA MET A 84 -2.60 3.85 -2.08
C MET A 84 -2.40 5.14 -1.37
N LYS A 85 -3.02 5.29 -0.28
CA LYS A 85 -2.87 6.49 0.47
C LYS A 85 -2.27 6.11 1.75
N THR A 86 -1.18 6.66 2.05
CA THR A 86 -0.51 6.31 3.26
C THR A 86 -0.28 7.55 4.11
N MET A 87 -0.34 7.38 5.39
CA MET A 87 -0.06 8.47 6.33
C MET A 87 1.10 8.02 7.17
N PRO A 88 1.76 8.89 7.98
CA PRO A 88 2.89 8.48 8.90
C PRO A 88 2.41 7.59 10.07
N ALA A 89 1.40 6.79 9.79
CA ALA A 89 0.79 5.82 10.67
C ALA A 89 0.07 6.44 11.83
N ALA A 90 -0.40 7.64 11.63
CA ALA A 90 -1.22 8.31 12.58
C ALA A 90 -2.53 7.55 12.68
N GLU A 7 -13.74 10.63 7.34
CA GLU A 7 -12.61 10.86 6.44
C GLU A 7 -11.52 11.59 7.18
N THR A 8 -10.30 11.21 6.94
CA THR A 8 -9.19 11.83 7.58
C THR A 8 -8.55 12.87 6.64
N MET A 9 -7.63 13.65 7.15
CA MET A 9 -7.01 14.71 6.42
C MET A 9 -5.73 15.10 7.16
N GLY A 10 -4.79 15.69 6.46
CA GLY A 10 -3.58 16.12 7.08
C GLY A 10 -2.36 15.51 6.45
N ASN A 11 -1.89 14.43 7.01
CA ASN A 11 -0.70 13.77 6.51
C ASN A 11 -1.07 12.54 5.75
N VAL A 12 -1.04 12.67 4.45
CA VAL A 12 -1.35 11.60 3.57
C VAL A 12 -0.39 11.67 2.43
N THR A 13 0.19 10.58 2.18
CA THR A 13 1.11 10.39 1.15
C THR A 13 0.54 9.34 0.23
N THR A 14 0.12 9.76 -0.90
CA THR A 14 -0.43 8.90 -1.86
C THR A 14 0.71 8.16 -2.58
N VAL A 15 0.54 6.89 -2.73
CA VAL A 15 1.50 6.04 -3.32
C VAL A 15 0.95 5.46 -4.57
N LEU A 16 1.73 5.44 -5.59
CA LEU A 16 1.33 4.81 -6.78
C LEU A 16 2.27 3.69 -7.07
N ILE A 17 1.79 2.50 -6.95
CA ILE A 17 2.58 1.34 -7.19
C ILE A 17 2.25 0.88 -8.61
N ARG A 18 3.25 0.49 -9.34
CA ARG A 18 3.08 -0.02 -10.69
C ARG A 18 3.33 -1.49 -10.69
N ARG A 19 2.27 -2.24 -10.75
CA ARG A 19 2.36 -3.66 -10.70
C ARG A 19 2.03 -4.27 -12.06
N PRO A 20 3.00 -4.87 -12.74
CA PRO A 20 2.77 -5.49 -14.07
C PRO A 20 1.71 -6.62 -14.06
N ASP A 21 1.77 -7.49 -13.06
CA ASP A 21 0.87 -8.65 -12.97
C ASP A 21 1.04 -9.21 -11.55
N LEU A 22 0.36 -10.29 -11.26
CA LEU A 22 0.41 -10.99 -9.99
C LEU A 22 1.68 -11.78 -9.86
N ARG A 23 2.38 -11.87 -10.99
CA ARG A 23 3.67 -12.54 -11.10
C ARG A 23 4.70 -11.71 -10.33
N TYR A 24 4.35 -10.46 -10.11
CA TYR A 24 5.11 -9.53 -9.36
C TYR A 24 4.30 -9.24 -8.16
N GLN A 25 4.89 -8.79 -7.13
CA GLN A 25 4.16 -8.40 -5.98
C GLN A 25 4.43 -6.97 -5.68
N LEU A 26 4.03 -6.51 -4.55
CA LEU A 26 4.17 -5.13 -4.19
C LEU A 26 5.63 -4.84 -3.84
N GLY A 27 6.13 -5.57 -2.87
CA GLY A 27 7.50 -5.38 -2.45
C GLY A 27 7.59 -4.74 -1.10
N PHE A 28 6.52 -4.85 -0.34
CA PHE A 28 6.52 -4.35 1.00
C PHE A 28 5.69 -5.28 1.87
N SER A 29 6.05 -5.38 3.10
CA SER A 29 5.36 -6.21 4.03
C SER A 29 4.44 -5.30 4.85
N VAL A 30 3.19 -5.68 4.99
CA VAL A 30 2.26 -4.84 5.69
C VAL A 30 1.63 -5.62 6.85
N GLN A 31 1.48 -4.98 7.97
CA GLN A 31 0.84 -5.57 9.12
C GLN A 31 -0.41 -4.79 9.46
N ASN A 32 -1.56 -5.36 9.15
CA ASN A 32 -2.89 -4.77 9.46
C ASN A 32 -3.07 -3.41 8.76
N GLY A 33 -2.32 -3.22 7.70
CA GLY A 33 -2.39 -1.98 6.96
C GLY A 33 -1.19 -1.10 7.19
N ILE A 34 -0.31 -1.50 8.08
CA ILE A 34 0.87 -0.69 8.36
C ILE A 34 2.10 -1.34 7.75
N ILE A 35 2.73 -0.63 6.88
CA ILE A 35 3.93 -1.06 6.21
C ILE A 35 5.04 -1.31 7.24
N CYS A 36 5.45 -2.55 7.34
CA CYS A 36 6.41 -3.00 8.31
C CYS A 36 7.81 -3.10 7.69
N SER A 37 7.87 -3.42 6.42
CA SER A 37 9.14 -3.58 5.73
C SER A 37 8.97 -3.22 4.25
N LEU A 38 10.04 -2.81 3.61
CA LEU A 38 10.04 -2.44 2.22
C LEU A 38 11.27 -3.04 1.54
N MET A 39 11.10 -3.55 0.34
CA MET A 39 12.19 -4.11 -0.41
C MET A 39 12.82 -3.03 -1.29
N ARG A 40 14.09 -2.77 -1.07
CA ARG A 40 14.83 -1.78 -1.81
C ARG A 40 15.02 -2.28 -3.24
N GLY A 41 14.72 -1.42 -4.18
CA GLY A 41 14.83 -1.75 -5.58
C GLY A 41 13.52 -2.30 -6.11
N GLY A 42 12.59 -2.55 -5.20
CA GLY A 42 11.32 -3.10 -5.56
C GLY A 42 10.34 -2.04 -6.00
N ILE A 43 9.30 -2.49 -6.67
CA ILE A 43 8.26 -1.61 -7.17
C ILE A 43 7.56 -0.79 -6.11
N ALA A 44 7.46 -1.33 -4.90
CA ALA A 44 6.84 -0.60 -3.80
C ALA A 44 7.66 0.62 -3.43
N GLU A 45 8.97 0.45 -3.39
CA GLU A 45 9.88 1.55 -3.07
C GLU A 45 9.75 2.59 -4.17
N ARG A 46 9.67 2.11 -5.40
CA ARG A 46 9.51 2.94 -6.58
C ARG A 46 8.09 3.52 -6.66
N GLY A 47 7.24 3.05 -5.79
CA GLY A 47 5.89 3.54 -5.73
C GLY A 47 5.76 4.67 -4.75
N GLY A 48 6.69 4.73 -3.81
CA GLY A 48 6.67 5.75 -2.81
C GLY A 48 6.27 5.21 -1.46
N VAL A 49 6.19 3.90 -1.36
CA VAL A 49 5.84 3.23 -0.13
C VAL A 49 6.94 3.46 0.91
N ARG A 50 6.54 3.75 2.13
CA ARG A 50 7.46 3.94 3.23
C ARG A 50 7.00 3.19 4.42
N VAL A 51 7.93 2.72 5.13
CA VAL A 51 7.71 1.91 6.29
C VAL A 51 7.30 2.80 7.44
N GLY A 52 6.35 2.32 8.21
CA GLY A 52 5.82 3.10 9.32
C GLY A 52 4.56 3.81 8.90
N HIS A 53 4.21 3.64 7.65
CA HIS A 53 3.03 4.22 7.10
C HIS A 53 1.89 3.25 7.14
N ARG A 54 0.73 3.76 7.44
CA ARG A 54 -0.46 2.98 7.38
C ARG A 54 -1.17 3.32 6.11
N ILE A 55 -1.56 2.34 5.41
CA ILE A 55 -2.31 2.52 4.22
C ILE A 55 -3.77 2.70 4.57
N ILE A 56 -4.34 3.75 4.07
CA ILE A 56 -5.71 4.03 4.30
C ILE A 56 -6.57 3.73 3.09
N GLU A 57 -5.94 3.57 1.95
CA GLU A 57 -6.71 3.39 0.72
C GLU A 57 -5.88 2.66 -0.27
N ILE A 58 -6.51 1.82 -1.05
CA ILE A 58 -5.86 1.07 -2.09
C ILE A 58 -6.78 1.02 -3.28
N ASN A 59 -6.32 1.51 -4.41
CA ASN A 59 -7.01 1.39 -5.72
C ASN A 59 -8.30 2.23 -5.76
N GLY A 60 -8.52 3.02 -4.73
CA GLY A 60 -9.71 3.82 -4.65
C GLY A 60 -10.67 3.31 -3.59
N GLN A 61 -10.27 2.28 -2.88
CA GLN A 61 -11.08 1.76 -1.82
C GLN A 61 -10.38 1.96 -0.51
N SER A 62 -11.07 2.61 0.40
CA SER A 62 -10.59 2.81 1.73
C SER A 62 -10.43 1.46 2.39
N VAL A 63 -9.23 1.13 2.77
CA VAL A 63 -8.94 -0.11 3.41
C VAL A 63 -8.50 0.16 4.83
N VAL A 64 -8.74 1.38 5.26
CA VAL A 64 -8.30 1.82 6.56
C VAL A 64 -9.09 1.15 7.68
N ALA A 65 -10.26 0.65 7.36
CA ALA A 65 -11.08 -0.05 8.32
C ALA A 65 -11.21 -1.52 7.92
N THR A 66 -10.42 -1.90 6.94
CA THR A 66 -10.41 -3.20 6.42
C THR A 66 -9.43 -4.06 7.27
N PRO A 67 -9.79 -5.31 7.58
CA PRO A 67 -8.94 -6.21 8.35
C PRO A 67 -7.66 -6.61 7.58
N HIS A 68 -6.65 -7.03 8.35
CA HIS A 68 -5.30 -7.35 7.87
C HIS A 68 -5.27 -8.27 6.66
N GLU A 69 -6.00 -9.37 6.71
CA GLU A 69 -5.96 -10.35 5.67
C GLU A 69 -6.60 -9.81 4.41
N LYS A 70 -7.68 -9.04 4.58
CA LYS A 70 -8.34 -8.43 3.46
C LYS A 70 -7.42 -7.50 2.77
N ILE A 71 -6.78 -6.62 3.53
CA ILE A 71 -5.85 -5.63 3.00
C ILE A 71 -4.77 -6.32 2.17
N VAL A 72 -4.28 -7.43 2.68
CA VAL A 72 -3.27 -8.21 1.97
C VAL A 72 -3.88 -8.87 0.73
N HIS A 73 -5.14 -9.30 0.84
CA HIS A 73 -5.81 -10.01 -0.25
C HIS A 73 -6.07 -9.05 -1.40
N ILE A 74 -6.49 -7.87 -1.05
CA ILE A 74 -6.78 -6.82 -1.98
C ILE A 74 -5.51 -6.41 -2.70
N LEU A 75 -4.43 -6.21 -1.94
CA LEU A 75 -3.13 -5.90 -2.53
C LEU A 75 -2.64 -7.01 -3.44
N SER A 76 -2.75 -8.22 -2.95
CA SER A 76 -2.31 -9.40 -3.66
C SER A 76 -3.08 -9.60 -4.98
N ASN A 77 -4.30 -9.11 -5.05
CA ASN A 77 -5.12 -9.31 -6.25
C ASN A 77 -5.24 -8.06 -7.11
N ALA A 78 -4.60 -6.98 -6.71
CA ALA A 78 -4.64 -5.76 -7.51
C ALA A 78 -3.31 -5.52 -8.21
N VAL A 79 -3.37 -5.18 -9.49
CA VAL A 79 -2.16 -4.88 -10.26
C VAL A 79 -2.34 -3.53 -10.98
N GLY A 80 -1.38 -3.13 -11.77
CA GLY A 80 -1.46 -1.91 -12.52
C GLY A 80 -1.02 -0.74 -11.73
N GLU A 81 -1.46 0.41 -12.12
CA GLU A 81 -1.21 1.61 -11.37
C GLU A 81 -2.21 1.67 -10.23
N ILE A 82 -1.70 1.56 -9.04
CA ILE A 82 -2.54 1.46 -7.86
C ILE A 82 -2.28 2.65 -6.98
N HIS A 83 -3.30 3.44 -6.77
CA HIS A 83 -3.19 4.60 -5.91
C HIS A 83 -3.55 4.18 -4.52
N MET A 84 -2.63 4.31 -3.64
CA MET A 84 -2.87 4.03 -2.26
C MET A 84 -2.67 5.30 -1.50
N LYS A 85 -3.22 5.38 -0.34
CA LYS A 85 -3.04 6.56 0.45
C LYS A 85 -2.50 6.14 1.74
N THR A 86 -1.37 6.65 2.08
CA THR A 86 -0.71 6.23 3.27
C THR A 86 -0.52 7.40 4.23
N MET A 87 -0.51 7.13 5.52
CA MET A 87 -0.35 8.16 6.53
C MET A 87 0.74 7.67 7.46
N PRO A 88 1.29 8.49 8.38
CA PRO A 88 2.29 8.03 9.39
C PRO A 88 1.66 7.10 10.49
N ALA A 89 0.59 6.39 10.09
CA ALA A 89 -0.18 5.43 10.91
C ALA A 89 -1.02 6.13 11.98
N ALA A 90 -0.89 7.42 12.04
CA ALA A 90 -1.62 8.25 12.94
C ALA A 90 -1.81 9.60 12.29
N GLU A 7 -12.89 10.31 2.93
CA GLU A 7 -11.47 10.48 2.64
C GLU A 7 -10.73 10.86 3.90
N THR A 8 -9.50 10.50 3.96
CA THR A 8 -8.68 10.85 5.06
C THR A 8 -8.00 12.18 4.77
N MET A 9 -8.17 13.12 5.67
CA MET A 9 -7.59 14.43 5.55
C MET A 9 -6.61 14.64 6.66
N GLY A 10 -5.40 14.97 6.32
CA GLY A 10 -4.38 15.20 7.29
C GLY A 10 -3.03 15.10 6.67
N ASN A 11 -2.27 14.13 7.10
CA ASN A 11 -0.95 13.91 6.55
C ASN A 11 -1.01 12.63 5.75
N VAL A 12 -1.01 12.76 4.46
CA VAL A 12 -1.18 11.67 3.55
C VAL A 12 -0.13 11.77 2.47
N THR A 13 0.44 10.68 2.21
CA THR A 13 1.39 10.48 1.22
C THR A 13 0.84 9.41 0.30
N THR A 14 0.68 9.76 -0.91
CA THR A 14 0.10 8.89 -1.86
C THR A 14 1.17 8.06 -2.54
N VAL A 15 0.83 6.86 -2.76
CA VAL A 15 1.66 5.90 -3.37
C VAL A 15 1.01 5.44 -4.61
N LEU A 16 1.78 5.35 -5.62
CA LEU A 16 1.29 4.78 -6.79
C LEU A 16 2.10 3.57 -7.12
N ILE A 17 1.49 2.47 -6.98
CA ILE A 17 2.08 1.24 -7.29
C ILE A 17 1.61 0.88 -8.65
N ARG A 18 2.54 0.61 -9.51
CA ARG A 18 2.21 0.13 -10.78
C ARG A 18 2.70 -1.24 -10.89
N ARG A 19 1.77 -2.11 -10.76
CA ARG A 19 2.01 -3.50 -10.72
C ARG A 19 1.77 -4.13 -12.08
N PRO A 20 2.84 -4.64 -12.74
CA PRO A 20 2.75 -5.27 -14.05
C PRO A 20 1.80 -6.48 -14.09
N ASP A 21 1.81 -7.30 -13.05
CA ASP A 21 0.98 -8.51 -13.02
C ASP A 21 0.93 -9.07 -11.59
N LEU A 22 0.23 -10.17 -11.41
CA LEU A 22 0.03 -10.81 -10.13
C LEU A 22 1.26 -11.52 -9.68
N ARG A 23 2.14 -11.77 -10.59
CA ARG A 23 3.42 -12.39 -10.30
C ARG A 23 4.39 -11.34 -9.79
N TYR A 24 4.01 -10.09 -9.94
CA TYR A 24 4.82 -8.99 -9.48
C TYR A 24 4.30 -8.51 -8.17
N GLN A 25 4.80 -9.08 -7.11
CA GLN A 25 4.36 -8.73 -5.78
C GLN A 25 4.89 -7.36 -5.38
N LEU A 26 4.33 -6.83 -4.33
CA LEU A 26 4.56 -5.45 -3.93
C LEU A 26 5.97 -5.24 -3.43
N GLY A 27 6.33 -5.97 -2.41
CA GLY A 27 7.63 -5.84 -1.85
C GLY A 27 7.62 -5.05 -0.57
N PHE A 28 6.60 -5.24 0.24
CA PHE A 28 6.55 -4.62 1.55
C PHE A 28 5.68 -5.49 2.45
N SER A 29 5.93 -5.41 3.71
CA SER A 29 5.18 -6.16 4.69
C SER A 29 4.30 -5.20 5.48
N VAL A 30 3.03 -5.52 5.62
CA VAL A 30 2.12 -4.60 6.27
C VAL A 30 1.50 -5.25 7.55
N GLN A 31 1.49 -4.52 8.64
CA GLN A 31 0.88 -4.97 9.88
C GLN A 31 -0.34 -4.11 10.19
N ASN A 32 -1.53 -4.73 10.11
CA ASN A 32 -2.86 -4.08 10.31
C ASN A 32 -3.10 -2.94 9.32
N GLY A 33 -2.27 -2.86 8.30
CA GLY A 33 -2.37 -1.77 7.35
C GLY A 33 -1.21 -0.82 7.47
N ILE A 34 -0.29 -1.10 8.39
CA ILE A 34 0.88 -0.27 8.60
C ILE A 34 2.13 -0.98 8.08
N ILE A 35 2.76 -0.38 7.11
CA ILE A 35 3.98 -0.90 6.50
C ILE A 35 5.09 -1.05 7.55
N CYS A 36 5.60 -2.25 7.68
CA CYS A 36 6.60 -2.55 8.69
C CYS A 36 8.00 -2.65 8.06
N SER A 37 8.06 -3.10 6.82
CA SER A 37 9.32 -3.20 6.12
C SER A 37 9.09 -3.04 4.62
N LEU A 38 10.14 -2.72 3.90
CA LEU A 38 10.07 -2.46 2.48
C LEU A 38 11.25 -3.12 1.78
N MET A 39 10.97 -3.88 0.74
CA MET A 39 11.98 -4.54 -0.06
C MET A 39 12.67 -3.54 -0.97
N ARG A 40 13.92 -3.31 -0.68
CA ARG A 40 14.78 -2.40 -1.41
C ARG A 40 14.80 -2.74 -2.89
N GLY A 41 14.48 -1.77 -3.70
CA GLY A 41 14.51 -1.92 -5.14
C GLY A 41 13.21 -2.42 -5.71
N GLY A 42 12.27 -2.80 -4.84
CA GLY A 42 11.01 -3.36 -5.29
C GLY A 42 10.05 -2.30 -5.78
N ILE A 43 8.95 -2.74 -6.37
CA ILE A 43 7.94 -1.81 -6.89
C ILE A 43 7.34 -0.96 -5.80
N ALA A 44 7.21 -1.51 -4.61
CA ALA A 44 6.68 -0.77 -3.48
C ALA A 44 7.49 0.50 -3.23
N GLU A 45 8.80 0.34 -3.23
CA GLU A 45 9.71 1.45 -3.03
C GLU A 45 9.55 2.47 -4.16
N ARG A 46 9.54 1.95 -5.37
CA ARG A 46 9.42 2.78 -6.57
C ARG A 46 8.02 3.42 -6.68
N GLY A 47 7.08 2.85 -5.95
CA GLY A 47 5.74 3.37 -5.87
C GLY A 47 5.62 4.50 -4.86
N GLY A 48 6.51 4.51 -3.89
CA GLY A 48 6.50 5.54 -2.89
C GLY A 48 6.13 5.02 -1.52
N VAL A 49 6.13 3.70 -1.38
CA VAL A 49 5.80 3.04 -0.13
C VAL A 49 6.91 3.32 0.88
N ARG A 50 6.54 3.62 2.09
CA ARG A 50 7.50 3.91 3.14
C ARG A 50 7.09 3.20 4.36
N VAL A 51 8.05 2.87 5.12
CA VAL A 51 7.86 2.14 6.33
C VAL A 51 7.37 3.07 7.43
N GLY A 52 6.46 2.57 8.25
CA GLY A 52 5.88 3.39 9.28
C GLY A 52 4.75 4.18 8.71
N HIS A 53 4.16 3.65 7.67
CA HIS A 53 3.05 4.27 7.01
C HIS A 53 1.83 3.41 7.09
N ARG A 54 0.73 4.00 7.45
CA ARG A 54 -0.52 3.31 7.50
C ARG A 54 -1.23 3.56 6.22
N ILE A 55 -1.54 2.52 5.52
CA ILE A 55 -2.26 2.62 4.30
C ILE A 55 -3.71 2.90 4.58
N ILE A 56 -4.19 3.98 4.06
CA ILE A 56 -5.52 4.37 4.28
C ILE A 56 -6.43 4.13 3.09
N GLU A 57 -5.85 3.71 1.95
CA GLU A 57 -6.65 3.47 0.74
C GLU A 57 -5.83 2.76 -0.29
N ILE A 58 -6.47 1.86 -1.02
CA ILE A 58 -5.87 1.09 -2.08
C ILE A 58 -6.85 1.01 -3.23
N ASN A 59 -6.42 1.43 -4.40
CA ASN A 59 -7.17 1.29 -5.68
C ASN A 59 -8.47 2.14 -5.70
N GLY A 60 -8.69 2.90 -4.65
CA GLY A 60 -9.89 3.71 -4.56
C GLY A 60 -10.78 3.27 -3.42
N GLN A 61 -10.38 2.24 -2.69
CA GLN A 61 -11.11 1.79 -1.54
C GLN A 61 -10.30 1.98 -0.29
N SER A 62 -10.88 2.67 0.66
CA SER A 62 -10.23 2.96 1.90
C SER A 62 -10.11 1.66 2.71
N VAL A 63 -8.90 1.16 2.84
CA VAL A 63 -8.65 -0.12 3.44
C VAL A 63 -8.15 0.04 4.85
N VAL A 64 -8.40 1.20 5.37
CA VAL A 64 -7.96 1.55 6.69
C VAL A 64 -8.85 0.84 7.74
N ALA A 65 -9.92 0.24 7.26
CA ALA A 65 -10.85 -0.50 8.05
C ALA A 65 -10.99 -1.88 7.43
N THR A 66 -9.98 -2.26 6.71
CA THR A 66 -9.89 -3.52 6.07
C THR A 66 -8.81 -4.32 6.83
N PRO A 67 -9.11 -5.56 7.22
CA PRO A 67 -8.13 -6.41 7.92
C PRO A 67 -6.92 -6.79 7.05
N HIS A 68 -5.81 -7.15 7.71
CA HIS A 68 -4.53 -7.52 7.09
C HIS A 68 -4.69 -8.42 5.87
N GLU A 69 -5.35 -9.55 6.06
CA GLU A 69 -5.43 -10.52 5.01
C GLU A 69 -6.21 -10.00 3.83
N LYS A 70 -7.26 -9.24 4.10
CA LYS A 70 -7.98 -8.61 3.05
C LYS A 70 -7.09 -7.67 2.30
N ILE A 71 -6.44 -6.78 3.03
CA ILE A 71 -5.53 -5.79 2.45
C ILE A 71 -4.50 -6.47 1.54
N VAL A 72 -3.94 -7.55 2.03
CA VAL A 72 -2.95 -8.30 1.29
C VAL A 72 -3.59 -9.00 0.09
N HIS A 73 -4.83 -9.43 0.23
CA HIS A 73 -5.51 -10.18 -0.83
C HIS A 73 -5.85 -9.23 -1.95
N ILE A 74 -6.34 -8.07 -1.56
CA ILE A 74 -6.71 -7.01 -2.44
C ILE A 74 -5.49 -6.56 -3.24
N LEU A 75 -4.39 -6.30 -2.54
CA LEU A 75 -3.14 -5.92 -3.19
C LEU A 75 -2.66 -6.99 -4.16
N SER A 76 -2.68 -8.23 -3.72
CA SER A 76 -2.25 -9.36 -4.52
C SER A 76 -3.11 -9.59 -5.78
N ASN A 77 -4.37 -9.14 -5.73
CA ASN A 77 -5.28 -9.31 -6.86
C ASN A 77 -5.32 -8.10 -7.77
N ALA A 78 -4.88 -6.96 -7.27
CA ALA A 78 -4.94 -5.72 -8.04
C ALA A 78 -3.61 -5.41 -8.69
N VAL A 79 -3.64 -5.05 -9.96
CA VAL A 79 -2.43 -4.67 -10.67
C VAL A 79 -2.71 -3.37 -11.47
N GLY A 80 -1.73 -2.87 -12.18
CA GLY A 80 -1.88 -1.65 -12.93
C GLY A 80 -1.57 -0.47 -12.07
N GLU A 81 -2.20 0.65 -12.34
CA GLU A 81 -2.02 1.84 -11.54
C GLU A 81 -2.86 1.72 -10.29
N ILE A 82 -2.22 1.65 -9.17
CA ILE A 82 -2.90 1.51 -7.92
C ILE A 82 -2.60 2.70 -7.06
N HIS A 83 -3.65 3.44 -6.73
CA HIS A 83 -3.51 4.61 -5.89
C HIS A 83 -3.69 4.16 -4.51
N MET A 84 -2.69 4.28 -3.78
CA MET A 84 -2.70 3.86 -2.47
C MET A 84 -2.36 5.07 -1.64
N LYS A 85 -3.00 5.28 -0.55
CA LYS A 85 -2.74 6.45 0.20
C LYS A 85 -2.32 6.05 1.53
N THR A 86 -1.27 6.63 1.96
CA THR A 86 -0.68 6.26 3.20
C THR A 86 -0.52 7.47 4.10
N MET A 87 -0.48 7.24 5.37
CA MET A 87 -0.23 8.28 6.34
C MET A 87 1.01 7.89 7.09
N PRO A 88 1.61 8.75 7.94
CA PRO A 88 2.79 8.40 8.77
C PRO A 88 2.38 7.52 9.96
N ALA A 89 1.32 6.74 9.75
CA ALA A 89 0.73 5.84 10.72
C ALA A 89 0.26 6.60 11.95
N ALA A 90 -0.16 7.84 11.70
CA ALA A 90 -0.67 8.71 12.74
C ALA A 90 -2.14 8.41 12.93
N GLU A 7 -10.83 13.46 -0.76
CA GLU A 7 -10.31 12.83 0.44
C GLU A 7 -9.08 13.57 0.87
N THR A 8 -8.42 13.07 1.88
CA THR A 8 -7.20 13.61 2.43
C THR A 8 -7.47 14.75 3.41
N MET A 9 -7.52 14.37 4.67
CA MET A 9 -7.59 15.28 5.78
C MET A 9 -6.67 14.80 6.85
N GLY A 10 -5.44 15.15 6.68
CA GLY A 10 -4.42 14.75 7.56
C GLY A 10 -3.13 14.77 6.84
N ASN A 11 -2.29 13.82 7.09
CA ASN A 11 -1.02 13.76 6.41
C ASN A 11 -1.03 12.54 5.52
N VAL A 12 -1.31 12.75 4.28
CA VAL A 12 -1.48 11.70 3.35
C VAL A 12 -0.49 11.81 2.25
N THR A 13 0.12 10.75 1.98
CA THR A 13 1.07 10.61 0.99
C THR A 13 0.64 9.44 0.13
N THR A 14 0.35 9.75 -1.07
CA THR A 14 -0.13 8.81 -1.99
C THR A 14 1.01 8.01 -2.56
N VAL A 15 0.76 6.78 -2.73
CA VAL A 15 1.66 5.87 -3.29
C VAL A 15 1.07 5.32 -4.54
N LEU A 16 1.86 5.18 -5.55
CA LEU A 16 1.39 4.58 -6.73
C LEU A 16 2.31 3.45 -7.08
N ILE A 17 1.86 2.28 -6.87
CA ILE A 17 2.65 1.13 -7.14
C ILE A 17 2.18 0.60 -8.47
N ARG A 18 3.09 0.25 -9.32
CA ARG A 18 2.73 -0.22 -10.62
C ARG A 18 3.09 -1.64 -10.82
N ARG A 19 2.08 -2.40 -11.04
CA ARG A 19 2.18 -3.82 -11.21
C ARG A 19 1.66 -4.23 -12.60
N PRO A 20 2.53 -4.72 -13.50
CA PRO A 20 2.12 -5.21 -14.83
C PRO A 20 1.15 -6.43 -14.75
N ASP A 21 1.31 -7.25 -13.70
CA ASP A 21 0.51 -8.46 -13.48
C ASP A 21 1.00 -9.08 -12.18
N LEU A 22 0.33 -10.11 -11.69
CA LEU A 22 0.63 -10.70 -10.37
C LEU A 22 2.01 -11.35 -10.23
N ARG A 23 2.72 -11.51 -11.31
CA ARG A 23 4.09 -12.05 -11.26
C ARG A 23 5.07 -11.00 -10.77
N TYR A 24 4.59 -9.79 -10.71
CA TYR A 24 5.31 -8.67 -10.19
C TYR A 24 4.70 -8.35 -8.87
N GLN A 25 5.30 -8.79 -7.80
CA GLN A 25 4.70 -8.52 -6.53
C GLN A 25 5.11 -7.19 -5.98
N LEU A 26 4.35 -6.76 -4.98
CA LEU A 26 4.46 -5.43 -4.38
C LEU A 26 5.89 -5.17 -3.92
N GLY A 27 6.34 -5.94 -2.97
CA GLY A 27 7.63 -5.72 -2.41
C GLY A 27 7.54 -5.01 -1.07
N PHE A 28 6.46 -5.23 -0.36
CA PHE A 28 6.30 -4.67 0.98
C PHE A 28 5.38 -5.57 1.78
N SER A 29 5.34 -5.37 3.06
CA SER A 29 4.51 -6.15 3.93
C SER A 29 3.71 -5.23 4.84
N VAL A 30 2.47 -5.56 5.09
CA VAL A 30 1.56 -4.71 5.82
C VAL A 30 0.83 -5.44 6.95
N GLN A 31 1.02 -4.94 8.14
CA GLN A 31 0.39 -5.46 9.32
C GLN A 31 -0.45 -4.36 9.94
N ASN A 32 -1.72 -4.66 10.22
CA ASN A 32 -2.73 -3.68 10.72
C ASN A 32 -3.04 -2.56 9.71
N GLY A 33 -2.37 -2.59 8.59
CA GLY A 33 -2.49 -1.56 7.62
C GLY A 33 -1.25 -0.71 7.59
N ILE A 34 -0.32 -1.01 8.48
CA ILE A 34 0.92 -0.30 8.55
C ILE A 34 2.02 -1.12 7.88
N ILE A 35 2.76 -0.48 7.02
CA ILE A 35 3.87 -1.05 6.31
C ILE A 35 5.01 -1.40 7.26
N CYS A 36 5.26 -2.67 7.39
CA CYS A 36 6.25 -3.20 8.28
C CYS A 36 7.62 -3.20 7.62
N SER A 37 7.71 -3.76 6.45
CA SER A 37 8.94 -3.90 5.75
C SER A 37 8.75 -3.56 4.29
N LEU A 38 9.82 -3.07 3.67
CA LEU A 38 9.80 -2.69 2.29
C LEU A 38 11.04 -3.22 1.60
N MET A 39 10.87 -3.67 0.39
CA MET A 39 11.96 -4.09 -0.44
C MET A 39 12.58 -2.88 -1.10
N ARG A 40 13.80 -2.63 -0.76
CA ARG A 40 14.52 -1.49 -1.26
C ARG A 40 14.89 -1.78 -2.71
N GLY A 41 14.57 -0.85 -3.56
CA GLY A 41 14.81 -1.02 -4.97
C GLY A 41 13.64 -1.71 -5.67
N GLY A 42 12.64 -2.12 -4.89
CA GLY A 42 11.50 -2.81 -5.46
C GLY A 42 10.43 -1.85 -5.96
N ILE A 43 9.40 -2.39 -6.63
CA ILE A 43 8.31 -1.56 -7.18
C ILE A 43 7.57 -0.82 -6.11
N ALA A 44 7.52 -1.39 -4.94
CA ALA A 44 6.88 -0.77 -3.83
C ALA A 44 7.64 0.51 -3.43
N GLU A 45 8.96 0.41 -3.30
CA GLU A 45 9.77 1.56 -2.93
C GLU A 45 9.74 2.61 -4.02
N ARG A 46 9.87 2.16 -5.25
CA ARG A 46 9.88 3.05 -6.41
C ARG A 46 8.48 3.61 -6.66
N GLY A 47 7.49 2.94 -6.07
CA GLY A 47 6.12 3.37 -6.12
C GLY A 47 5.82 4.42 -5.06
N GLY A 48 6.66 4.47 -4.04
CA GLY A 48 6.50 5.47 -3.02
C GLY A 48 6.10 4.92 -1.68
N VAL A 49 6.03 3.59 -1.58
CA VAL A 49 5.68 2.90 -0.33
C VAL A 49 6.75 3.20 0.71
N ARG A 50 6.36 3.37 1.97
CA ARG A 50 7.29 3.70 3.05
C ARG A 50 6.94 2.96 4.30
N VAL A 51 7.94 2.51 4.96
CA VAL A 51 7.83 1.77 6.18
C VAL A 51 7.47 2.70 7.31
N GLY A 52 6.54 2.29 8.14
CA GLY A 52 6.08 3.13 9.22
C GLY A 52 4.92 3.97 8.76
N HIS A 53 4.41 3.64 7.61
CA HIS A 53 3.26 4.31 7.05
C HIS A 53 2.03 3.45 7.19
N ARG A 54 0.94 4.11 7.44
CA ARG A 54 -0.34 3.49 7.62
C ARG A 54 -1.13 3.70 6.37
N ILE A 55 -1.44 2.65 5.69
CA ILE A 55 -2.20 2.77 4.47
C ILE A 55 -3.66 2.99 4.78
N ILE A 56 -4.21 4.03 4.20
CA ILE A 56 -5.57 4.38 4.39
C ILE A 56 -6.43 4.14 3.13
N GLU A 57 -5.80 3.77 2.02
CA GLU A 57 -6.55 3.48 0.77
C GLU A 57 -5.69 2.68 -0.14
N ILE A 58 -6.31 1.80 -0.88
CA ILE A 58 -5.66 0.98 -1.86
C ILE A 58 -6.59 0.76 -3.03
N ASN A 59 -6.14 1.18 -4.19
CA ASN A 59 -6.77 0.88 -5.48
C ASN A 59 -8.24 1.37 -5.55
N GLY A 60 -8.55 2.40 -4.78
CA GLY A 60 -9.88 2.96 -4.84
C GLY A 60 -10.71 2.71 -3.61
N GLN A 61 -10.23 1.90 -2.69
CA GLN A 61 -10.98 1.63 -1.48
C GLN A 61 -10.17 1.95 -0.28
N SER A 62 -10.80 2.62 0.65
CA SER A 62 -10.16 2.94 1.88
C SER A 62 -10.09 1.65 2.66
N VAL A 63 -8.89 1.24 2.99
CA VAL A 63 -8.71 -0.02 3.64
C VAL A 63 -8.28 0.16 5.07
N VAL A 64 -8.53 1.34 5.58
CA VAL A 64 -8.07 1.67 6.89
C VAL A 64 -8.97 1.04 7.96
N ALA A 65 -10.16 0.65 7.54
CA ALA A 65 -11.09 -0.04 8.37
C ALA A 65 -11.34 -1.45 7.82
N THR A 66 -10.49 -1.84 6.90
CA THR A 66 -10.54 -3.11 6.27
C THR A 66 -9.65 -4.05 7.09
N PRO A 67 -10.11 -5.28 7.36
CA PRO A 67 -9.31 -6.26 8.08
C PRO A 67 -7.98 -6.54 7.36
N HIS A 68 -6.96 -6.85 8.16
CA HIS A 68 -5.59 -7.11 7.68
C HIS A 68 -5.55 -8.09 6.51
N GLU A 69 -6.21 -9.20 6.67
CA GLU A 69 -6.24 -10.25 5.68
C GLU A 69 -6.84 -9.76 4.38
N LYS A 70 -7.89 -8.94 4.47
CA LYS A 70 -8.48 -8.36 3.28
C LYS A 70 -7.50 -7.49 2.59
N ILE A 71 -6.88 -6.59 3.34
CA ILE A 71 -5.90 -5.65 2.83
C ILE A 71 -4.83 -6.41 2.03
N VAL A 72 -4.36 -7.51 2.60
CA VAL A 72 -3.35 -8.32 1.96
C VAL A 72 -3.91 -9.05 0.74
N HIS A 73 -5.16 -9.47 0.83
CA HIS A 73 -5.79 -10.25 -0.23
C HIS A 73 -6.01 -9.35 -1.43
N ILE A 74 -6.46 -8.16 -1.16
CA ILE A 74 -6.71 -7.16 -2.13
C ILE A 74 -5.42 -6.75 -2.80
N LEU A 75 -4.40 -6.44 -1.99
CA LEU A 75 -3.06 -6.07 -2.49
C LEU A 75 -2.49 -7.13 -3.39
N SER A 76 -2.47 -8.35 -2.92
CA SER A 76 -1.89 -9.46 -3.63
C SER A 76 -2.56 -9.69 -5.00
N ASN A 77 -3.81 -9.29 -5.16
CA ASN A 77 -4.55 -9.55 -6.39
C ASN A 77 -4.84 -8.29 -7.24
N ALA A 78 -4.35 -7.14 -6.81
CA ALA A 78 -4.59 -5.91 -7.57
C ALA A 78 -3.41 -5.56 -8.46
N VAL A 79 -3.63 -5.37 -9.75
CA VAL A 79 -2.53 -5.01 -10.65
C VAL A 79 -2.81 -3.63 -11.25
N GLY A 80 -1.87 -3.09 -12.01
CA GLY A 80 -2.05 -1.80 -12.64
C GLY A 80 -1.37 -0.72 -11.85
N GLU A 81 -1.83 0.49 -12.01
CA GLU A 81 -1.33 1.60 -11.25
C GLU A 81 -2.17 1.67 -10.00
N ILE A 82 -1.60 1.34 -8.88
CA ILE A 82 -2.37 1.18 -7.70
C ILE A 82 -2.16 2.36 -6.81
N HIS A 83 -3.22 3.09 -6.56
CA HIS A 83 -3.17 4.25 -5.70
C HIS A 83 -3.32 3.79 -4.30
N MET A 84 -2.46 4.18 -3.48
CA MET A 84 -2.62 3.94 -2.10
C MET A 84 -2.43 5.23 -1.41
N LYS A 85 -3.00 5.39 -0.31
CA LYS A 85 -2.85 6.58 0.44
C LYS A 85 -2.28 6.19 1.73
N THR A 86 -1.17 6.69 2.03
CA THR A 86 -0.53 6.33 3.26
C THR A 86 -0.35 7.54 4.14
N MET A 87 -0.48 7.36 5.41
CA MET A 87 -0.25 8.42 6.36
C MET A 87 1.00 8.01 7.10
N PRO A 88 1.69 8.89 7.84
CA PRO A 88 2.90 8.52 8.62
C PRO A 88 2.54 7.72 9.87
N ALA A 89 1.41 7.01 9.79
CA ALA A 89 0.84 6.17 10.82
C ALA A 89 0.31 6.96 11.99
N ALA A 90 -0.04 8.18 11.72
CA ALA A 90 -0.66 9.03 12.67
C ALA A 90 -2.14 9.05 12.36
N GLU A 7 -8.68 15.50 1.27
CA GLU A 7 -8.30 14.11 1.00
C GLU A 7 -7.25 13.66 2.05
N THR A 8 -7.42 14.06 3.28
CA THR A 8 -6.46 13.71 4.28
C THR A 8 -7.13 13.51 5.64
N MET A 9 -6.59 12.61 6.43
CA MET A 9 -7.03 12.43 7.79
C MET A 9 -5.89 12.81 8.72
N GLY A 10 -4.84 13.35 8.14
CA GLY A 10 -3.70 13.74 8.92
C GLY A 10 -2.43 13.27 8.30
N ASN A 11 -1.92 14.05 7.36
CA ASN A 11 -0.68 13.78 6.64
C ASN A 11 -0.78 12.51 5.81
N VAL A 12 -1.24 12.67 4.62
CA VAL A 12 -1.43 11.60 3.71
C VAL A 12 -0.49 11.78 2.57
N THR A 13 0.22 10.78 2.33
CA THR A 13 1.15 10.69 1.30
C THR A 13 0.68 9.59 0.38
N THR A 14 0.41 9.96 -0.82
CA THR A 14 -0.10 9.06 -1.77
C THR A 14 1.01 8.29 -2.44
N VAL A 15 0.78 7.05 -2.61
CA VAL A 15 1.67 6.15 -3.23
C VAL A 15 1.02 5.61 -4.46
N LEU A 16 1.77 5.47 -5.49
CA LEU A 16 1.26 4.86 -6.64
C LEU A 16 2.13 3.68 -6.98
N ILE A 17 1.57 2.54 -6.93
CA ILE A 17 2.28 1.34 -7.21
C ILE A 17 2.00 0.98 -8.64
N ARG A 18 3.02 0.55 -9.31
CA ARG A 18 2.90 0.09 -10.64
C ARG A 18 3.18 -1.38 -10.62
N ARG A 19 2.15 -2.15 -10.69
CA ARG A 19 2.29 -3.57 -10.64
C ARG A 19 2.06 -4.17 -12.01
N PRO A 20 3.11 -4.68 -12.67
CA PRO A 20 3.00 -5.27 -14.00
C PRO A 20 1.92 -6.37 -14.08
N ASP A 21 2.04 -7.37 -13.24
CA ASP A 21 1.11 -8.48 -13.26
C ASP A 21 1.10 -9.15 -11.89
N LEU A 22 0.35 -10.22 -11.77
CA LEU A 22 0.10 -10.89 -10.49
C LEU A 22 1.28 -11.68 -9.98
N ARG A 23 2.22 -11.91 -10.83
CA ARG A 23 3.42 -12.64 -10.47
C ARG A 23 4.42 -11.71 -9.79
N TYR A 24 4.13 -10.42 -9.87
CA TYR A 24 4.94 -9.41 -9.25
C TYR A 24 4.39 -9.07 -7.91
N GLN A 25 5.18 -9.25 -6.89
CA GLN A 25 4.78 -8.91 -5.57
C GLN A 25 5.03 -7.45 -5.31
N LEU A 26 4.31 -6.93 -4.35
CA LEU A 26 4.26 -5.51 -4.06
C LEU A 26 5.63 -4.97 -3.68
N GLY A 27 6.34 -5.69 -2.85
CA GLY A 27 7.65 -5.26 -2.47
C GLY A 27 7.69 -4.55 -1.14
N PHE A 28 6.75 -4.83 -0.28
CA PHE A 28 6.77 -4.26 1.05
C PHE A 28 6.07 -5.22 1.98
N SER A 29 6.20 -4.98 3.25
CA SER A 29 5.61 -5.81 4.25
C SER A 29 4.74 -4.92 5.13
N VAL A 30 3.54 -5.35 5.43
CA VAL A 30 2.62 -4.52 6.13
C VAL A 30 2.11 -5.25 7.39
N GLN A 31 2.00 -4.54 8.48
CA GLN A 31 1.47 -5.07 9.72
C GLN A 31 0.06 -4.51 9.94
N ASN A 32 -0.93 -5.27 9.47
CA ASN A 32 -2.37 -4.91 9.56
C ASN A 32 -2.73 -3.60 8.89
N GLY A 33 -1.88 -3.15 7.99
CA GLY A 33 -2.14 -1.91 7.29
C GLY A 33 -1.01 -0.92 7.47
N ILE A 34 -0.10 -1.21 8.37
CA ILE A 34 1.02 -0.32 8.62
C ILE A 34 2.29 -0.91 8.02
N ILE A 35 2.86 -0.21 7.10
CA ILE A 35 4.08 -0.63 6.43
C ILE A 35 5.21 -0.82 7.43
N CYS A 36 5.64 -2.05 7.56
CA CYS A 36 6.63 -2.43 8.51
C CYS A 36 8.01 -2.45 7.86
N SER A 37 8.08 -2.88 6.63
CA SER A 37 9.34 -2.97 5.93
C SER A 37 9.10 -2.75 4.45
N LEU A 38 10.08 -2.23 3.77
CA LEU A 38 10.02 -2.02 2.35
C LEU A 38 11.15 -2.79 1.70
N MET A 39 10.86 -3.46 0.61
CA MET A 39 11.87 -4.20 -0.09
C MET A 39 12.60 -3.27 -1.01
N ARG A 40 13.87 -3.15 -0.77
CA ARG A 40 14.70 -2.24 -1.49
C ARG A 40 14.84 -2.70 -2.92
N GLY A 41 14.51 -1.83 -3.83
CA GLY A 41 14.57 -2.14 -5.22
C GLY A 41 13.28 -2.73 -5.73
N GLY A 42 12.29 -2.86 -4.86
CA GLY A 42 11.01 -3.41 -5.26
C GLY A 42 10.09 -2.36 -5.84
N ILE A 43 8.96 -2.78 -6.40
CA ILE A 43 8.00 -1.86 -6.99
C ILE A 43 7.40 -0.91 -5.99
N ALA A 44 7.27 -1.34 -4.76
CA ALA A 44 6.75 -0.49 -3.71
C ALA A 44 7.66 0.70 -3.48
N GLU A 45 8.95 0.46 -3.55
CA GLU A 45 9.94 1.52 -3.45
C GLU A 45 9.75 2.46 -4.62
N ARG A 46 9.57 1.87 -5.79
CA ARG A 46 9.34 2.61 -7.03
C ARG A 46 7.95 3.25 -7.07
N GLY A 47 7.14 2.95 -6.08
CA GLY A 47 5.82 3.51 -6.00
C GLY A 47 5.79 4.68 -5.04
N GLY A 48 6.81 4.75 -4.19
CA GLY A 48 6.88 5.81 -3.23
C GLY A 48 6.43 5.38 -1.86
N VAL A 49 6.42 4.08 -1.63
CA VAL A 49 6.07 3.52 -0.34
C VAL A 49 7.10 3.94 0.72
N ARG A 50 6.64 4.15 1.93
CA ARG A 50 7.45 4.54 3.05
C ARG A 50 7.02 3.75 4.24
N VAL A 51 7.98 3.33 4.97
CA VAL A 51 7.80 2.52 6.14
C VAL A 51 7.30 3.37 7.30
N GLY A 52 6.51 2.79 8.18
CA GLY A 52 5.96 3.54 9.29
C GLY A 52 4.77 4.32 8.84
N HIS A 53 4.14 3.80 7.84
CA HIS A 53 3.02 4.41 7.23
C HIS A 53 1.82 3.49 7.27
N ARG A 54 0.68 4.04 7.62
CA ARG A 54 -0.54 3.29 7.61
C ARG A 54 -1.18 3.53 6.29
N ILE A 55 -1.43 2.48 5.59
CA ILE A 55 -2.13 2.60 4.35
C ILE A 55 -3.60 2.74 4.64
N ILE A 56 -4.15 3.82 4.20
CA ILE A 56 -5.52 4.09 4.43
C ILE A 56 -6.38 3.77 3.23
N GLU A 57 -5.76 3.60 2.08
CA GLU A 57 -6.52 3.38 0.87
C GLU A 57 -5.66 2.69 -0.11
N ILE A 58 -6.24 1.78 -0.82
CA ILE A 58 -5.56 1.02 -1.84
C ILE A 58 -6.51 0.86 -2.99
N ASN A 59 -6.07 1.24 -4.17
CA ASN A 59 -6.78 1.01 -5.43
C ASN A 59 -8.10 1.81 -5.47
N GLY A 60 -8.23 2.76 -4.58
CA GLY A 60 -9.41 3.57 -4.52
C GLY A 60 -10.35 3.16 -3.41
N GLN A 61 -10.00 2.13 -2.68
CA GLN A 61 -10.84 1.69 -1.59
C GLN A 61 -10.14 1.85 -0.27
N SER A 62 -10.83 2.45 0.66
CA SER A 62 -10.31 2.73 1.96
C SER A 62 -10.15 1.42 2.74
N VAL A 63 -8.92 1.00 2.93
CA VAL A 63 -8.64 -0.25 3.56
C VAL A 63 -8.24 -0.03 5.00
N VAL A 64 -8.49 1.17 5.45
CA VAL A 64 -8.13 1.59 6.77
C VAL A 64 -9.07 0.95 7.81
N ALA A 65 -10.17 0.40 7.32
CA ALA A 65 -11.15 -0.28 8.13
C ALA A 65 -11.37 -1.69 7.56
N THR A 66 -10.40 -2.12 6.80
CA THR A 66 -10.39 -3.39 6.17
C THR A 66 -9.47 -4.30 6.99
N PRO A 67 -9.87 -5.56 7.24
CA PRO A 67 -9.06 -6.50 8.00
C PRO A 67 -7.83 -6.99 7.24
N HIS A 68 -6.89 -7.54 7.98
CA HIS A 68 -5.58 -8.06 7.54
C HIS A 68 -5.67 -8.84 6.25
N GLU A 69 -6.47 -9.87 6.26
CA GLU A 69 -6.56 -10.74 5.13
C GLU A 69 -7.18 -10.05 3.93
N LYS A 70 -8.20 -9.24 4.16
CA LYS A 70 -8.81 -8.51 3.06
C LYS A 70 -7.82 -7.62 2.39
N ILE A 71 -7.10 -6.85 3.17
CA ILE A 71 -6.06 -5.95 2.67
C ILE A 71 -5.09 -6.71 1.76
N VAL A 72 -4.70 -7.90 2.18
CA VAL A 72 -3.80 -8.73 1.40
C VAL A 72 -4.51 -9.31 0.18
N HIS A 73 -5.79 -9.63 0.34
CA HIS A 73 -6.61 -10.26 -0.71
C HIS A 73 -6.79 -9.29 -1.86
N ILE A 74 -7.11 -8.07 -1.51
CA ILE A 74 -7.32 -7.00 -2.42
C ILE A 74 -6.03 -6.68 -3.15
N LEU A 75 -4.93 -6.57 -2.39
CA LEU A 75 -3.61 -6.32 -2.97
C LEU A 75 -3.20 -7.40 -3.95
N SER A 76 -3.29 -8.64 -3.54
CA SER A 76 -2.89 -9.80 -4.32
C SER A 76 -3.60 -9.88 -5.69
N ASN A 77 -4.80 -9.34 -5.79
CA ASN A 77 -5.54 -9.41 -7.04
C ASN A 77 -5.52 -8.10 -7.84
N ALA A 78 -4.93 -7.05 -7.28
CA ALA A 78 -4.87 -5.78 -7.99
C ALA A 78 -3.48 -5.54 -8.57
N VAL A 79 -3.42 -5.16 -9.85
CA VAL A 79 -2.16 -4.79 -10.50
C VAL A 79 -2.34 -3.43 -11.21
N GLY A 80 -1.35 -2.98 -11.94
CA GLY A 80 -1.45 -1.73 -12.65
C GLY A 80 -1.09 -0.60 -11.77
N GLU A 81 -1.60 0.56 -12.08
CA GLU A 81 -1.42 1.72 -11.27
C GLU A 81 -2.37 1.65 -10.10
N ILE A 82 -1.82 1.55 -8.93
CA ILE A 82 -2.60 1.40 -7.74
C ILE A 82 -2.33 2.58 -6.83
N HIS A 83 -3.34 3.35 -6.56
CA HIS A 83 -3.22 4.49 -5.68
C HIS A 83 -3.40 4.02 -4.27
N MET A 84 -2.47 4.34 -3.46
CA MET A 84 -2.61 4.06 -2.08
C MET A 84 -2.42 5.34 -1.35
N LYS A 85 -3.00 5.45 -0.22
CA LYS A 85 -2.88 6.61 0.58
C LYS A 85 -2.28 6.19 1.86
N THR A 86 -1.19 6.76 2.20
CA THR A 86 -0.53 6.36 3.39
C THR A 86 -0.38 7.54 4.36
N MET A 87 -0.57 7.27 5.63
CA MET A 87 -0.43 8.27 6.68
C MET A 87 0.80 7.89 7.48
N PRO A 88 1.33 8.73 8.40
CA PRO A 88 2.53 8.40 9.20
C PRO A 88 2.24 7.37 10.31
N ALA A 89 1.27 6.53 10.04
CA ALA A 89 0.80 5.49 10.93
C ALA A 89 0.29 6.05 12.21
N ALA A 90 -0.70 6.86 12.05
CA ALA A 90 -1.44 7.40 13.14
C ALA A 90 -2.72 6.59 13.22
N GLU A 7 -9.94 15.01 10.01
CA GLU A 7 -10.58 13.73 9.79
C GLU A 7 -10.22 13.16 8.43
N THR A 8 -10.19 13.99 7.42
CA THR A 8 -9.82 13.54 6.11
C THR A 8 -8.79 14.53 5.55
N MET A 9 -7.99 14.08 4.58
CA MET A 9 -6.92 14.89 3.99
C MET A 9 -5.94 15.35 5.07
N GLY A 10 -5.28 14.39 5.69
CA GLY A 10 -4.33 14.70 6.74
C GLY A 10 -2.93 14.69 6.20
N ASN A 11 -2.10 13.85 6.72
CA ASN A 11 -0.75 13.71 6.22
C ASN A 11 -0.73 12.48 5.41
N VAL A 12 -0.88 12.63 4.15
CA VAL A 12 -1.01 11.54 3.31
C VAL A 12 0.10 11.56 2.34
N THR A 13 0.61 10.45 2.15
CA THR A 13 1.57 10.17 1.22
C THR A 13 0.96 9.16 0.28
N THR A 14 0.63 9.63 -0.87
CA THR A 14 -0.01 8.82 -1.83
C THR A 14 1.04 8.03 -2.59
N VAL A 15 0.74 6.80 -2.81
CA VAL A 15 1.64 5.89 -3.41
C VAL A 15 1.03 5.37 -4.67
N LEU A 16 1.85 5.21 -5.66
CA LEU A 16 1.41 4.61 -6.84
C LEU A 16 2.29 3.44 -7.18
N ILE A 17 1.70 2.31 -7.18
CA ILE A 17 2.37 1.13 -7.57
C ILE A 17 2.02 0.82 -8.97
N ARG A 18 3.01 0.58 -9.79
CA ARG A 18 2.73 0.08 -11.07
C ARG A 18 3.26 -1.30 -11.18
N ARG A 19 2.35 -2.18 -11.06
CA ARG A 19 2.57 -3.59 -11.05
C ARG A 19 2.15 -4.21 -12.38
N PRO A 20 3.10 -4.70 -13.18
CA PRO A 20 2.78 -5.33 -14.48
C PRO A 20 1.81 -6.53 -14.33
N ASP A 21 2.09 -7.41 -13.39
CA ASP A 21 1.29 -8.62 -13.19
C ASP A 21 1.45 -9.12 -11.76
N LEU A 22 0.75 -10.20 -11.44
CA LEU A 22 0.67 -10.74 -10.09
C LEU A 22 1.96 -11.27 -9.52
N ARG A 23 2.88 -11.61 -10.35
CA ARG A 23 4.16 -12.15 -9.89
C ARG A 23 5.08 -11.04 -9.41
N TYR A 24 4.72 -9.81 -9.70
CA TYR A 24 5.55 -8.67 -9.30
C TYR A 24 5.34 -8.23 -7.87
N GLN A 25 4.19 -8.61 -7.30
CA GLN A 25 3.80 -8.20 -5.95
C GLN A 25 3.79 -6.70 -5.80
N LEU A 26 3.77 -6.25 -4.59
CA LEU A 26 3.81 -4.84 -4.33
C LEU A 26 5.25 -4.49 -4.02
N GLY A 27 5.84 -5.26 -3.12
CA GLY A 27 7.21 -5.05 -2.76
C GLY A 27 7.35 -4.61 -1.32
N PHE A 28 6.30 -4.72 -0.56
CA PHE A 28 6.32 -4.36 0.84
C PHE A 28 5.46 -5.32 1.62
N SER A 29 5.64 -5.32 2.90
CA SER A 29 4.87 -6.15 3.80
C SER A 29 4.08 -5.27 4.76
N VAL A 30 2.81 -5.58 4.94
CA VAL A 30 1.97 -4.73 5.75
C VAL A 30 1.42 -5.52 6.97
N GLN A 31 1.54 -4.92 8.13
CA GLN A 31 1.02 -5.48 9.35
C GLN A 31 0.03 -4.52 9.94
N ASN A 32 -1.14 -5.02 10.26
CA ASN A 32 -2.28 -4.21 10.79
C ASN A 32 -2.76 -3.14 9.80
N GLY A 33 -2.17 -3.10 8.60
CA GLY A 33 -2.48 -2.05 7.65
C GLY A 33 -1.35 -1.04 7.61
N ILE A 34 -0.30 -1.33 8.36
CA ILE A 34 0.86 -0.47 8.46
C ILE A 34 2.07 -1.20 7.86
N ILE A 35 2.69 -0.55 6.91
CA ILE A 35 3.88 -1.04 6.24
C ILE A 35 5.01 -1.24 7.25
N CYS A 36 5.45 -2.48 7.40
CA CYS A 36 6.47 -2.80 8.37
C CYS A 36 7.83 -2.96 7.70
N SER A 37 7.84 -3.48 6.50
CA SER A 37 9.07 -3.68 5.79
C SER A 37 8.87 -3.40 4.31
N LEU A 38 9.90 -2.93 3.67
CA LEU A 38 9.89 -2.59 2.28
C LEU A 38 11.05 -3.27 1.59
N MET A 39 10.79 -3.91 0.48
CA MET A 39 11.83 -4.54 -0.29
C MET A 39 12.47 -3.52 -1.21
N ARG A 40 13.69 -3.13 -0.87
CA ARG A 40 14.41 -2.11 -1.60
C ARG A 40 14.68 -2.58 -3.03
N GLY A 41 14.57 -1.67 -3.96
CA GLY A 41 14.76 -1.97 -5.35
C GLY A 41 13.49 -2.48 -6.02
N GLY A 42 12.52 -2.86 -5.22
CA GLY A 42 11.29 -3.40 -5.74
C GLY A 42 10.33 -2.30 -6.10
N ILE A 43 9.20 -2.68 -6.69
CA ILE A 43 8.22 -1.69 -7.13
C ILE A 43 7.70 -0.79 -6.05
N ALA A 44 7.53 -1.31 -4.86
CA ALA A 44 7.01 -0.52 -3.75
C ALA A 44 7.90 0.66 -3.40
N GLU A 45 9.19 0.44 -3.42
CA GLU A 45 10.13 1.49 -3.10
C GLU A 45 10.09 2.54 -4.20
N ARG A 46 9.92 2.07 -5.41
CA ARG A 46 9.82 2.94 -6.59
C ARG A 46 8.43 3.61 -6.65
N GLY A 47 7.46 2.96 -6.03
CA GLY A 47 6.12 3.46 -5.96
C GLY A 47 5.95 4.53 -4.92
N GLY A 48 6.83 4.55 -3.93
CA GLY A 48 6.78 5.58 -2.93
C GLY A 48 6.33 5.08 -1.59
N VAL A 49 6.27 3.78 -1.46
CA VAL A 49 5.88 3.12 -0.24
C VAL A 49 6.95 3.37 0.83
N ARG A 50 6.51 3.69 2.02
CA ARG A 50 7.41 3.93 3.12
C ARG A 50 6.95 3.21 4.32
N VAL A 51 7.90 2.73 5.05
CA VAL A 51 7.68 1.97 6.24
C VAL A 51 7.21 2.89 7.37
N GLY A 52 6.34 2.38 8.22
CA GLY A 52 5.80 3.18 9.30
C GLY A 52 4.62 3.97 8.82
N HIS A 53 4.04 3.50 7.74
CA HIS A 53 2.92 4.14 7.13
C HIS A 53 1.71 3.26 7.15
N ARG A 54 0.58 3.83 7.49
CA ARG A 54 -0.66 3.10 7.49
C ARG A 54 -1.35 3.40 6.21
N ILE A 55 -1.67 2.38 5.48
CA ILE A 55 -2.36 2.55 4.25
C ILE A 55 -3.82 2.79 4.55
N ILE A 56 -4.32 3.87 4.08
CA ILE A 56 -5.66 4.19 4.31
C ILE A 56 -6.55 3.87 3.14
N GLU A 57 -5.96 3.68 1.98
CA GLU A 57 -6.76 3.49 0.79
C GLU A 57 -5.97 2.78 -0.26
N ILE A 58 -6.64 1.93 -1.01
CA ILE A 58 -6.08 1.17 -2.10
C ILE A 58 -7.11 1.15 -3.24
N ASN A 59 -6.73 1.72 -4.38
CA ASN A 59 -7.56 1.81 -5.61
C ASN A 59 -8.93 2.43 -5.40
N GLY A 60 -9.04 3.29 -4.42
CA GLY A 60 -10.27 4.01 -4.20
C GLY A 60 -11.00 3.50 -2.99
N GLN A 61 -10.55 2.40 -2.49
CA GLN A 61 -11.17 1.76 -1.37
C GLN A 61 -10.41 2.07 -0.11
N SER A 62 -11.09 2.64 0.86
CA SER A 62 -10.51 2.92 2.15
C SER A 62 -10.31 1.60 2.87
N VAL A 63 -9.07 1.17 3.00
CA VAL A 63 -8.79 -0.12 3.58
C VAL A 63 -8.31 0.05 5.00
N VAL A 64 -8.47 1.25 5.49
CA VAL A 64 -8.03 1.62 6.81
C VAL A 64 -8.93 0.99 7.90
N ALA A 65 -10.07 0.48 7.47
CA ALA A 65 -11.01 -0.17 8.33
C ALA A 65 -11.26 -1.58 7.83
N THR A 66 -10.41 -2.02 6.95
CA THR A 66 -10.48 -3.27 6.33
C THR A 66 -9.56 -4.24 7.08
N PRO A 67 -9.99 -5.48 7.35
CA PRO A 67 -9.18 -6.47 8.06
C PRO A 67 -7.83 -6.73 7.37
N HIS A 68 -6.83 -7.07 8.18
CA HIS A 68 -5.45 -7.32 7.73
C HIS A 68 -5.38 -8.26 6.53
N GLU A 69 -6.08 -9.36 6.61
CA GLU A 69 -6.02 -10.36 5.58
C GLU A 69 -6.64 -9.84 4.30
N LYS A 70 -7.69 -9.03 4.44
CA LYS A 70 -8.30 -8.43 3.27
C LYS A 70 -7.34 -7.53 2.59
N ILE A 71 -6.73 -6.66 3.36
CA ILE A 71 -5.78 -5.68 2.84
C ILE A 71 -4.69 -6.40 2.04
N VAL A 72 -4.22 -7.50 2.58
CA VAL A 72 -3.19 -8.28 1.92
C VAL A 72 -3.76 -9.01 0.69
N HIS A 73 -5.02 -9.39 0.77
CA HIS A 73 -5.67 -10.17 -0.29
C HIS A 73 -5.94 -9.26 -1.48
N ILE A 74 -6.37 -8.06 -1.18
CA ILE A 74 -6.64 -7.03 -2.13
C ILE A 74 -5.35 -6.64 -2.84
N LEU A 75 -4.31 -6.41 -2.04
CA LEU A 75 -2.99 -6.09 -2.57
C LEU A 75 -2.44 -7.25 -3.40
N SER A 76 -2.73 -8.45 -3.00
CA SER A 76 -2.31 -9.64 -3.72
C SER A 76 -2.93 -9.70 -5.13
N ASN A 77 -4.13 -9.15 -5.28
CA ASN A 77 -4.87 -9.24 -6.56
C ASN A 77 -4.66 -8.04 -7.47
N ALA A 78 -4.47 -6.89 -6.91
CA ALA A 78 -4.43 -5.67 -7.72
C ALA A 78 -3.11 -5.46 -8.44
N VAL A 79 -3.19 -5.18 -9.74
CA VAL A 79 -2.01 -4.85 -10.54
C VAL A 79 -2.30 -3.56 -11.32
N GLY A 80 -1.35 -3.11 -12.11
CA GLY A 80 -1.52 -1.93 -12.91
C GLY A 80 -1.15 -0.72 -12.12
N GLU A 81 -1.75 0.39 -12.43
CA GLU A 81 -1.56 1.61 -11.68
C GLU A 81 -2.41 1.52 -10.43
N ILE A 82 -1.76 1.35 -9.32
CA ILE A 82 -2.42 1.16 -8.06
C ILE A 82 -2.21 2.37 -7.19
N HIS A 83 -3.28 3.00 -6.83
CA HIS A 83 -3.23 4.15 -5.97
C HIS A 83 -3.43 3.70 -4.56
N MET A 84 -2.59 4.15 -3.69
CA MET A 84 -2.77 3.91 -2.29
C MET A 84 -2.55 5.20 -1.58
N LYS A 85 -3.09 5.34 -0.42
CA LYS A 85 -2.95 6.53 0.35
C LYS A 85 -2.41 6.10 1.65
N THR A 86 -1.28 6.58 2.00
CA THR A 86 -0.67 6.17 3.23
C THR A 86 -0.48 7.36 4.14
N MET A 87 -0.60 7.16 5.43
CA MET A 87 -0.35 8.22 6.38
C MET A 87 0.81 7.76 7.23
N PRO A 88 1.41 8.61 8.09
CA PRO A 88 2.53 8.21 9.00
C PRO A 88 2.06 7.25 10.13
N ALA A 89 0.99 6.53 9.85
CA ALA A 89 0.36 5.53 10.71
C ALA A 89 -0.43 6.13 11.86
N ALA A 90 -0.42 7.42 11.93
CA ALA A 90 -1.19 8.15 12.89
C ALA A 90 -2.40 8.68 12.17
N GLU A 7 -9.38 16.63 -1.44
CA GLU A 7 -8.51 17.76 -1.19
C GLU A 7 -7.50 17.35 -0.11
N THR A 8 -6.49 18.16 0.10
CA THR A 8 -5.51 17.91 1.13
C THR A 8 -6.11 18.16 2.53
N MET A 9 -6.62 17.12 3.15
CA MET A 9 -7.20 17.23 4.48
C MET A 9 -6.11 17.20 5.53
N GLY A 10 -5.34 16.16 5.50
CA GLY A 10 -4.30 15.97 6.46
C GLY A 10 -3.06 15.42 5.82
N ASN A 11 -2.27 14.76 6.59
CA ASN A 11 -1.00 14.22 6.17
C ASN A 11 -1.21 12.92 5.48
N VAL A 12 -1.27 13.00 4.18
CA VAL A 12 -1.48 11.88 3.34
C VAL A 12 -0.51 11.97 2.20
N THR A 13 0.10 10.89 1.95
CA THR A 13 1.04 10.73 0.94
C THR A 13 0.55 9.61 0.06
N THR A 14 0.30 9.92 -1.13
CA THR A 14 -0.25 9.00 -2.05
C THR A 14 0.85 8.17 -2.68
N VAL A 15 0.55 6.93 -2.88
CA VAL A 15 1.42 6.02 -3.50
C VAL A 15 0.75 5.45 -4.70
N LEU A 16 1.44 5.45 -5.78
CA LEU A 16 0.96 4.83 -6.92
C LEU A 16 1.92 3.77 -7.36
N ILE A 17 1.44 2.60 -7.39
CA ILE A 17 2.14 1.47 -7.86
C ILE A 17 1.71 1.18 -9.26
N ARG A 18 2.65 0.90 -10.13
CA ARG A 18 2.34 0.37 -11.41
C ARG A 18 2.91 -1.01 -11.49
N ARG A 19 2.04 -1.94 -11.31
CA ARG A 19 2.36 -3.33 -11.32
C ARG A 19 2.02 -3.95 -12.67
N PRO A 20 3.02 -4.44 -13.41
CA PRO A 20 2.80 -5.07 -14.73
C PRO A 20 1.91 -6.34 -14.68
N ASP A 21 2.08 -7.16 -13.64
CA ASP A 21 1.32 -8.40 -13.53
C ASP A 21 1.45 -8.93 -12.11
N LEU A 22 0.85 -10.07 -11.85
CA LEU A 22 0.82 -10.67 -10.54
C LEU A 22 2.12 -11.33 -10.21
N ARG A 23 2.94 -11.52 -11.23
CA ARG A 23 4.28 -12.07 -11.08
C ARG A 23 5.18 -11.06 -10.39
N TYR A 24 4.73 -9.83 -10.36
CA TYR A 24 5.45 -8.80 -9.66
C TYR A 24 4.80 -8.65 -8.34
N GLN A 25 5.53 -8.83 -7.28
CA GLN A 25 4.96 -8.68 -5.98
C GLN A 25 5.24 -7.32 -5.43
N LEU A 26 4.40 -6.91 -4.50
CA LEU A 26 4.40 -5.57 -3.90
C LEU A 26 5.80 -5.23 -3.36
N GLY A 27 6.22 -5.94 -2.36
CA GLY A 27 7.53 -5.73 -1.82
C GLY A 27 7.50 -4.95 -0.54
N PHE A 28 6.49 -5.16 0.26
CA PHE A 28 6.41 -4.53 1.55
C PHE A 28 5.53 -5.35 2.46
N SER A 29 5.74 -5.21 3.72
CA SER A 29 4.98 -5.92 4.72
C SER A 29 4.05 -4.95 5.40
N VAL A 30 2.77 -5.24 5.45
CA VAL A 30 1.85 -4.36 6.08
C VAL A 30 1.21 -5.08 7.28
N GLN A 31 1.10 -4.39 8.39
CA GLN A 31 0.48 -4.93 9.56
C GLN A 31 -0.69 -4.06 9.99
N ASN A 32 -1.91 -4.58 9.81
CA ASN A 32 -3.19 -3.86 10.10
C ASN A 32 -3.34 -2.60 9.26
N GLY A 33 -2.52 -2.48 8.24
CA GLY A 33 -2.55 -1.32 7.39
C GLY A 33 -1.29 -0.49 7.52
N ILE A 34 -0.44 -0.83 8.46
CA ILE A 34 0.80 -0.07 8.67
C ILE A 34 1.97 -0.80 8.07
N ILE A 35 2.67 -0.13 7.20
CA ILE A 35 3.84 -0.63 6.53
C ILE A 35 4.95 -0.88 7.56
N CYS A 36 5.26 -2.14 7.74
CA CYS A 36 6.19 -2.58 8.74
C CYS A 36 7.61 -2.66 8.16
N SER A 37 7.72 -3.08 6.91
CA SER A 37 9.01 -3.15 6.25
C SER A 37 8.82 -3.00 4.76
N LEU A 38 9.85 -2.59 4.08
CA LEU A 38 9.83 -2.39 2.66
C LEU A 38 11.02 -3.13 2.04
N MET A 39 10.75 -3.86 1.00
CA MET A 39 11.79 -4.58 0.30
C MET A 39 12.39 -3.68 -0.74
N ARG A 40 13.67 -3.44 -0.63
CA ARG A 40 14.37 -2.62 -1.58
C ARG A 40 14.44 -3.35 -2.89
N GLY A 41 14.19 -2.66 -3.96
CA GLY A 41 14.21 -3.27 -5.26
C GLY A 41 12.85 -3.76 -5.66
N GLY A 42 11.89 -3.60 -4.77
CA GLY A 42 10.55 -4.02 -5.04
C GLY A 42 9.75 -2.89 -5.61
N ILE A 43 8.59 -3.19 -6.19
CA ILE A 43 7.76 -2.14 -6.78
C ILE A 43 7.31 -1.14 -5.76
N ALA A 44 7.02 -1.58 -4.55
CA ALA A 44 6.55 -0.71 -3.49
C ALA A 44 7.52 0.45 -3.26
N GLU A 45 8.80 0.16 -3.33
CA GLU A 45 9.81 1.17 -3.16
C GLU A 45 9.77 2.14 -4.34
N ARG A 46 9.62 1.60 -5.54
CA ARG A 46 9.55 2.41 -6.76
C ARG A 46 8.30 3.32 -6.71
N GLY A 47 7.22 2.77 -6.17
CA GLY A 47 5.96 3.50 -6.05
C GLY A 47 6.04 4.62 -5.03
N GLY A 48 6.93 4.50 -4.09
CA GLY A 48 7.10 5.54 -3.10
C GLY A 48 6.49 5.17 -1.77
N VAL A 49 6.47 3.88 -1.49
CA VAL A 49 5.99 3.37 -0.24
C VAL A 49 7.08 3.58 0.83
N ARG A 50 6.68 3.91 2.04
CA ARG A 50 7.61 4.14 3.14
C ARG A 50 7.11 3.47 4.38
N VAL A 51 8.03 3.00 5.13
CA VAL A 51 7.80 2.28 6.35
C VAL A 51 7.36 3.25 7.45
N GLY A 52 6.47 2.78 8.31
CA GLY A 52 5.97 3.62 9.38
C GLY A 52 4.83 4.46 8.88
N HIS A 53 4.23 4.01 7.80
CA HIS A 53 3.10 4.65 7.22
C HIS A 53 1.90 3.76 7.30
N ARG A 54 0.77 4.36 7.50
CA ARG A 54 -0.47 3.66 7.60
C ARG A 54 -1.21 3.87 6.32
N ILE A 55 -1.46 2.81 5.63
CA ILE A 55 -2.19 2.87 4.40
C ILE A 55 -3.65 3.08 4.70
N ILE A 56 -4.19 4.11 4.14
CA ILE A 56 -5.54 4.44 4.38
C ILE A 56 -6.41 4.19 3.15
N GLU A 57 -5.79 3.80 2.03
CA GLU A 57 -6.55 3.55 0.80
C GLU A 57 -5.77 2.71 -0.14
N ILE A 58 -6.49 1.89 -0.88
CA ILE A 58 -5.97 1.10 -1.95
C ILE A 58 -7.04 1.07 -3.02
N ASN A 59 -6.70 1.55 -4.20
CA ASN A 59 -7.59 1.55 -5.37
C ASN A 59 -8.94 2.24 -5.15
N GLY A 60 -8.99 3.18 -4.23
CA GLY A 60 -10.20 3.92 -4.00
C GLY A 60 -10.98 3.44 -2.80
N GLN A 61 -10.56 2.34 -2.21
CA GLN A 61 -11.24 1.84 -1.04
C GLN A 61 -10.39 2.07 0.17
N SER A 62 -11.00 2.53 1.23
CA SER A 62 -10.28 2.81 2.43
C SER A 62 -10.08 1.52 3.15
N VAL A 63 -8.86 1.06 3.16
CA VAL A 63 -8.53 -0.22 3.68
C VAL A 63 -7.96 -0.06 5.07
N VAL A 64 -8.20 1.11 5.61
CA VAL A 64 -7.67 1.50 6.87
C VAL A 64 -8.33 0.71 8.01
N ALA A 65 -9.50 0.20 7.72
CA ALA A 65 -10.25 -0.58 8.67
C ALA A 65 -10.47 -1.98 8.12
N THR A 66 -9.73 -2.29 7.09
CA THR A 66 -9.78 -3.53 6.42
C THR A 66 -8.77 -4.47 7.10
N PRO A 67 -9.15 -5.72 7.41
CA PRO A 67 -8.26 -6.68 8.04
C PRO A 67 -7.06 -7.03 7.17
N HIS A 68 -5.97 -7.46 7.82
CA HIS A 68 -4.69 -7.85 7.19
C HIS A 68 -4.92 -8.72 5.97
N GLU A 69 -5.66 -9.79 6.17
CA GLU A 69 -5.92 -10.78 5.14
C GLU A 69 -6.53 -10.15 3.92
N LYS A 70 -7.49 -9.28 4.16
CA LYS A 70 -8.19 -8.63 3.09
C LYS A 70 -7.26 -7.75 2.34
N ILE A 71 -6.59 -6.86 3.05
CA ILE A 71 -5.62 -5.93 2.46
C ILE A 71 -4.61 -6.70 1.58
N VAL A 72 -4.14 -7.84 2.09
CA VAL A 72 -3.21 -8.66 1.35
C VAL A 72 -3.87 -9.25 0.10
N HIS A 73 -5.11 -9.70 0.24
CA HIS A 73 -5.84 -10.30 -0.88
C HIS A 73 -6.07 -9.27 -1.97
N ILE A 74 -6.48 -8.07 -1.56
CA ILE A 74 -6.70 -6.98 -2.47
C ILE A 74 -5.40 -6.66 -3.22
N LEU A 75 -4.30 -6.47 -2.47
CA LEU A 75 -3.00 -6.16 -3.04
C LEU A 75 -2.47 -7.27 -3.93
N SER A 76 -2.81 -8.49 -3.61
CA SER A 76 -2.37 -9.62 -4.40
C SER A 76 -3.05 -9.69 -5.76
N ASN A 77 -4.27 -9.16 -5.87
CA ASN A 77 -5.03 -9.29 -7.12
C ASN A 77 -4.97 -8.04 -7.98
N ALA A 78 -4.47 -6.96 -7.42
CA ALA A 78 -4.44 -5.71 -8.16
C ALA A 78 -3.13 -5.50 -8.88
N VAL A 79 -3.22 -5.12 -10.16
CA VAL A 79 -2.05 -4.76 -10.96
C VAL A 79 -2.36 -3.43 -11.66
N GLY A 80 -1.40 -2.84 -12.32
CA GLY A 80 -1.60 -1.56 -12.95
C GLY A 80 -1.52 -0.48 -11.92
N GLU A 81 -2.21 0.62 -12.16
CA GLU A 81 -2.35 1.73 -11.23
C GLU A 81 -2.96 1.28 -9.93
N ILE A 82 -2.17 1.26 -8.93
CA ILE A 82 -2.60 0.95 -7.61
C ILE A 82 -2.39 2.15 -6.81
N HIS A 83 -3.46 2.61 -6.33
CA HIS A 83 -3.50 3.85 -5.70
C HIS A 83 -3.64 3.66 -4.25
N MET A 84 -2.69 4.06 -3.53
CA MET A 84 -2.78 3.95 -2.13
C MET A 84 -2.58 5.29 -1.53
N LYS A 85 -3.10 5.48 -0.39
CA LYS A 85 -2.90 6.68 0.34
C LYS A 85 -2.30 6.28 1.62
N THR A 86 -1.19 6.82 1.93
CA THR A 86 -0.53 6.46 3.13
C THR A 86 -0.37 7.67 4.04
N MET A 87 -0.65 7.49 5.29
CA MET A 87 -0.46 8.54 6.29
C MET A 87 0.75 8.16 7.08
N PRO A 88 1.37 9.07 7.83
CA PRO A 88 2.57 8.73 8.66
C PRO A 88 2.24 7.84 9.88
N ALA A 89 1.04 7.24 9.86
CA ALA A 89 0.55 6.36 10.91
C ALA A 89 0.35 7.11 12.22
N ALA A 90 0.20 8.40 12.09
CA ALA A 90 -0.05 9.25 13.21
C ALA A 90 -1.53 9.48 13.28
N GLU A 7 -10.75 15.03 0.85
CA GLU A 7 -11.10 14.58 2.21
C GLU A 7 -9.86 14.62 3.06
N THR A 8 -9.09 13.50 3.05
CA THR A 8 -7.81 13.40 3.73
C THR A 8 -7.92 13.50 5.29
N MET A 9 -7.15 12.70 5.97
CA MET A 9 -7.07 12.76 7.41
C MET A 9 -6.02 13.78 7.79
N GLY A 10 -4.78 13.46 7.52
CA GLY A 10 -3.70 14.34 7.83
C GLY A 10 -2.40 13.66 7.53
N ASN A 11 -1.61 14.29 6.67
CA ASN A 11 -0.34 13.73 6.18
C ASN A 11 -0.56 12.45 5.42
N VAL A 12 -0.72 12.59 4.14
CA VAL A 12 -1.02 11.51 3.30
C VAL A 12 -0.04 11.50 2.16
N THR A 13 0.51 10.38 1.98
CA THR A 13 1.41 10.09 0.97
C THR A 13 0.77 9.06 0.09
N THR A 14 0.40 9.49 -1.06
CA THR A 14 -0.19 8.63 -1.99
C THR A 14 0.90 7.83 -2.65
N VAL A 15 0.64 6.59 -2.79
CA VAL A 15 1.53 5.68 -3.37
C VAL A 15 0.92 5.15 -4.60
N LEU A 16 1.67 5.07 -5.63
CA LEU A 16 1.20 4.47 -6.79
C LEU A 16 2.07 3.33 -7.14
N ILE A 17 1.50 2.21 -7.13
CA ILE A 17 2.20 1.04 -7.49
C ILE A 17 1.87 0.74 -8.92
N ARG A 18 2.87 0.44 -9.67
CA ARG A 18 2.68 -0.07 -10.97
C ARG A 18 3.17 -1.48 -10.94
N ARG A 19 2.24 -2.36 -10.87
CA ARG A 19 2.48 -3.76 -10.80
C ARG A 19 2.26 -4.39 -12.17
N PRO A 20 3.33 -4.85 -12.83
CA PRO A 20 3.25 -5.44 -14.18
C PRO A 20 2.26 -6.61 -14.28
N ASP A 21 2.21 -7.44 -13.24
CA ASP A 21 1.33 -8.61 -13.19
C ASP A 21 1.46 -9.27 -11.83
N LEU A 22 0.78 -10.39 -11.65
CA LEU A 22 0.70 -11.07 -10.37
C LEU A 22 1.98 -11.80 -9.95
N ARG A 23 2.95 -11.87 -10.83
CA ARG A 23 4.24 -12.46 -10.49
C ARG A 23 5.13 -11.45 -9.82
N TYR A 24 4.74 -10.20 -9.91
CA TYR A 24 5.47 -9.13 -9.29
C TYR A 24 4.73 -8.73 -8.06
N GLN A 25 5.26 -9.02 -6.91
CA GLN A 25 4.62 -8.63 -5.69
C GLN A 25 4.94 -7.21 -5.35
N LEU A 26 4.15 -6.63 -4.47
CA LEU A 26 4.22 -5.22 -4.07
C LEU A 26 5.64 -4.85 -3.66
N GLY A 27 6.20 -5.61 -2.74
CA GLY A 27 7.56 -5.36 -2.35
C GLY A 27 7.66 -4.66 -1.03
N PHE A 28 6.67 -4.87 -0.19
CA PHE A 28 6.69 -4.31 1.13
C PHE A 28 5.92 -5.24 2.03
N SER A 29 6.28 -5.24 3.26
CA SER A 29 5.63 -6.07 4.24
C SER A 29 4.75 -5.19 5.10
N VAL A 30 3.49 -5.51 5.18
CA VAL A 30 2.59 -4.70 5.93
C VAL A 30 2.09 -5.50 7.13
N GLN A 31 1.94 -4.84 8.25
CA GLN A 31 1.38 -5.45 9.41
C GLN A 31 0.11 -4.73 9.82
N ASN A 32 -1.02 -5.35 9.48
CA ASN A 32 -2.39 -4.86 9.80
C ASN A 32 -2.67 -3.50 9.20
N GLY A 33 -1.95 -3.17 8.15
CA GLY A 33 -2.14 -1.92 7.47
C GLY A 33 -0.94 -1.01 7.59
N ILE A 34 0.00 -1.37 8.43
CA ILE A 34 1.17 -0.52 8.61
C ILE A 34 2.41 -1.18 8.02
N ILE A 35 2.99 -0.52 7.07
CA ILE A 35 4.21 -0.95 6.40
C ILE A 35 5.36 -1.11 7.39
N CYS A 36 5.77 -2.34 7.59
CA CYS A 36 6.81 -2.67 8.53
C CYS A 36 8.17 -2.63 7.85
N SER A 37 8.23 -3.08 6.62
CA SER A 37 9.47 -3.14 5.91
C SER A 37 9.23 -2.94 4.43
N LEU A 38 10.20 -2.39 3.75
CA LEU A 38 10.14 -2.15 2.34
C LEU A 38 11.29 -2.86 1.66
N MET A 39 11.02 -3.48 0.55
CA MET A 39 12.04 -4.17 -0.19
C MET A 39 12.73 -3.18 -1.12
N ARG A 40 14.02 -3.03 -0.92
CA ARG A 40 14.83 -2.08 -1.64
C ARG A 40 14.85 -2.47 -3.11
N GLY A 41 14.57 -1.53 -3.96
CA GLY A 41 14.63 -1.76 -5.36
C GLY A 41 13.34 -2.30 -5.94
N GLY A 42 12.36 -2.56 -5.08
CA GLY A 42 11.13 -3.15 -5.53
C GLY A 42 10.16 -2.11 -6.03
N ILE A 43 9.04 -2.56 -6.60
CA ILE A 43 8.02 -1.66 -7.10
C ILE A 43 7.47 -0.75 -6.04
N ALA A 44 7.37 -1.25 -4.83
CA ALA A 44 6.87 -0.47 -3.72
C ALA A 44 7.76 0.75 -3.47
N GLU A 45 9.05 0.56 -3.60
CA GLU A 45 10.01 1.62 -3.39
C GLU A 45 9.84 2.68 -4.47
N ARG A 46 9.63 2.24 -5.71
CA ARG A 46 9.41 3.20 -6.80
C ARG A 46 7.99 3.73 -6.80
N GLY A 47 7.13 3.05 -6.08
CA GLY A 47 5.76 3.45 -5.95
C GLY A 47 5.59 4.55 -4.95
N GLY A 48 6.54 4.65 -4.04
CA GLY A 48 6.49 5.67 -3.03
C GLY A 48 6.11 5.14 -1.66
N VAL A 49 6.18 3.83 -1.52
CA VAL A 49 5.87 3.18 -0.26
C VAL A 49 6.97 3.50 0.74
N ARG A 50 6.60 3.78 1.97
CA ARG A 50 7.55 4.09 3.03
C ARG A 50 7.16 3.35 4.25
N VAL A 51 8.13 3.06 5.03
CA VAL A 51 7.99 2.27 6.24
C VAL A 51 7.46 3.16 7.37
N GLY A 52 6.64 2.58 8.24
CA GLY A 52 6.06 3.34 9.33
C GLY A 52 4.85 4.09 8.85
N HIS A 53 4.29 3.58 7.79
CA HIS A 53 3.14 4.18 7.16
C HIS A 53 1.96 3.26 7.23
N ARG A 54 0.83 3.81 7.59
CA ARG A 54 -0.40 3.08 7.61
C ARG A 54 -1.12 3.36 6.34
N ILE A 55 -1.46 2.34 5.64
CA ILE A 55 -2.20 2.48 4.42
C ILE A 55 -3.64 2.73 4.75
N ILE A 56 -4.19 3.77 4.21
CA ILE A 56 -5.54 4.10 4.46
C ILE A 56 -6.44 3.83 3.30
N GLU A 57 -5.86 3.63 2.14
CA GLU A 57 -6.69 3.50 0.95
C GLU A 57 -5.95 2.73 -0.07
N ILE A 58 -6.67 1.96 -0.84
CA ILE A 58 -6.15 1.17 -1.91
C ILE A 58 -7.18 1.20 -3.04
N ASN A 59 -6.74 1.60 -4.22
CA ASN A 59 -7.55 1.67 -5.46
C ASN A 59 -8.87 2.44 -5.35
N GLY A 60 -8.95 3.35 -4.40
CA GLY A 60 -10.14 4.17 -4.27
C GLY A 60 -10.98 3.82 -3.07
N GLN A 61 -10.62 2.76 -2.36
CA GLN A 61 -11.35 2.39 -1.18
C GLN A 61 -10.50 2.52 0.06
N SER A 62 -11.02 3.20 1.04
CA SER A 62 -10.36 3.36 2.31
C SER A 62 -10.36 2.02 3.03
N VAL A 63 -9.20 1.41 3.10
CA VAL A 63 -9.05 0.09 3.65
C VAL A 63 -8.52 0.20 5.05
N VAL A 64 -8.57 1.39 5.56
CA VAL A 64 -8.06 1.70 6.86
C VAL A 64 -8.88 1.02 7.97
N ALA A 65 -10.06 0.56 7.63
CA ALA A 65 -10.91 -0.14 8.55
C ALA A 65 -11.22 -1.53 8.00
N THR A 66 -10.52 -1.90 6.95
CA THR A 66 -10.71 -3.13 6.26
C THR A 66 -9.89 -4.22 6.95
N PRO A 67 -10.42 -5.46 7.06
CA PRO A 67 -9.72 -6.58 7.69
C PRO A 67 -8.38 -6.87 7.02
N HIS A 68 -7.44 -7.32 7.84
CA HIS A 68 -6.08 -7.72 7.46
C HIS A 68 -6.09 -8.55 6.18
N GLU A 69 -6.86 -9.63 6.17
CA GLU A 69 -6.93 -10.52 5.03
C GLU A 69 -7.38 -9.78 3.81
N LYS A 70 -8.41 -8.96 3.97
CA LYS A 70 -8.96 -8.23 2.87
C LYS A 70 -7.92 -7.34 2.26
N ILE A 71 -7.31 -6.51 3.07
CA ILE A 71 -6.26 -5.58 2.63
C ILE A 71 -5.17 -6.33 1.83
N VAL A 72 -4.78 -7.49 2.31
CA VAL A 72 -3.76 -8.28 1.65
C VAL A 72 -4.31 -8.91 0.36
N HIS A 73 -5.57 -9.30 0.39
CA HIS A 73 -6.23 -9.96 -0.72
C HIS A 73 -6.44 -8.97 -1.86
N ILE A 74 -6.81 -7.73 -1.51
CA ILE A 74 -6.97 -6.68 -2.48
C ILE A 74 -5.63 -6.39 -3.16
N LEU A 75 -4.58 -6.21 -2.37
CA LEU A 75 -3.24 -5.93 -2.91
C LEU A 75 -2.73 -7.04 -3.79
N SER A 76 -2.86 -8.26 -3.32
CA SER A 76 -2.41 -9.44 -4.03
C SER A 76 -3.17 -9.65 -5.35
N ASN A 77 -4.40 -9.18 -5.42
CA ASN A 77 -5.20 -9.35 -6.65
C ASN A 77 -5.05 -8.19 -7.61
N ALA A 78 -4.60 -7.06 -7.14
CA ALA A 78 -4.51 -5.88 -7.97
C ALA A 78 -3.16 -5.76 -8.63
N VAL A 79 -3.17 -5.37 -9.90
CA VAL A 79 -1.97 -5.08 -10.65
C VAL A 79 -2.18 -3.74 -11.36
N GLY A 80 -1.19 -3.26 -12.08
CA GLY A 80 -1.30 -2.00 -12.75
C GLY A 80 -1.16 -0.89 -11.79
N GLU A 81 -1.78 0.22 -12.09
CA GLU A 81 -1.85 1.36 -11.20
C GLU A 81 -2.61 1.01 -9.97
N ILE A 82 -1.95 1.01 -8.88
CA ILE A 82 -2.59 0.79 -7.63
C ILE A 82 -2.38 2.03 -6.83
N HIS A 83 -3.45 2.67 -6.49
CA HIS A 83 -3.38 3.94 -5.81
C HIS A 83 -3.60 3.70 -4.36
N MET A 84 -2.67 4.03 -3.55
CA MET A 84 -2.84 3.85 -2.14
C MET A 84 -2.59 5.14 -1.46
N LYS A 85 -3.11 5.28 -0.29
CA LYS A 85 -2.88 6.46 0.48
C LYS A 85 -2.28 6.00 1.75
N THR A 86 -1.17 6.51 2.09
CA THR A 86 -0.52 6.10 3.29
C THR A 86 -0.31 7.30 4.21
N MET A 87 -0.42 7.10 5.49
CA MET A 87 -0.20 8.15 6.46
C MET A 87 0.98 7.74 7.30
N PRO A 88 1.57 8.61 8.13
CA PRO A 88 2.72 8.25 9.01
C PRO A 88 2.31 7.32 10.18
N ALA A 89 1.27 6.50 9.95
CA ALA A 89 0.73 5.56 10.92
C ALA A 89 0.30 6.30 12.18
N ALA A 90 -0.47 7.32 11.95
CA ALA A 90 -0.99 8.16 12.98
C ALA A 90 -2.50 8.10 12.91
N GLU A 7 -12.70 8.75 4.54
CA GLU A 7 -11.78 9.88 4.60
C GLU A 7 -11.19 10.05 5.99
N THR A 8 -9.98 9.66 6.14
CA THR A 8 -9.22 9.89 7.33
C THR A 8 -8.10 10.83 6.92
N MET A 9 -7.67 11.71 7.78
CA MET A 9 -6.76 12.72 7.31
C MET A 9 -5.75 13.17 8.37
N GLY A 10 -4.51 13.12 7.97
CA GLY A 10 -3.41 13.63 8.73
C GLY A 10 -2.50 14.33 7.78
N ASN A 11 -1.74 13.55 7.10
CA ASN A 11 -0.97 13.97 5.97
C ASN A 11 -0.86 12.77 5.13
N VAL A 12 -1.52 12.86 4.05
CA VAL A 12 -1.67 11.80 3.17
C VAL A 12 -0.66 11.91 2.10
N THR A 13 -0.02 10.87 1.93
CA THR A 13 0.96 10.69 0.96
C THR A 13 0.52 9.51 0.12
N THR A 14 0.14 9.81 -1.07
CA THR A 14 -0.34 8.86 -1.98
C THR A 14 0.79 8.10 -2.60
N VAL A 15 0.59 6.85 -2.72
CA VAL A 15 1.52 5.99 -3.33
C VAL A 15 0.92 5.43 -4.56
N LEU A 16 1.65 5.45 -5.61
CA LEU A 16 1.19 4.87 -6.79
C LEU A 16 2.12 3.78 -7.24
N ILE A 17 1.61 2.62 -7.25
CA ILE A 17 2.31 1.45 -7.67
C ILE A 17 1.91 1.17 -9.09
N ARG A 18 2.86 0.79 -9.89
CA ARG A 18 2.57 0.27 -11.17
C ARG A 18 3.01 -1.16 -11.17
N ARG A 19 2.08 -2.02 -11.01
CA ARG A 19 2.33 -3.41 -10.95
C ARG A 19 2.10 -4.05 -12.30
N PRO A 20 3.15 -4.62 -12.92
CA PRO A 20 3.06 -5.27 -14.23
C PRO A 20 1.89 -6.28 -14.30
N ASP A 21 1.86 -7.22 -13.38
CA ASP A 21 0.80 -8.22 -13.30
C ASP A 21 0.99 -9.03 -12.04
N LEU A 22 0.24 -10.11 -11.89
CA LEU A 22 0.22 -10.89 -10.67
C LEU A 22 1.51 -11.65 -10.40
N ARG A 23 2.34 -11.79 -11.41
CA ARG A 23 3.64 -12.47 -11.27
C ARG A 23 4.62 -11.63 -10.45
N TYR A 24 4.26 -10.38 -10.23
CA TYR A 24 5.04 -9.46 -9.49
C TYR A 24 4.28 -9.14 -8.25
N GLN A 25 4.93 -8.97 -7.16
CA GLN A 25 4.26 -8.55 -5.97
C GLN A 25 4.76 -7.21 -5.53
N LEU A 26 4.08 -6.68 -4.55
CA LEU A 26 4.28 -5.33 -4.04
C LEU A 26 5.71 -5.13 -3.55
N GLY A 27 6.10 -5.89 -2.55
CA GLY A 27 7.43 -5.76 -2.05
C GLY A 27 7.49 -4.99 -0.76
N PHE A 28 6.51 -5.21 0.07
CA PHE A 28 6.48 -4.62 1.40
C PHE A 28 5.63 -5.49 2.29
N SER A 29 5.76 -5.32 3.55
CA SER A 29 5.02 -6.10 4.52
C SER A 29 4.14 -5.15 5.32
N VAL A 30 2.87 -5.45 5.43
CA VAL A 30 1.95 -4.58 6.11
C VAL A 30 1.27 -5.33 7.27
N GLN A 31 1.12 -4.68 8.40
CA GLN A 31 0.40 -5.24 9.52
C GLN A 31 -0.60 -4.22 10.01
N ASN A 32 -1.87 -4.60 10.01
CA ASN A 32 -3.01 -3.70 10.36
C ASN A 32 -3.15 -2.53 9.38
N GLY A 33 -2.45 -2.64 8.27
CA GLY A 33 -2.47 -1.58 7.30
C GLY A 33 -1.26 -0.69 7.46
N ILE A 34 -0.40 -1.03 8.38
CA ILE A 34 0.80 -0.25 8.62
C ILE A 34 2.00 -0.99 8.07
N ILE A 35 2.67 -0.36 7.14
CA ILE A 35 3.87 -0.87 6.51
C ILE A 35 4.96 -1.03 7.55
N CYS A 36 5.38 -2.26 7.73
CA CYS A 36 6.37 -2.60 8.72
C CYS A 36 7.76 -2.66 8.08
N SER A 37 7.83 -3.16 6.88
CA SER A 37 9.08 -3.30 6.18
C SER A 37 8.86 -3.16 4.68
N LEU A 38 9.89 -2.71 3.98
CA LEU A 38 9.85 -2.48 2.56
C LEU A 38 11.03 -3.20 1.89
N MET A 39 10.81 -3.71 0.70
CA MET A 39 11.88 -4.38 -0.02
C MET A 39 12.57 -3.39 -0.95
N ARG A 40 13.84 -3.17 -0.66
CA ARG A 40 14.71 -2.26 -1.38
C ARG A 40 14.90 -2.77 -2.80
N GLY A 41 14.48 -1.99 -3.74
CA GLY A 41 14.55 -2.35 -5.14
C GLY A 41 13.22 -2.83 -5.67
N GLY A 42 12.30 -3.09 -4.76
CA GLY A 42 11.01 -3.59 -5.14
C GLY A 42 10.09 -2.49 -5.64
N ILE A 43 9.05 -2.87 -6.36
CA ILE A 43 8.09 -1.90 -6.92
C ILE A 43 7.49 -0.99 -5.88
N ALA A 44 7.22 -1.50 -4.69
CA ALA A 44 6.66 -0.70 -3.60
C ALA A 44 7.54 0.50 -3.31
N GLU A 45 8.82 0.27 -3.26
CA GLU A 45 9.76 1.32 -2.98
C GLU A 45 9.85 2.29 -4.15
N ARG A 46 9.79 1.75 -5.34
CA ARG A 46 9.83 2.54 -6.56
C ARG A 46 8.55 3.41 -6.67
N GLY A 47 7.45 2.85 -6.19
CA GLY A 47 6.15 3.52 -6.19
C GLY A 47 6.06 4.62 -5.15
N GLY A 48 6.90 4.56 -4.14
CA GLY A 48 6.92 5.61 -3.13
C GLY A 48 6.40 5.16 -1.78
N VAL A 49 6.40 3.85 -1.55
CA VAL A 49 5.96 3.30 -0.29
C VAL A 49 7.01 3.60 0.79
N ARG A 50 6.55 3.85 1.98
CA ARG A 50 7.40 4.15 3.11
C ARG A 50 7.00 3.34 4.28
N VAL A 51 7.98 2.93 5.00
CA VAL A 51 7.81 2.17 6.20
C VAL A 51 7.33 3.09 7.31
N GLY A 52 6.45 2.60 8.16
CA GLY A 52 5.90 3.41 9.22
C GLY A 52 4.74 4.20 8.70
N HIS A 53 4.17 3.71 7.64
CA HIS A 53 3.05 4.33 7.02
C HIS A 53 1.84 3.46 7.11
N ARG A 54 0.75 4.08 7.46
CA ARG A 54 -0.50 3.40 7.49
C ARG A 54 -1.15 3.64 6.17
N ILE A 55 -1.52 2.60 5.51
CA ILE A 55 -2.25 2.72 4.29
C ILE A 55 -3.70 2.90 4.63
N ILE A 56 -4.26 3.95 4.14
CA ILE A 56 -5.60 4.26 4.41
C ILE A 56 -6.51 3.95 3.25
N GLU A 57 -5.94 3.68 2.09
CA GLU A 57 -6.77 3.43 0.92
C GLU A 57 -5.94 2.77 -0.14
N ILE A 58 -6.55 1.85 -0.85
CA ILE A 58 -5.92 1.09 -1.92
C ILE A 58 -6.89 0.95 -3.06
N ASN A 59 -6.47 1.43 -4.23
CA ASN A 59 -7.18 1.26 -5.52
C ASN A 59 -8.66 1.72 -5.45
N GLY A 60 -8.92 2.73 -4.63
CA GLY A 60 -10.27 3.26 -4.54
C GLY A 60 -11.04 2.79 -3.32
N GLN A 61 -10.46 1.95 -2.49
CA GLN A 61 -11.15 1.52 -1.29
C GLN A 61 -10.35 1.81 -0.05
N SER A 62 -10.97 2.43 0.91
CA SER A 62 -10.33 2.76 2.14
C SER A 62 -10.19 1.50 2.94
N VAL A 63 -8.97 1.03 3.07
CA VAL A 63 -8.69 -0.22 3.70
C VAL A 63 -8.23 0.02 5.12
N VAL A 64 -8.50 1.22 5.58
CA VAL A 64 -8.09 1.66 6.87
C VAL A 64 -8.91 0.99 7.99
N ALA A 65 -9.96 0.30 7.60
CA ALA A 65 -10.78 -0.45 8.52
C ALA A 65 -10.94 -1.87 7.99
N THR A 66 -10.05 -2.24 7.12
CA THR A 66 -10.00 -3.50 6.49
C THR A 66 -8.94 -4.34 7.21
N PRO A 67 -9.22 -5.62 7.48
CA PRO A 67 -8.26 -6.50 8.16
C PRO A 67 -7.05 -6.84 7.30
N HIS A 68 -5.98 -7.23 7.99
CA HIS A 68 -4.66 -7.59 7.44
C HIS A 68 -4.77 -8.44 6.19
N GLU A 69 -5.46 -9.57 6.29
CA GLU A 69 -5.51 -10.49 5.18
C GLU A 69 -6.24 -9.89 4.00
N LYS A 70 -7.32 -9.15 4.26
CA LYS A 70 -8.03 -8.52 3.17
C LYS A 70 -7.15 -7.57 2.44
N ILE A 71 -6.51 -6.69 3.17
CA ILE A 71 -5.60 -5.71 2.62
C ILE A 71 -4.56 -6.39 1.71
N VAL A 72 -4.01 -7.49 2.17
CA VAL A 72 -3.02 -8.23 1.40
C VAL A 72 -3.66 -8.96 0.19
N HIS A 73 -4.88 -9.44 0.39
CA HIS A 73 -5.60 -10.23 -0.62
C HIS A 73 -5.99 -9.33 -1.78
N ILE A 74 -6.41 -8.14 -1.45
CA ILE A 74 -6.81 -7.15 -2.40
C ILE A 74 -5.59 -6.63 -3.15
N LEU A 75 -4.50 -6.38 -2.42
CA LEU A 75 -3.22 -5.98 -3.05
C LEU A 75 -2.74 -7.06 -4.01
N SER A 76 -2.79 -8.30 -3.56
CA SER A 76 -2.39 -9.47 -4.32
C SER A 76 -3.17 -9.58 -5.64
N ASN A 77 -4.37 -9.09 -5.68
CA ASN A 77 -5.19 -9.18 -6.89
C ASN A 77 -5.19 -7.92 -7.72
N ALA A 78 -4.59 -6.87 -7.22
CA ALA A 78 -4.59 -5.62 -7.97
C ALA A 78 -3.27 -5.39 -8.66
N VAL A 79 -3.32 -5.08 -9.95
CA VAL A 79 -2.11 -4.76 -10.70
C VAL A 79 -2.36 -3.42 -11.41
N GLY A 80 -1.39 -2.91 -12.15
CA GLY A 80 -1.55 -1.66 -12.85
C GLY A 80 -1.26 -0.50 -11.95
N GLU A 81 -1.86 0.64 -12.23
CA GLU A 81 -1.72 1.81 -11.41
C GLU A 81 -2.58 1.68 -10.19
N ILE A 82 -1.95 1.52 -9.07
CA ILE A 82 -2.62 1.35 -7.83
C ILE A 82 -2.36 2.55 -6.96
N HIS A 83 -3.42 3.25 -6.63
CA HIS A 83 -3.32 4.42 -5.79
C HIS A 83 -3.56 4.00 -4.37
N MET A 84 -2.60 4.20 -3.55
CA MET A 84 -2.77 3.94 -2.16
C MET A 84 -2.59 5.23 -1.45
N LYS A 85 -3.12 5.36 -0.30
CA LYS A 85 -2.97 6.56 0.44
C LYS A 85 -2.34 6.17 1.71
N THR A 86 -1.24 6.70 1.99
CA THR A 86 -0.55 6.35 3.18
C THR A 86 -0.33 7.57 4.06
N MET A 87 -0.35 7.38 5.35
CA MET A 87 -0.09 8.45 6.30
C MET A 87 1.00 7.97 7.22
N PRO A 88 1.62 8.84 8.07
CA PRO A 88 2.72 8.42 9.01
C PRO A 88 2.25 7.55 10.19
N ALA A 89 1.33 6.67 9.87
CA ALA A 89 0.76 5.69 10.77
C ALA A 89 0.18 6.28 12.02
N ALA A 90 -0.74 7.19 11.80
CA ALA A 90 -1.54 7.76 12.85
C ALA A 90 -2.41 6.65 13.41
N GLU A 7 -9.10 17.90 -0.26
CA GLU A 7 -9.00 16.87 0.76
C GLU A 7 -7.73 17.01 1.58
N THR A 8 -7.86 17.53 2.76
CA THR A 8 -6.76 17.63 3.67
C THR A 8 -7.25 17.31 5.09
N MET A 9 -6.88 16.16 5.55
CA MET A 9 -7.31 15.69 6.85
C MET A 9 -6.14 15.72 7.80
N GLY A 10 -4.98 15.45 7.27
CA GLY A 10 -3.80 15.42 8.05
C GLY A 10 -2.60 15.28 7.19
N ASN A 11 -2.02 14.12 7.23
CA ASN A 11 -0.84 13.83 6.46
C ASN A 11 -1.07 12.59 5.66
N VAL A 12 -1.23 12.78 4.39
CA VAL A 12 -1.45 11.72 3.49
C VAL A 12 -0.45 11.84 2.39
N THR A 13 0.20 10.80 2.19
CA THR A 13 1.15 10.62 1.20
C THR A 13 0.61 9.57 0.27
N THR A 14 0.32 9.98 -0.90
CA THR A 14 -0.27 9.12 -1.84
C THR A 14 0.81 8.35 -2.59
N VAL A 15 0.53 7.11 -2.78
CA VAL A 15 1.39 6.22 -3.43
C VAL A 15 0.70 5.70 -4.66
N LEU A 16 1.44 5.55 -5.69
CA LEU A 16 0.95 4.90 -6.80
C LEU A 16 1.94 3.84 -7.18
N ILE A 17 1.60 2.65 -6.91
CA ILE A 17 2.50 1.56 -7.12
C ILE A 17 2.11 0.90 -8.44
N ARG A 18 3.08 0.74 -9.30
CA ARG A 18 2.83 0.17 -10.62
C ARG A 18 3.11 -1.31 -10.62
N ARG A 19 2.09 -2.07 -10.87
CA ARG A 19 2.21 -3.49 -10.91
C ARG A 19 1.82 -4.01 -12.30
N PRO A 20 2.75 -4.63 -13.04
CA PRO A 20 2.46 -5.16 -14.39
C PRO A 20 1.41 -6.28 -14.37
N ASP A 21 1.57 -7.25 -13.50
CA ASP A 21 0.69 -8.40 -13.40
C ASP A 21 0.82 -9.05 -12.04
N LEU A 22 0.14 -10.16 -11.86
CA LEU A 22 0.05 -10.85 -10.57
C LEU A 22 1.32 -11.54 -10.12
N ARG A 23 2.23 -11.75 -11.02
CA ARG A 23 3.48 -12.43 -10.71
C ARG A 23 4.44 -11.45 -10.05
N TYR A 24 4.11 -10.18 -10.12
CA TYR A 24 4.91 -9.15 -9.51
C TYR A 24 4.36 -8.84 -8.17
N GLN A 25 5.15 -9.09 -7.16
CA GLN A 25 4.72 -8.76 -5.82
C GLN A 25 5.06 -7.35 -5.47
N LEU A 26 4.23 -6.81 -4.60
CA LEU A 26 4.24 -5.40 -4.21
C LEU A 26 5.63 -4.99 -3.72
N GLY A 27 6.19 -5.75 -2.83
CA GLY A 27 7.50 -5.45 -2.35
C GLY A 27 7.50 -4.75 -1.02
N PHE A 28 6.60 -5.14 -0.16
CA PHE A 28 6.58 -4.61 1.19
C PHE A 28 5.77 -5.55 2.06
N SER A 29 5.90 -5.39 3.34
CA SER A 29 5.18 -6.18 4.30
C SER A 29 4.41 -5.23 5.20
N VAL A 30 3.14 -5.50 5.36
CA VAL A 30 2.30 -4.65 6.12
C VAL A 30 1.82 -5.43 7.35
N GLN A 31 1.69 -4.77 8.46
CA GLN A 31 1.11 -5.39 9.63
C GLN A 31 0.07 -4.48 10.17
N ASN A 32 -1.11 -5.03 10.39
CA ASN A 32 -2.28 -4.29 10.90
C ASN A 32 -2.69 -3.10 9.94
N GLY A 33 -2.14 -3.08 8.72
CA GLY A 33 -2.43 -2.00 7.80
C GLY A 33 -1.31 -0.97 7.78
N ILE A 34 -0.24 -1.24 8.51
CA ILE A 34 0.90 -0.35 8.61
C ILE A 34 2.14 -1.07 8.08
N ILE A 35 2.79 -0.44 7.12
CA ILE A 35 3.98 -0.96 6.47
C ILE A 35 5.13 -1.05 7.46
N CYS A 36 5.67 -2.23 7.64
CA CYS A 36 6.72 -2.44 8.60
C CYS A 36 8.05 -2.71 7.89
N SER A 37 7.99 -3.23 6.69
CA SER A 37 9.19 -3.45 5.93
C SER A 37 8.93 -3.25 4.45
N LEU A 38 9.92 -2.72 3.77
CA LEU A 38 9.83 -2.40 2.36
C LEU A 38 10.98 -3.07 1.62
N MET A 39 10.68 -3.70 0.52
CA MET A 39 11.68 -4.37 -0.28
C MET A 39 12.49 -3.34 -1.04
N ARG A 40 13.76 -3.34 -0.76
CA ARG A 40 14.69 -2.45 -1.39
C ARG A 40 14.80 -2.81 -2.86
N GLY A 41 14.51 -1.87 -3.73
CA GLY A 41 14.56 -2.13 -5.16
C GLY A 41 13.23 -2.66 -5.67
N GLY A 42 12.26 -2.78 -4.78
CA GLY A 42 10.96 -3.29 -5.17
C GLY A 42 10.06 -2.22 -5.72
N ILE A 43 8.97 -2.64 -6.36
CA ILE A 43 7.99 -1.70 -6.96
C ILE A 43 7.34 -0.82 -5.94
N ALA A 44 7.18 -1.32 -4.73
CA ALA A 44 6.62 -0.55 -3.66
C ALA A 44 7.51 0.67 -3.37
N GLU A 45 8.81 0.43 -3.30
CA GLU A 45 9.75 1.49 -3.06
C GLU A 45 9.73 2.47 -4.23
N ARG A 46 9.68 1.92 -5.43
CA ARG A 46 9.62 2.73 -6.65
C ARG A 46 8.35 3.60 -6.63
N GLY A 47 7.25 3.01 -6.17
CA GLY A 47 5.97 3.67 -6.12
C GLY A 47 5.86 4.75 -5.05
N GLY A 48 6.77 4.73 -4.08
CA GLY A 48 6.75 5.76 -3.06
C GLY A 48 6.29 5.25 -1.71
N VAL A 49 6.21 3.94 -1.58
CA VAL A 49 5.82 3.32 -0.35
C VAL A 49 6.98 3.47 0.66
N ARG A 50 6.66 3.68 1.92
CA ARG A 50 7.66 3.79 2.99
C ARG A 50 7.15 3.10 4.22
N VAL A 51 8.07 2.69 5.02
CA VAL A 51 7.82 2.00 6.26
C VAL A 51 7.37 2.99 7.32
N GLY A 52 6.44 2.58 8.16
CA GLY A 52 5.91 3.46 9.17
C GLY A 52 4.71 4.18 8.64
N HIS A 53 4.20 3.71 7.53
CA HIS A 53 3.05 4.29 6.92
C HIS A 53 1.86 3.40 7.04
N ARG A 54 0.75 4.00 7.39
CA ARG A 54 -0.51 3.31 7.49
C ARG A 54 -1.22 3.51 6.20
N ILE A 55 -1.57 2.45 5.56
CA ILE A 55 -2.27 2.55 4.32
C ILE A 55 -3.74 2.75 4.58
N ILE A 56 -4.27 3.81 4.06
CA ILE A 56 -5.66 4.10 4.22
C ILE A 56 -6.46 3.78 2.97
N GLU A 57 -5.79 3.61 1.85
CA GLU A 57 -6.48 3.38 0.58
C GLU A 57 -5.64 2.56 -0.31
N ILE A 58 -6.27 1.67 -1.02
CA ILE A 58 -5.64 0.83 -1.99
C ILE A 58 -6.58 0.66 -3.16
N ASN A 59 -6.12 1.04 -4.32
CA ASN A 59 -6.79 0.79 -5.60
C ASN A 59 -8.12 1.57 -5.68
N GLY A 60 -8.25 2.57 -4.84
CA GLY A 60 -9.42 3.39 -4.87
C GLY A 60 -10.32 3.22 -3.67
N GLN A 61 -10.08 2.20 -2.87
CA GLN A 61 -10.93 1.96 -1.72
C GLN A 61 -10.19 2.10 -0.42
N SER A 62 -10.88 2.63 0.57
CA SER A 62 -10.34 2.87 1.86
C SER A 62 -10.23 1.56 2.61
N VAL A 63 -9.03 1.10 2.78
CA VAL A 63 -8.77 -0.19 3.36
C VAL A 63 -8.35 0.01 4.79
N VAL A 64 -8.59 1.18 5.29
CA VAL A 64 -8.20 1.55 6.62
C VAL A 64 -9.11 0.85 7.66
N ALA A 65 -10.25 0.38 7.18
CA ALA A 65 -11.19 -0.34 8.02
C ALA A 65 -11.32 -1.78 7.53
N THR A 66 -10.43 -2.15 6.64
CA THR A 66 -10.37 -3.42 6.05
C THR A 66 -9.42 -4.29 6.91
N PRO A 67 -9.79 -5.57 7.18
CA PRO A 67 -8.93 -6.45 7.95
C PRO A 67 -7.61 -6.75 7.20
N HIS A 68 -6.57 -7.08 7.97
CA HIS A 68 -5.21 -7.33 7.47
C HIS A 68 -5.18 -8.24 6.26
N GLU A 69 -5.77 -9.40 6.38
CA GLU A 69 -5.70 -10.36 5.32
C GLU A 69 -6.45 -9.90 4.09
N LYS A 70 -7.53 -9.13 4.30
CA LYS A 70 -8.22 -8.53 3.18
C LYS A 70 -7.31 -7.56 2.49
N ILE A 71 -6.71 -6.68 3.25
CA ILE A 71 -5.76 -5.68 2.72
C ILE A 71 -4.69 -6.38 1.85
N VAL A 72 -4.18 -7.50 2.34
CA VAL A 72 -3.21 -8.29 1.60
C VAL A 72 -3.86 -8.95 0.37
N HIS A 73 -5.12 -9.32 0.50
CA HIS A 73 -5.87 -10.00 -0.56
C HIS A 73 -6.16 -9.03 -1.68
N ILE A 74 -6.54 -7.81 -1.32
CA ILE A 74 -6.78 -6.76 -2.26
C ILE A 74 -5.47 -6.48 -3.03
N LEU A 75 -4.37 -6.34 -2.27
CA LEU A 75 -3.05 -6.09 -2.86
C LEU A 75 -2.58 -7.22 -3.76
N SER A 76 -2.71 -8.44 -3.30
CA SER A 76 -2.27 -9.62 -4.05
C SER A 76 -3.01 -9.76 -5.39
N ASN A 77 -4.23 -9.25 -5.47
CA ASN A 77 -5.03 -9.41 -6.69
C ASN A 77 -5.06 -8.15 -7.57
N ALA A 78 -4.72 -7.01 -7.02
CA ALA A 78 -4.78 -5.77 -7.77
C ALA A 78 -3.46 -5.47 -8.45
N VAL A 79 -3.51 -5.12 -9.73
CA VAL A 79 -2.33 -4.76 -10.49
C VAL A 79 -2.57 -3.39 -11.14
N GLY A 80 -1.64 -2.93 -11.93
CA GLY A 80 -1.77 -1.64 -12.58
C GLY A 80 -1.23 -0.57 -11.70
N GLU A 81 -1.56 0.66 -11.97
CA GLU A 81 -1.23 1.73 -11.09
C GLU A 81 -2.18 1.66 -9.92
N ILE A 82 -1.65 1.52 -8.73
CA ILE A 82 -2.48 1.27 -7.60
C ILE A 82 -2.40 2.42 -6.68
N HIS A 83 -3.52 2.98 -6.47
CA HIS A 83 -3.65 4.16 -5.72
C HIS A 83 -3.74 3.84 -4.28
N MET A 84 -2.75 4.21 -3.60
CA MET A 84 -2.70 4.02 -2.23
C MET A 84 -2.56 5.34 -1.54
N LYS A 85 -3.15 5.48 -0.42
CA LYS A 85 -3.04 6.69 0.34
C LYS A 85 -2.46 6.26 1.64
N THR A 86 -1.33 6.75 1.97
CA THR A 86 -0.68 6.34 3.16
C THR A 86 -0.49 7.51 4.10
N MET A 87 -0.58 7.26 5.37
CA MET A 87 -0.37 8.29 6.36
C MET A 87 0.85 7.88 7.14
N PRO A 88 1.50 8.77 7.92
CA PRO A 88 2.69 8.41 8.74
C PRO A 88 2.34 7.53 9.95
N ALA A 89 1.22 6.82 9.83
CA ALA A 89 0.68 5.91 10.85
C ALA A 89 0.29 6.64 12.12
N ALA A 90 0.05 7.92 11.96
CA ALA A 90 -0.41 8.76 13.00
C ALA A 90 -1.88 9.00 12.76
N GLU A 7 -11.36 15.46 0.18
CA GLU A 7 -10.39 15.90 1.19
C GLU A 7 -9.76 14.70 1.85
N THR A 8 -8.61 14.92 2.45
CA THR A 8 -7.92 13.94 3.25
C THR A 8 -7.10 14.67 4.30
N MET A 9 -7.59 14.67 5.51
CA MET A 9 -6.94 15.38 6.58
C MET A 9 -5.89 14.51 7.27
N GLY A 10 -4.69 15.01 7.30
CA GLY A 10 -3.61 14.36 7.97
C GLY A 10 -2.41 14.34 7.08
N ASN A 11 -1.46 13.55 7.41
CA ASN A 11 -0.30 13.41 6.58
C ASN A 11 -0.54 12.24 5.69
N VAL A 12 -1.16 12.51 4.59
CA VAL A 12 -1.50 11.53 3.65
C VAL A 12 -0.65 11.69 2.46
N THR A 13 0.08 10.71 2.24
CA THR A 13 0.96 10.61 1.16
C THR A 13 0.46 9.47 0.29
N THR A 14 0.05 9.82 -0.88
CA THR A 14 -0.47 8.90 -1.80
C THR A 14 0.69 8.16 -2.45
N VAL A 15 0.48 6.91 -2.68
CA VAL A 15 1.43 6.07 -3.30
C VAL A 15 0.85 5.48 -4.52
N LEU A 16 1.53 5.61 -5.59
CA LEU A 16 1.13 4.96 -6.77
C LEU A 16 2.11 3.86 -7.05
N ILE A 17 1.65 2.67 -6.95
CA ILE A 17 2.47 1.53 -7.18
C ILE A 17 2.06 0.94 -8.51
N ARG A 18 3.02 0.61 -9.32
CA ARG A 18 2.76 0.04 -10.61
C ARG A 18 3.06 -1.43 -10.59
N ARG A 19 2.03 -2.21 -10.54
CA ARG A 19 2.18 -3.63 -10.57
C ARG A 19 1.88 -4.16 -11.96
N PRO A 20 2.88 -4.72 -12.66
CA PRO A 20 2.68 -5.31 -13.99
C PRO A 20 1.65 -6.45 -13.97
N ASP A 21 1.76 -7.29 -12.94
CA ASP A 21 0.93 -8.46 -12.76
C ASP A 21 1.27 -9.04 -11.41
N LEU A 22 0.58 -10.09 -11.01
CA LEU A 22 0.70 -10.61 -9.65
C LEU A 22 2.02 -11.22 -9.31
N ARG A 23 2.75 -11.63 -10.30
CA ARG A 23 4.05 -12.26 -10.07
C ARG A 23 5.09 -11.25 -9.59
N TYR A 24 4.75 -9.97 -9.70
CA TYR A 24 5.63 -8.92 -9.25
C TYR A 24 5.40 -8.58 -7.79
N GLN A 25 4.22 -8.93 -7.29
CA GLN A 25 3.81 -8.63 -5.91
C GLN A 25 3.95 -7.14 -5.57
N LEU A 26 4.14 -6.82 -4.30
CA LEU A 26 4.25 -5.42 -3.89
C LEU A 26 5.70 -5.00 -3.77
N GLY A 27 6.42 -5.72 -2.93
CA GLY A 27 7.78 -5.37 -2.63
C GLY A 27 7.89 -4.83 -1.23
N PHE A 28 6.78 -4.82 -0.52
CA PHE A 28 6.76 -4.40 0.86
C PHE A 28 5.88 -5.36 1.65
N SER A 29 6.16 -5.49 2.90
CA SER A 29 5.38 -6.31 3.77
C SER A 29 4.54 -5.41 4.66
N VAL A 30 3.25 -5.59 4.62
CA VAL A 30 2.38 -4.81 5.43
C VAL A 30 1.89 -5.67 6.60
N GLN A 31 1.87 -5.10 7.77
CA GLN A 31 1.34 -5.78 8.92
C GLN A 31 0.18 -5.03 9.47
N ASN A 32 -0.99 -5.63 9.33
CA ASN A 32 -2.27 -5.07 9.82
C ASN A 32 -2.68 -3.79 9.11
N GLY A 33 -1.98 -3.47 8.05
CA GLY A 33 -2.27 -2.26 7.32
C GLY A 33 -1.13 -1.27 7.42
N ILE A 34 -0.13 -1.62 8.20
CA ILE A 34 1.02 -0.75 8.38
C ILE A 34 2.24 -1.40 7.76
N ILE A 35 2.84 -0.70 6.84
CA ILE A 35 4.04 -1.15 6.14
C ILE A 35 5.18 -1.37 7.12
N CYS A 36 5.60 -2.60 7.22
CA CYS A 36 6.56 -3.01 8.20
C CYS A 36 7.98 -3.08 7.61
N SER A 37 8.09 -3.43 6.34
CA SER A 37 9.38 -3.51 5.70
C SER A 37 9.24 -3.22 4.22
N LEU A 38 10.29 -2.69 3.62
CA LEU A 38 10.29 -2.33 2.23
C LEU A 38 11.57 -2.79 1.54
N MET A 39 11.41 -3.32 0.34
CA MET A 39 12.54 -3.73 -0.46
C MET A 39 12.94 -2.61 -1.38
N ARG A 40 14.14 -2.11 -1.19
CA ARG A 40 14.69 -1.11 -2.08
C ARG A 40 14.96 -1.83 -3.38
N GLY A 41 14.44 -1.29 -4.44
CA GLY A 41 14.54 -1.95 -5.70
C GLY A 41 13.24 -2.59 -6.07
N GLY A 42 12.40 -2.85 -5.08
CA GLY A 42 11.11 -3.43 -5.35
C GLY A 42 10.15 -2.37 -5.85
N ILE A 43 9.09 -2.79 -6.52
CA ILE A 43 8.08 -1.86 -7.07
C ILE A 43 7.47 -0.95 -6.05
N ALA A 44 7.38 -1.40 -4.83
CA ALA A 44 6.84 -0.61 -3.77
C ALA A 44 7.70 0.63 -3.52
N GLU A 45 9.01 0.44 -3.44
CA GLU A 45 9.94 1.53 -3.21
C GLU A 45 9.95 2.45 -4.42
N ARG A 46 9.77 1.86 -5.57
CA ARG A 46 9.73 2.61 -6.81
C ARG A 46 8.40 3.35 -6.95
N GLY A 47 7.42 2.93 -6.19
CA GLY A 47 6.14 3.57 -6.19
C GLY A 47 6.12 4.72 -5.23
N GLY A 48 6.78 4.54 -4.11
CA GLY A 48 6.83 5.57 -3.09
C GLY A 48 6.30 5.09 -1.78
N VAL A 49 6.23 3.78 -1.64
CA VAL A 49 5.79 3.14 -0.41
C VAL A 49 6.89 3.33 0.64
N ARG A 50 6.50 3.56 1.87
CA ARG A 50 7.45 3.74 2.95
C ARG A 50 7.00 3.02 4.17
N VAL A 51 7.96 2.55 4.88
CA VAL A 51 7.77 1.82 6.12
C VAL A 51 7.28 2.77 7.19
N GLY A 52 6.47 2.27 8.09
CA GLY A 52 5.93 3.10 9.14
C GLY A 52 4.78 3.89 8.61
N HIS A 53 4.13 3.32 7.65
CA HIS A 53 3.02 3.95 7.03
C HIS A 53 1.80 3.07 7.10
N ARG A 54 0.72 3.64 7.55
CA ARG A 54 -0.54 2.95 7.58
C ARG A 54 -1.21 3.23 6.27
N ILE A 55 -1.57 2.20 5.58
CA ILE A 55 -2.31 2.36 4.36
C ILE A 55 -3.77 2.56 4.68
N ILE A 56 -4.32 3.63 4.20
CA ILE A 56 -5.69 3.93 4.44
C ILE A 56 -6.54 3.71 3.21
N GLU A 57 -5.91 3.55 2.07
CA GLU A 57 -6.65 3.39 0.82
C GLU A 57 -5.83 2.63 -0.15
N ILE A 58 -6.48 1.84 -0.96
CA ILE A 58 -5.86 1.06 -1.99
C ILE A 58 -6.74 1.11 -3.22
N ASN A 59 -6.18 1.60 -4.30
CA ASN A 59 -6.81 1.65 -5.64
C ASN A 59 -8.14 2.43 -5.61
N GLY A 60 -8.25 3.36 -4.68
CA GLY A 60 -9.45 4.18 -4.61
C GLY A 60 -10.45 3.73 -3.57
N GLN A 61 -10.19 2.61 -2.92
CA GLN A 61 -11.08 2.15 -1.88
C GLN A 61 -10.39 2.26 -0.55
N SER A 62 -11.05 2.89 0.39
CA SER A 62 -10.49 3.06 1.69
C SER A 62 -10.53 1.71 2.38
N VAL A 63 -9.36 1.18 2.63
CA VAL A 63 -9.23 -0.12 3.19
C VAL A 63 -8.89 -0.01 4.64
N VAL A 64 -9.00 1.19 5.14
CA VAL A 64 -8.66 1.46 6.50
C VAL A 64 -9.70 0.84 7.46
N ALA A 65 -10.84 0.50 6.91
CA ALA A 65 -11.92 -0.13 7.65
C ALA A 65 -12.09 -1.57 7.18
N THR A 66 -11.14 -2.01 6.38
CA THR A 66 -11.10 -3.30 5.83
C THR A 66 -10.23 -4.17 6.76
N PRO A 67 -10.63 -5.44 7.01
CA PRO A 67 -9.84 -6.36 7.84
C PRO A 67 -8.43 -6.52 7.28
N HIS A 68 -7.44 -6.64 8.15
CA HIS A 68 -6.04 -6.76 7.75
C HIS A 68 -5.79 -7.84 6.70
N GLU A 69 -6.44 -8.99 6.85
CA GLU A 69 -6.22 -10.07 5.92
C GLU A 69 -6.79 -9.70 4.57
N LYS A 70 -7.89 -8.96 4.58
CA LYS A 70 -8.52 -8.55 3.38
C LYS A 70 -7.63 -7.56 2.67
N ILE A 71 -7.10 -6.60 3.42
CA ILE A 71 -6.17 -5.59 2.90
C ILE A 71 -5.02 -6.29 2.16
N VAL A 72 -4.49 -7.33 2.80
CA VAL A 72 -3.40 -8.09 2.22
C VAL A 72 -3.88 -8.88 0.99
N HIS A 73 -5.14 -9.30 1.02
CA HIS A 73 -5.72 -10.14 -0.03
C HIS A 73 -5.93 -9.28 -1.27
N ILE A 74 -6.35 -8.06 -1.02
CA ILE A 74 -6.57 -7.06 -2.03
C ILE A 74 -5.23 -6.64 -2.63
N LEU A 75 -4.27 -6.30 -1.78
CA LEU A 75 -2.90 -5.96 -2.24
C LEU A 75 -2.27 -7.12 -2.97
N SER A 76 -2.62 -8.30 -2.61
CA SER A 76 -2.12 -9.48 -3.24
C SER A 76 -2.68 -9.67 -4.66
N ASN A 77 -3.87 -9.12 -4.95
CA ASN A 77 -4.53 -9.41 -6.23
C ASN A 77 -4.87 -8.18 -7.09
N ALA A 78 -4.42 -7.02 -6.69
CA ALA A 78 -4.68 -5.79 -7.49
C ALA A 78 -3.45 -5.47 -8.34
N VAL A 79 -3.58 -5.40 -9.65
CA VAL A 79 -2.42 -5.03 -10.48
C VAL A 79 -2.69 -3.68 -11.18
N GLY A 80 -1.68 -3.10 -11.80
CA GLY A 80 -1.83 -1.86 -12.49
C GLY A 80 -1.33 -0.71 -11.68
N GLU A 81 -1.79 0.47 -12.02
CA GLU A 81 -1.48 1.68 -11.28
C GLU A 81 -2.40 1.74 -10.07
N ILE A 82 -1.84 1.59 -8.89
CA ILE A 82 -2.65 1.50 -7.72
C ILE A 82 -2.38 2.70 -6.84
N HIS A 83 -3.40 3.51 -6.62
CA HIS A 83 -3.29 4.69 -5.78
C HIS A 83 -3.62 4.29 -4.38
N MET A 84 -2.66 4.31 -3.52
CA MET A 84 -2.88 4.02 -2.14
C MET A 84 -2.68 5.27 -1.37
N LYS A 85 -3.19 5.35 -0.20
CA LYS A 85 -2.96 6.50 0.62
C LYS A 85 -2.32 6.01 1.85
N THR A 86 -1.22 6.55 2.16
CA THR A 86 -0.52 6.11 3.31
C THR A 86 -0.27 7.27 4.25
N MET A 87 -0.36 7.02 5.53
CA MET A 87 -0.13 8.02 6.55
C MET A 87 1.06 7.56 7.35
N PRO A 88 1.65 8.37 8.29
CA PRO A 88 2.81 7.95 9.11
C PRO A 88 2.42 6.98 10.24
N ALA A 89 1.37 6.22 9.97
CA ALA A 89 0.79 5.24 10.86
C ALA A 89 0.32 5.88 12.14
N ALA A 90 -0.50 6.85 11.96
CA ALA A 90 -1.15 7.52 13.03
C ALA A 90 -2.49 6.86 13.17
N GLU A 7 -5.96 14.26 -2.19
CA GLU A 7 -6.83 14.17 -1.03
C GLU A 7 -6.03 14.42 0.22
N THR A 8 -6.49 15.30 1.04
CA THR A 8 -5.83 15.64 2.26
C THR A 8 -6.61 15.13 3.46
N MET A 9 -6.07 14.13 4.11
CA MET A 9 -6.65 13.60 5.33
C MET A 9 -5.86 14.12 6.52
N GLY A 10 -4.66 14.57 6.25
CA GLY A 10 -3.79 15.05 7.29
C GLY A 10 -2.46 14.40 7.17
N ASN A 11 -1.72 14.85 6.15
CA ASN A 11 -0.42 14.29 5.78
C ASN A 11 -0.57 12.91 5.23
N VAL A 12 -0.80 12.88 3.96
CA VAL A 12 -1.07 11.72 3.22
C VAL A 12 -0.11 11.68 2.12
N THR A 13 0.49 10.60 2.00
CA THR A 13 1.41 10.35 1.03
C THR A 13 0.80 9.33 0.11
N THR A 14 0.41 9.77 -1.02
CA THR A 14 -0.20 8.94 -1.95
C THR A 14 0.86 8.15 -2.67
N VAL A 15 0.61 6.91 -2.82
CA VAL A 15 1.49 6.04 -3.46
C VAL A 15 0.87 5.54 -4.70
N LEU A 16 1.63 5.54 -5.74
CA LEU A 16 1.19 4.95 -6.92
C LEU A 16 2.14 3.85 -7.26
N ILE A 17 1.71 2.68 -7.03
CA ILE A 17 2.53 1.55 -7.19
C ILE A 17 2.14 0.87 -8.48
N ARG A 18 3.11 0.64 -9.33
CA ARG A 18 2.87 0.03 -10.62
C ARG A 18 3.11 -1.43 -10.57
N ARG A 19 2.11 -2.17 -10.91
CA ARG A 19 2.21 -3.58 -10.91
C ARG A 19 1.76 -4.17 -12.25
N PRO A 20 2.68 -4.63 -13.09
CA PRO A 20 2.34 -5.22 -14.40
C PRO A 20 1.29 -6.34 -14.32
N ASP A 21 1.49 -7.26 -13.39
CA ASP A 21 0.61 -8.40 -13.20
C ASP A 21 0.97 -9.08 -11.89
N LEU A 22 0.37 -10.22 -11.65
CA LEU A 22 0.49 -10.92 -10.38
C LEU A 22 1.86 -11.55 -10.16
N ARG A 23 2.60 -11.77 -11.23
CA ARG A 23 3.96 -12.30 -11.12
C ARG A 23 4.92 -11.25 -10.58
N TYR A 24 4.46 -10.03 -10.55
CA TYR A 24 5.20 -8.95 -9.97
C TYR A 24 4.57 -8.68 -8.65
N GLN A 25 5.30 -8.76 -7.59
CA GLN A 25 4.71 -8.49 -6.32
C GLN A 25 5.07 -7.16 -5.77
N LEU A 26 4.20 -6.71 -4.89
CA LEU A 26 4.20 -5.39 -4.25
C LEU A 26 5.60 -4.98 -3.80
N GLY A 27 6.19 -5.78 -2.95
CA GLY A 27 7.51 -5.48 -2.49
C GLY A 27 7.50 -4.76 -1.17
N PHE A 28 6.54 -5.07 -0.33
CA PHE A 28 6.48 -4.52 1.00
C PHE A 28 5.61 -5.42 1.83
N SER A 29 5.74 -5.31 3.12
CA SER A 29 4.98 -6.08 4.02
C SER A 29 4.17 -5.14 4.89
N VAL A 30 2.88 -5.34 4.89
CA VAL A 30 2.01 -4.50 5.63
C VAL A 30 1.30 -5.38 6.68
N GLN A 31 1.23 -4.90 7.88
CA GLN A 31 0.51 -5.60 8.89
C GLN A 31 -0.59 -4.74 9.43
N ASN A 32 -1.82 -5.16 9.13
CA ASN A 32 -3.06 -4.49 9.61
C ASN A 32 -3.24 -3.14 8.94
N GLY A 33 -2.46 -2.92 7.91
CA GLY A 33 -2.52 -1.67 7.18
C GLY A 33 -1.31 -0.83 7.41
N ILE A 34 -0.43 -1.25 8.29
CA ILE A 34 0.75 -0.45 8.57
C ILE A 34 1.98 -1.14 8.01
N ILE A 35 2.73 -0.40 7.22
CA ILE A 35 3.92 -0.90 6.56
C ILE A 35 5.01 -1.11 7.58
N CYS A 36 5.41 -2.35 7.75
CA CYS A 36 6.39 -2.70 8.73
C CYS A 36 7.76 -2.91 8.06
N SER A 37 7.73 -3.33 6.81
CA SER A 37 8.94 -3.57 6.07
C SER A 37 8.72 -3.33 4.57
N LEU A 38 9.77 -2.93 3.89
CA LEU A 38 9.74 -2.63 2.48
C LEU A 38 10.86 -3.40 1.80
N MET A 39 10.69 -3.67 0.53
CA MET A 39 11.71 -4.31 -0.24
C MET A 39 12.42 -3.27 -1.08
N ARG A 40 13.71 -3.19 -0.89
CA ARG A 40 14.55 -2.29 -1.65
C ARG A 40 14.61 -2.81 -3.09
N GLY A 41 14.33 -1.94 -4.02
CA GLY A 41 14.32 -2.32 -5.42
C GLY A 41 12.97 -2.85 -5.85
N GLY A 42 12.06 -2.96 -4.88
CA GLY A 42 10.75 -3.44 -5.17
C GLY A 42 9.87 -2.36 -5.72
N ILE A 43 8.78 -2.74 -6.36
CA ILE A 43 7.86 -1.76 -6.94
C ILE A 43 7.25 -0.83 -5.92
N ALA A 44 7.09 -1.31 -4.70
CA ALA A 44 6.59 -0.50 -3.62
C ALA A 44 7.54 0.65 -3.29
N GLU A 45 8.83 0.37 -3.31
CA GLU A 45 9.86 1.39 -3.08
C GLU A 45 9.71 2.49 -4.11
N ARG A 46 9.58 2.06 -5.36
CA ARG A 46 9.42 2.93 -6.52
C ARG A 46 8.11 3.71 -6.38
N GLY A 47 7.09 3.01 -5.90
CA GLY A 47 5.76 3.55 -5.73
C GLY A 47 5.69 4.67 -4.73
N GLY A 48 6.54 4.62 -3.72
CA GLY A 48 6.54 5.65 -2.72
C GLY A 48 6.17 5.10 -1.37
N VAL A 49 6.11 3.80 -1.28
CA VAL A 49 5.78 3.11 -0.07
C VAL A 49 6.96 3.23 0.89
N ARG A 50 6.69 3.55 2.15
CA ARG A 50 7.70 3.68 3.19
C ARG A 50 7.15 3.17 4.49
N VAL A 51 8.02 2.61 5.24
CA VAL A 51 7.74 1.96 6.49
C VAL A 51 7.28 2.97 7.54
N GLY A 52 6.36 2.54 8.38
CA GLY A 52 5.85 3.41 9.42
C GLY A 52 4.73 4.27 8.91
N HIS A 53 4.18 3.87 7.81
CA HIS A 53 3.05 4.54 7.23
C HIS A 53 1.91 3.56 7.14
N ARG A 54 0.71 4.06 7.26
CA ARG A 54 -0.47 3.23 7.18
C ARG A 54 -1.16 3.43 5.88
N ILE A 55 -1.51 2.35 5.26
CA ILE A 55 -2.27 2.34 4.04
C ILE A 55 -3.71 2.65 4.41
N ILE A 56 -4.22 3.77 3.97
CA ILE A 56 -5.57 4.12 4.25
C ILE A 56 -6.49 3.86 3.07
N GLU A 57 -5.91 3.66 1.91
CA GLU A 57 -6.68 3.43 0.71
C GLU A 57 -5.84 2.69 -0.28
N ILE A 58 -6.46 1.83 -1.05
CA ILE A 58 -5.82 1.05 -2.09
C ILE A 58 -6.74 0.99 -3.28
N ASN A 59 -6.25 1.44 -4.42
CA ASN A 59 -6.92 1.31 -5.73
C ASN A 59 -8.31 1.99 -5.72
N GLY A 60 -8.49 2.94 -4.82
CA GLY A 60 -9.73 3.66 -4.76
C GLY A 60 -10.60 3.28 -3.57
N GLN A 61 -10.27 2.24 -2.84
CA GLN A 61 -11.07 1.85 -1.71
C GLN A 61 -10.33 2.10 -0.43
N SER A 62 -11.02 2.68 0.51
CA SER A 62 -10.46 2.95 1.80
C SER A 62 -10.32 1.64 2.58
N VAL A 63 -9.09 1.24 2.81
CA VAL A 63 -8.79 0.00 3.45
C VAL A 63 -8.26 0.28 4.83
N VAL A 64 -8.55 1.46 5.29
CA VAL A 64 -8.07 1.93 6.55
C VAL A 64 -8.78 1.21 7.72
N ALA A 65 -9.92 0.62 7.43
CA ALA A 65 -10.64 -0.13 8.42
C ALA A 65 -10.76 -1.57 7.95
N THR A 66 -9.99 -1.90 6.94
CA THR A 66 -9.97 -3.20 6.36
C THR A 66 -9.03 -4.11 7.16
N PRO A 67 -9.44 -5.36 7.43
CA PRO A 67 -8.62 -6.34 8.16
C PRO A 67 -7.29 -6.64 7.44
N HIS A 68 -6.30 -7.07 8.24
CA HIS A 68 -4.95 -7.46 7.80
C HIS A 68 -5.01 -8.35 6.57
N GLU A 69 -5.74 -9.43 6.70
CA GLU A 69 -5.84 -10.44 5.67
C GLU A 69 -6.38 -9.85 4.40
N LYS A 70 -7.38 -9.02 4.54
CA LYS A 70 -8.03 -8.38 3.43
C LYS A 70 -7.09 -7.52 2.70
N ILE A 71 -6.47 -6.61 3.42
CA ILE A 71 -5.50 -5.69 2.86
C ILE A 71 -4.43 -6.45 2.06
N VAL A 72 -3.98 -7.55 2.62
CA VAL A 72 -2.97 -8.37 1.96
C VAL A 72 -3.55 -9.12 0.73
N HIS A 73 -4.78 -9.61 0.86
CA HIS A 73 -5.43 -10.40 -0.19
C HIS A 73 -5.76 -9.51 -1.38
N ILE A 74 -6.23 -8.34 -1.06
CA ILE A 74 -6.62 -7.36 -2.01
C ILE A 74 -5.39 -6.80 -2.72
N LEU A 75 -4.32 -6.51 -1.96
CA LEU A 75 -3.04 -6.09 -2.57
C LEU A 75 -2.50 -7.17 -3.49
N SER A 76 -2.56 -8.41 -3.02
CA SER A 76 -2.06 -9.56 -3.76
C SER A 76 -2.76 -9.73 -5.12
N ASN A 77 -3.99 -9.26 -5.26
CA ASN A 77 -4.71 -9.47 -6.51
C ASN A 77 -4.89 -8.21 -7.32
N ALA A 78 -4.44 -7.09 -6.80
CA ALA A 78 -4.58 -5.85 -7.54
C ALA A 78 -3.30 -5.52 -8.25
N VAL A 79 -3.42 -5.21 -9.54
CA VAL A 79 -2.27 -4.86 -10.35
C VAL A 79 -2.55 -3.52 -11.07
N GLY A 80 -1.62 -3.05 -11.86
CA GLY A 80 -1.73 -1.81 -12.57
C GLY A 80 -1.18 -0.69 -11.75
N GLU A 81 -1.54 0.51 -12.10
CA GLU A 81 -1.21 1.67 -11.30
C GLU A 81 -2.15 1.68 -10.11
N ILE A 82 -1.60 1.60 -8.92
CA ILE A 82 -2.45 1.47 -7.78
C ILE A 82 -2.28 2.67 -6.89
N HIS A 83 -3.36 3.39 -6.73
CA HIS A 83 -3.40 4.57 -5.89
C HIS A 83 -3.61 4.14 -4.47
N MET A 84 -2.64 4.31 -3.68
CA MET A 84 -2.80 4.05 -2.28
C MET A 84 -2.59 5.33 -1.57
N LYS A 85 -3.12 5.43 -0.42
CA LYS A 85 -2.96 6.62 0.35
C LYS A 85 -2.35 6.18 1.63
N THR A 86 -1.24 6.69 1.95
CA THR A 86 -0.59 6.30 3.16
C THR A 86 -0.46 7.49 4.12
N MET A 87 -0.64 7.25 5.40
CA MET A 87 -0.51 8.30 6.42
C MET A 87 0.58 7.87 7.36
N PRO A 88 1.07 8.72 8.30
CA PRO A 88 2.13 8.33 9.28
C PRO A 88 1.63 7.33 10.37
N ALA A 89 0.60 6.53 10.01
CA ALA A 89 -0.01 5.51 10.87
C ALA A 89 -0.58 6.13 12.13
N ALA A 90 -1.10 7.31 11.95
CA ALA A 90 -1.71 8.09 12.97
C ALA A 90 -3.12 8.34 12.53
N GLU A 7 -13.30 18.50 5.41
CA GLU A 7 -12.46 17.32 5.42
C GLU A 7 -11.61 17.26 4.19
N THR A 8 -10.40 16.88 4.41
CA THR A 8 -9.42 16.75 3.39
C THR A 8 -8.50 15.62 3.83
N MET A 9 -7.79 15.01 2.91
CA MET A 9 -6.90 13.94 3.27
C MET A 9 -5.55 14.50 3.70
N GLY A 10 -5.49 14.91 4.94
CA GLY A 10 -4.29 15.48 5.49
C GLY A 10 -3.44 14.42 6.12
N ASN A 11 -2.13 14.60 6.01
CA ASN A 11 -1.13 13.63 6.49
C ASN A 11 -1.27 12.36 5.74
N VAL A 12 -1.14 12.47 4.46
CA VAL A 12 -1.34 11.41 3.58
C VAL A 12 -0.32 11.49 2.50
N THR A 13 0.33 10.44 2.35
CA THR A 13 1.28 10.25 1.37
C THR A 13 0.70 9.22 0.44
N THR A 14 0.43 9.63 -0.74
CA THR A 14 -0.11 8.75 -1.69
C THR A 14 1.01 8.00 -2.36
N VAL A 15 0.81 6.76 -2.55
CA VAL A 15 1.73 5.89 -3.13
C VAL A 15 1.14 5.36 -4.38
N LEU A 16 1.93 5.25 -5.37
CA LEU A 16 1.47 4.67 -6.53
C LEU A 16 2.31 3.49 -6.88
N ILE A 17 1.72 2.38 -6.79
CA ILE A 17 2.34 1.17 -7.15
C ILE A 17 1.88 0.84 -8.52
N ARG A 18 2.79 0.69 -9.41
CA ARG A 18 2.43 0.24 -10.70
C ARG A 18 2.88 -1.15 -10.87
N ARG A 19 1.93 -1.98 -10.75
CA ARG A 19 2.10 -3.38 -10.81
C ARG A 19 1.62 -3.90 -12.15
N PRO A 20 2.54 -4.33 -13.02
CA PRO A 20 2.18 -4.87 -14.34
C PRO A 20 1.14 -6.02 -14.23
N ASP A 21 1.45 -6.99 -13.38
CA ASP A 21 0.58 -8.15 -13.15
C ASP A 21 1.03 -8.84 -11.88
N LEU A 22 0.46 -9.99 -11.60
CA LEU A 22 0.67 -10.71 -10.35
C LEU A 22 2.07 -11.28 -10.20
N ARG A 23 2.79 -11.38 -11.31
CA ARG A 23 4.19 -11.85 -11.30
C ARG A 23 5.07 -10.87 -10.55
N TYR A 24 4.61 -9.65 -10.48
CA TYR A 24 5.32 -8.61 -9.83
C TYR A 24 4.62 -8.35 -8.55
N GLN A 25 5.25 -8.64 -7.46
CA GLN A 25 4.64 -8.44 -6.17
C GLN A 25 4.98 -7.07 -5.66
N LEU A 26 4.21 -6.61 -4.70
CA LEU A 26 4.29 -5.24 -4.15
C LEU A 26 5.73 -4.91 -3.72
N GLY A 27 6.27 -5.71 -2.85
CA GLY A 27 7.60 -5.49 -2.38
C GLY A 27 7.64 -4.80 -1.04
N PHE A 28 6.60 -4.93 -0.27
CA PHE A 28 6.57 -4.37 1.06
C PHE A 28 5.78 -5.27 1.97
N SER A 29 6.06 -5.19 3.24
CA SER A 29 5.38 -5.99 4.23
C SER A 29 4.46 -5.08 5.05
N VAL A 30 3.27 -5.54 5.32
CA VAL A 30 2.30 -4.73 6.00
C VAL A 30 1.70 -5.49 7.20
N GLN A 31 1.57 -4.79 8.30
CA GLN A 31 0.96 -5.33 9.49
C GLN A 31 -0.12 -4.37 9.98
N ASN A 32 -1.34 -4.89 10.07
CA ASN A 32 -2.59 -4.11 10.36
C ASN A 32 -2.89 -3.08 9.28
N GLY A 33 -2.11 -3.08 8.23
CA GLY A 33 -2.24 -2.08 7.20
C GLY A 33 -1.13 -1.06 7.33
N ILE A 34 -0.27 -1.27 8.28
CA ILE A 34 0.88 -0.39 8.49
C ILE A 34 2.11 -1.07 7.93
N ILE A 35 2.76 -0.37 7.05
CA ILE A 35 3.95 -0.83 6.37
C ILE A 35 5.10 -1.00 7.36
N CYS A 36 5.56 -2.22 7.50
CA CYS A 36 6.59 -2.56 8.46
C CYS A 36 7.96 -2.70 7.81
N SER A 37 8.00 -3.07 6.55
CA SER A 37 9.26 -3.25 5.87
C SER A 37 9.07 -3.05 4.37
N LEU A 38 10.15 -2.71 3.70
CA LEU A 38 10.16 -2.45 2.29
C LEU A 38 11.34 -3.17 1.63
N MET A 39 11.12 -3.72 0.46
CA MET A 39 12.15 -4.38 -0.31
C MET A 39 12.79 -3.36 -1.26
N ARG A 40 14.09 -3.26 -1.20
CA ARG A 40 14.81 -2.32 -2.01
C ARG A 40 14.90 -2.84 -3.46
N GLY A 41 14.65 -1.97 -4.41
CA GLY A 41 14.69 -2.36 -5.80
C GLY A 41 13.38 -2.92 -6.28
N GLY A 42 12.41 -2.95 -5.39
CA GLY A 42 11.11 -3.47 -5.72
C GLY A 42 10.22 -2.36 -6.16
N ILE A 43 9.08 -2.71 -6.75
CA ILE A 43 8.12 -1.71 -7.19
C ILE A 43 7.66 -0.79 -6.09
N ALA A 44 7.50 -1.32 -4.89
CA ALA A 44 7.05 -0.53 -3.75
C ALA A 44 7.97 0.65 -3.44
N GLU A 45 9.26 0.43 -3.60
CA GLU A 45 10.26 1.47 -3.36
C GLU A 45 10.01 2.62 -4.33
N ARG A 46 9.86 2.24 -5.58
CA ARG A 46 9.70 3.19 -6.67
C ARG A 46 8.28 3.74 -6.70
N GLY A 47 7.40 3.07 -6.01
CA GLY A 47 6.03 3.48 -5.86
C GLY A 47 5.88 4.58 -4.82
N GLY A 48 6.87 4.68 -3.96
CA GLY A 48 6.88 5.72 -2.97
C GLY A 48 6.50 5.21 -1.61
N VAL A 49 6.56 3.91 -1.45
CA VAL A 49 6.21 3.27 -0.21
C VAL A 49 7.22 3.60 0.87
N ARG A 50 6.73 3.95 2.03
CA ARG A 50 7.55 4.25 3.16
C ARG A 50 7.03 3.53 4.35
N VAL A 51 7.94 3.01 5.08
CA VAL A 51 7.69 2.23 6.26
C VAL A 51 7.22 3.15 7.40
N GLY A 52 6.36 2.63 8.26
CA GLY A 52 5.84 3.43 9.34
C GLY A 52 4.64 4.21 8.88
N HIS A 53 4.02 3.71 7.85
CA HIS A 53 2.87 4.34 7.27
C HIS A 53 1.68 3.41 7.27
N ARG A 54 0.54 3.97 7.58
CA ARG A 54 -0.72 3.24 7.61
C ARG A 54 -1.39 3.40 6.28
N ILE A 55 -1.63 2.33 5.62
CA ILE A 55 -2.34 2.38 4.36
C ILE A 55 -3.81 2.60 4.63
N ILE A 56 -4.34 3.65 4.09
CA ILE A 56 -5.70 3.96 4.25
C ILE A 56 -6.52 3.61 3.04
N GLU A 57 -5.85 3.36 1.93
CA GLU A 57 -6.56 3.13 0.69
C GLU A 57 -5.68 2.45 -0.28
N ILE A 58 -6.25 1.56 -1.04
CA ILE A 58 -5.56 0.81 -2.06
C ILE A 58 -6.38 0.84 -3.32
N ASN A 59 -5.78 1.31 -4.39
CA ASN A 59 -6.35 1.30 -5.76
C ASN A 59 -7.48 2.32 -5.95
N GLY A 60 -8.08 2.73 -4.86
CA GLY A 60 -9.21 3.61 -4.88
C GLY A 60 -10.20 3.26 -3.79
N GLN A 61 -9.96 2.14 -3.12
CA GLN A 61 -10.84 1.68 -2.07
C GLN A 61 -10.16 1.86 -0.74
N SER A 62 -10.81 2.59 0.15
CA SER A 62 -10.27 2.84 1.44
C SER A 62 -10.30 1.55 2.26
N VAL A 63 -9.13 1.04 2.54
CA VAL A 63 -8.98 -0.20 3.22
C VAL A 63 -8.60 0.05 4.65
N VAL A 64 -8.82 1.27 5.06
CA VAL A 64 -8.51 1.70 6.39
C VAL A 64 -9.49 1.10 7.40
N ALA A 65 -10.60 0.63 6.89
CA ALA A 65 -11.63 -0.02 7.67
C ALA A 65 -11.69 -1.49 7.30
N THR A 66 -10.69 -1.93 6.58
CA THR A 66 -10.56 -3.25 6.12
C THR A 66 -9.54 -3.96 7.04
N PRO A 67 -9.79 -5.21 7.44
CA PRO A 67 -8.87 -5.97 8.30
C PRO A 67 -7.65 -6.52 7.53
N HIS A 68 -6.64 -7.01 8.27
CA HIS A 68 -5.36 -7.57 7.73
C HIS A 68 -5.62 -8.51 6.57
N GLU A 69 -6.46 -9.49 6.81
CA GLU A 69 -6.75 -10.56 5.87
C GLU A 69 -7.24 -10.01 4.54
N LYS A 70 -8.14 -9.03 4.62
CA LYS A 70 -8.67 -8.43 3.45
C LYS A 70 -7.70 -7.55 2.76
N ILE A 71 -7.03 -6.69 3.51
CA ILE A 71 -6.02 -5.79 2.94
C ILE A 71 -4.98 -6.60 2.15
N VAL A 72 -4.62 -7.75 2.71
CA VAL A 72 -3.69 -8.65 2.06
C VAL A 72 -4.34 -9.30 0.82
N HIS A 73 -5.62 -9.64 0.94
CA HIS A 73 -6.39 -10.31 -0.12
C HIS A 73 -6.49 -9.38 -1.33
N ILE A 74 -6.69 -8.13 -1.05
CA ILE A 74 -6.82 -7.11 -2.02
C ILE A 74 -5.49 -6.82 -2.72
N LEU A 75 -4.44 -6.54 -1.92
CA LEU A 75 -3.09 -6.27 -2.48
C LEU A 75 -2.59 -7.42 -3.35
N SER A 76 -2.82 -8.62 -2.90
CA SER A 76 -2.37 -9.82 -3.56
C SER A 76 -3.01 -9.97 -4.97
N ASN A 77 -4.21 -9.45 -5.15
CA ASN A 77 -4.92 -9.62 -6.42
C ASN A 77 -4.91 -8.35 -7.26
N ALA A 78 -4.54 -7.25 -6.67
CA ALA A 78 -4.61 -5.99 -7.37
C ALA A 78 -3.33 -5.67 -8.09
N VAL A 79 -3.48 -5.24 -9.34
CA VAL A 79 -2.38 -4.85 -10.19
C VAL A 79 -2.81 -3.56 -10.93
N GLY A 80 -1.93 -2.98 -11.70
CA GLY A 80 -2.22 -1.78 -12.42
C GLY A 80 -1.67 -0.60 -11.69
N GLU A 81 -2.16 0.58 -12.02
CA GLU A 81 -1.81 1.76 -11.31
C GLU A 81 -2.59 1.75 -10.01
N ILE A 82 -1.93 1.52 -8.94
CA ILE A 82 -2.58 1.38 -7.68
C ILE A 82 -2.29 2.60 -6.85
N HIS A 83 -3.32 3.34 -6.54
CA HIS A 83 -3.17 4.53 -5.75
C HIS A 83 -3.49 4.15 -4.38
N MET A 84 -2.52 4.16 -3.62
CA MET A 84 -2.59 3.73 -2.31
C MET A 84 -2.36 4.95 -1.48
N LYS A 85 -3.04 5.11 -0.39
CA LYS A 85 -2.88 6.30 0.37
C LYS A 85 -2.45 5.91 1.70
N THR A 86 -1.43 6.53 2.17
CA THR A 86 -0.88 6.15 3.42
C THR A 86 -0.77 7.36 4.33
N MET A 87 -0.80 7.13 5.61
CA MET A 87 -0.62 8.20 6.59
C MET A 87 0.56 7.81 7.44
N PRO A 88 1.13 8.69 8.30
CA PRO A 88 2.29 8.34 9.19
C PRO A 88 1.88 7.42 10.35
N ALA A 89 0.77 6.71 10.15
CA ALA A 89 0.19 5.73 11.07
C ALA A 89 -0.47 6.35 12.30
N ALA A 90 -0.49 7.65 12.34
CA ALA A 90 -1.16 8.37 13.37
C ALA A 90 -2.57 8.62 12.92
N GLU A 7 -11.94 13.38 0.33
CA GLU A 7 -10.52 13.64 0.51
C GLU A 7 -10.09 13.06 1.84
N THR A 8 -8.84 12.71 1.97
CA THR A 8 -8.28 12.31 3.22
C THR A 8 -7.53 13.49 3.80
N MET A 9 -7.92 13.88 4.99
CA MET A 9 -7.38 15.07 5.60
C MET A 9 -6.16 14.74 6.43
N GLY A 10 -5.16 15.55 6.33
CA GLY A 10 -3.99 15.39 7.15
C GLY A 10 -2.77 15.14 6.33
N ASN A 11 -1.84 14.42 6.89
CA ASN A 11 -0.61 14.08 6.23
C ASN A 11 -0.80 12.78 5.53
N VAL A 12 -1.04 12.88 4.28
CA VAL A 12 -1.33 11.77 3.45
C VAL A 12 -0.43 11.81 2.27
N THR A 13 0.17 10.73 2.03
CA THR A 13 1.05 10.54 0.97
C THR A 13 0.49 9.47 0.08
N THR A 14 0.15 9.87 -1.08
CA THR A 14 -0.42 9.01 -2.03
C THR A 14 0.68 8.25 -2.73
N VAL A 15 0.53 6.98 -2.76
CA VAL A 15 1.45 6.12 -3.36
C VAL A 15 0.87 5.56 -4.60
N LEU A 16 1.64 5.51 -5.62
CA LEU A 16 1.23 4.87 -6.77
C LEU A 16 2.17 3.75 -7.05
N ILE A 17 1.71 2.57 -6.87
CA ILE A 17 2.48 1.40 -7.12
C ILE A 17 2.07 0.92 -8.48
N ARG A 18 3.01 0.55 -9.28
CA ARG A 18 2.73 0.05 -10.57
C ARG A 18 3.15 -1.37 -10.69
N ARG A 19 2.16 -2.19 -10.63
CA ARG A 19 2.34 -3.60 -10.62
C ARG A 19 2.02 -4.18 -12.00
N PRO A 20 3.02 -4.72 -12.70
CA PRO A 20 2.83 -5.30 -14.05
C PRO A 20 1.74 -6.42 -14.12
N ASP A 21 1.90 -7.45 -13.29
CA ASP A 21 0.96 -8.58 -13.26
C ASP A 21 1.00 -9.25 -11.90
N LEU A 22 0.26 -10.34 -11.75
CA LEU A 22 0.08 -11.01 -10.46
C LEU A 22 1.31 -11.71 -9.94
N ARG A 23 2.23 -11.96 -10.82
CA ARG A 23 3.48 -12.60 -10.46
C ARG A 23 4.43 -11.61 -9.83
N TYR A 24 4.08 -10.36 -9.92
CA TYR A 24 4.79 -9.33 -9.27
C TYR A 24 4.04 -9.08 -8.03
N GLN A 25 4.71 -8.80 -7.01
CA GLN A 25 4.08 -8.52 -5.76
C GLN A 25 3.99 -7.01 -5.60
N LEU A 26 3.86 -6.55 -4.39
CA LEU A 26 3.83 -5.13 -4.14
C LEU A 26 5.24 -4.71 -3.83
N GLY A 27 5.86 -5.41 -2.90
CA GLY A 27 7.23 -5.14 -2.57
C GLY A 27 7.36 -4.57 -1.18
N PHE A 28 6.37 -4.80 -0.36
CA PHE A 28 6.42 -4.34 1.01
C PHE A 28 5.65 -5.28 1.89
N SER A 29 5.97 -5.28 3.15
CA SER A 29 5.30 -6.09 4.10
C SER A 29 4.39 -5.19 4.91
N VAL A 30 3.13 -5.48 4.92
CA VAL A 30 2.20 -4.66 5.63
C VAL A 30 1.66 -5.46 6.80
N GLN A 31 1.68 -4.88 7.96
CA GLN A 31 1.16 -5.51 9.12
C GLN A 31 -0.08 -4.81 9.57
N ASN A 32 -1.21 -5.41 9.26
CA ASN A 32 -2.53 -4.94 9.69
C ASN A 32 -2.91 -3.62 9.03
N GLY A 33 -2.18 -3.28 7.99
CA GLY A 33 -2.42 -2.04 7.29
C GLY A 33 -1.27 -1.08 7.42
N ILE A 34 -0.26 -1.46 8.19
CA ILE A 34 0.90 -0.59 8.40
C ILE A 34 2.13 -1.23 7.79
N ILE A 35 2.75 -0.51 6.89
CA ILE A 35 3.95 -0.94 6.22
C ILE A 35 5.09 -1.06 7.23
N CYS A 36 5.51 -2.26 7.49
CA CYS A 36 6.54 -2.49 8.48
C CYS A 36 7.88 -2.83 7.81
N SER A 37 7.85 -3.24 6.57
CA SER A 37 9.07 -3.56 5.86
C SER A 37 8.89 -3.26 4.37
N LEU A 38 9.98 -2.91 3.71
CA LEU A 38 9.94 -2.56 2.32
C LEU A 38 11.09 -3.22 1.57
N MET A 39 10.81 -3.66 0.36
CA MET A 39 11.81 -4.18 -0.52
C MET A 39 12.47 -3.00 -1.19
N ARG A 40 13.65 -2.68 -0.76
CA ARG A 40 14.33 -1.51 -1.24
C ARG A 40 14.96 -1.79 -2.58
N GLY A 41 14.37 -1.23 -3.59
CA GLY A 41 14.76 -1.46 -4.95
C GLY A 41 13.61 -2.08 -5.70
N GLY A 42 12.65 -2.58 -4.94
CA GLY A 42 11.48 -3.21 -5.51
C GLY A 42 10.45 -2.20 -5.95
N ILE A 43 9.36 -2.67 -6.51
CA ILE A 43 8.31 -1.79 -7.02
C ILE A 43 7.72 -0.86 -5.99
N ALA A 44 7.49 -1.36 -4.79
CA ALA A 44 6.90 -0.54 -3.74
C ALA A 44 7.80 0.62 -3.37
N GLU A 45 9.11 0.37 -3.36
CA GLU A 45 10.09 1.40 -3.06
C GLU A 45 9.97 2.48 -4.09
N ARG A 46 9.90 2.06 -5.32
CA ARG A 46 9.89 2.96 -6.43
C ARG A 46 8.51 3.65 -6.55
N GLY A 47 7.51 2.96 -6.04
CA GLY A 47 6.15 3.46 -6.03
C GLY A 47 5.95 4.56 -5.00
N GLY A 48 6.84 4.64 -4.02
CA GLY A 48 6.75 5.70 -3.02
C GLY A 48 6.31 5.18 -1.67
N VAL A 49 6.25 3.87 -1.56
CA VAL A 49 5.88 3.22 -0.33
C VAL A 49 7.04 3.34 0.65
N ARG A 50 6.74 3.67 1.88
CA ARG A 50 7.75 3.75 2.94
C ARG A 50 7.21 3.14 4.18
N VAL A 51 8.10 2.70 4.99
CA VAL A 51 7.82 2.00 6.20
C VAL A 51 7.45 2.97 7.30
N GLY A 52 6.46 2.61 8.09
CA GLY A 52 5.99 3.48 9.13
C GLY A 52 4.72 4.17 8.73
N HIS A 53 4.22 3.79 7.59
CA HIS A 53 3.01 4.34 7.07
C HIS A 53 1.87 3.36 7.18
N ARG A 54 0.71 3.87 7.47
CA ARG A 54 -0.51 3.08 7.44
C ARG A 54 -1.16 3.37 6.14
N ILE A 55 -1.57 2.35 5.47
CA ILE A 55 -2.28 2.54 4.25
C ILE A 55 -3.73 2.73 4.56
N ILE A 56 -4.26 3.82 4.12
CA ILE A 56 -5.63 4.12 4.34
C ILE A 56 -6.49 3.88 3.10
N GLU A 57 -5.84 3.69 1.97
CA GLU A 57 -6.59 3.47 0.72
C GLU A 57 -5.74 2.71 -0.22
N ILE A 58 -6.35 1.81 -0.93
CA ILE A 58 -5.69 1.00 -1.94
C ILE A 58 -6.63 0.86 -3.11
N ASN A 59 -6.16 1.24 -4.28
CA ASN A 59 -6.87 1.00 -5.56
C ASN A 59 -8.15 1.86 -5.63
N GLY A 60 -8.24 2.83 -4.74
CA GLY A 60 -9.39 3.69 -4.70
C GLY A 60 -10.35 3.33 -3.58
N GLN A 61 -10.06 2.28 -2.84
CA GLN A 61 -10.91 1.91 -1.73
C GLN A 61 -10.19 2.10 -0.43
N SER A 62 -10.86 2.76 0.48
CA SER A 62 -10.33 3.01 1.79
C SER A 62 -10.25 1.69 2.54
N VAL A 63 -9.05 1.26 2.85
CA VAL A 63 -8.82 0.01 3.49
C VAL A 63 -8.38 0.25 4.91
N VAL A 64 -8.63 1.45 5.38
CA VAL A 64 -8.20 1.87 6.68
C VAL A 64 -9.00 1.17 7.80
N ALA A 65 -10.11 0.58 7.44
CA ALA A 65 -10.89 -0.18 8.39
C ALA A 65 -11.01 -1.63 7.91
N THR A 66 -10.27 -1.93 6.88
CA THR A 66 -10.26 -3.22 6.26
C THR A 66 -9.35 -4.17 7.08
N PRO A 67 -9.79 -5.44 7.30
CA PRO A 67 -9.00 -6.43 8.04
C PRO A 67 -7.65 -6.78 7.36
N HIS A 68 -6.72 -7.28 8.16
CA HIS A 68 -5.36 -7.71 7.77
C HIS A 68 -5.42 -8.55 6.51
N GLU A 69 -6.19 -9.61 6.58
CA GLU A 69 -6.41 -10.56 5.50
C GLU A 69 -6.83 -9.85 4.24
N LYS A 70 -7.86 -9.05 4.38
CA LYS A 70 -8.46 -8.35 3.26
C LYS A 70 -7.48 -7.48 2.57
N ILE A 71 -6.84 -6.62 3.33
CA ILE A 71 -5.84 -5.70 2.82
C ILE A 71 -4.78 -6.46 2.00
N VAL A 72 -4.38 -7.60 2.52
CA VAL A 72 -3.38 -8.43 1.86
C VAL A 72 -3.96 -9.16 0.62
N HIS A 73 -5.20 -9.57 0.71
CA HIS A 73 -5.84 -10.35 -0.34
C HIS A 73 -6.15 -9.46 -1.54
N ILE A 74 -6.54 -8.25 -1.24
CA ILE A 74 -6.84 -7.25 -2.21
C ILE A 74 -5.54 -6.84 -2.90
N LEU A 75 -4.50 -6.56 -2.11
CA LEU A 75 -3.18 -6.23 -2.64
C LEU A 75 -2.64 -7.34 -3.54
N SER A 76 -2.85 -8.57 -3.12
CA SER A 76 -2.40 -9.74 -3.84
C SER A 76 -3.05 -9.85 -5.24
N ASN A 77 -4.24 -9.30 -5.43
CA ASN A 77 -4.94 -9.43 -6.71
C ASN A 77 -4.94 -8.17 -7.55
N ALA A 78 -4.66 -7.05 -6.95
CA ALA A 78 -4.71 -5.79 -7.68
C ALA A 78 -3.38 -5.46 -8.32
N VAL A 79 -3.39 -5.19 -9.61
CA VAL A 79 -2.18 -4.83 -10.34
C VAL A 79 -2.45 -3.51 -11.10
N GLY A 80 -1.47 -3.03 -11.84
CA GLY A 80 -1.62 -1.80 -12.59
C GLY A 80 -1.22 -0.62 -11.77
N GLU A 81 -1.75 0.54 -12.10
CA GLU A 81 -1.54 1.73 -11.34
C GLU A 81 -2.42 1.68 -10.11
N ILE A 82 -1.82 1.48 -8.97
CA ILE A 82 -2.57 1.32 -7.74
C ILE A 82 -2.36 2.54 -6.90
N HIS A 83 -3.43 3.24 -6.64
CA HIS A 83 -3.39 4.45 -5.85
C HIS A 83 -3.67 4.11 -4.44
N MET A 84 -2.71 4.35 -3.61
CA MET A 84 -2.87 4.11 -2.22
C MET A 84 -2.66 5.41 -1.49
N LYS A 85 -3.19 5.51 -0.32
CA LYS A 85 -2.99 6.68 0.49
C LYS A 85 -2.36 6.22 1.75
N THR A 86 -1.26 6.75 2.07
CA THR A 86 -0.55 6.33 3.23
C THR A 86 -0.38 7.50 4.23
N MET A 87 -0.53 7.22 5.50
CA MET A 87 -0.40 8.22 6.55
C MET A 87 0.71 7.77 7.48
N PRO A 88 1.17 8.60 8.46
CA PRO A 88 2.23 8.19 9.43
C PRO A 88 1.74 7.17 10.48
N ALA A 89 0.69 6.41 10.09
CA ALA A 89 0.09 5.35 10.90
C ALA A 89 -0.70 5.89 12.08
N ALA A 90 -1.06 7.14 11.98
CA ALA A 90 -1.85 7.81 12.95
C ALA A 90 -2.91 8.59 12.21
N GLU A 7 -14.69 15.38 2.60
CA GLU A 7 -13.95 14.16 2.90
C GLU A 7 -12.47 14.47 2.88
N THR A 8 -11.85 14.55 4.02
CA THR A 8 -10.47 14.86 4.07
C THR A 8 -9.77 13.93 5.07
N MET A 9 -8.48 13.81 4.92
CA MET A 9 -7.67 12.98 5.75
C MET A 9 -6.63 13.84 6.44
N GLY A 10 -5.77 13.23 7.22
CA GLY A 10 -4.78 14.00 7.95
C GLY A 10 -3.53 14.24 7.16
N ASN A 11 -2.50 13.50 7.47
CA ASN A 11 -1.25 13.61 6.77
C ASN A 11 -1.19 12.48 5.81
N VAL A 12 -1.34 12.76 4.56
CA VAL A 12 -1.46 11.73 3.57
C VAL A 12 -0.53 11.95 2.42
N THR A 13 0.10 10.91 2.06
CA THR A 13 0.97 10.79 0.99
C THR A 13 0.51 9.61 0.16
N THR A 14 0.23 9.87 -1.05
CA THR A 14 -0.29 8.91 -1.93
C THR A 14 0.84 8.09 -2.50
N VAL A 15 0.58 6.85 -2.65
CA VAL A 15 1.50 5.96 -3.25
C VAL A 15 0.90 5.43 -4.49
N LEU A 16 1.67 5.36 -5.51
CA LEU A 16 1.20 4.80 -6.69
C LEU A 16 2.07 3.65 -7.08
N ILE A 17 1.48 2.53 -7.15
CA ILE A 17 2.14 1.35 -7.53
C ILE A 17 1.87 1.11 -8.98
N ARG A 18 2.92 0.79 -9.68
CA ARG A 18 2.79 0.37 -11.04
C ARG A 18 3.13 -1.09 -11.05
N ARG A 19 2.14 -1.88 -11.10
CA ARG A 19 2.31 -3.30 -11.09
C ARG A 19 2.01 -3.91 -12.45
N PRO A 20 3.03 -4.36 -13.19
CA PRO A 20 2.84 -4.97 -14.52
C PRO A 20 1.91 -6.20 -14.51
N ASP A 21 2.05 -7.06 -13.51
CA ASP A 21 1.26 -8.29 -13.38
C ASP A 21 1.46 -8.82 -11.97
N LEU A 22 0.78 -9.89 -11.67
CA LEU A 22 0.81 -10.55 -10.40
C LEU A 22 2.14 -11.21 -10.17
N ARG A 23 2.85 -11.49 -11.27
CA ARG A 23 4.21 -12.03 -11.24
C ARG A 23 5.14 -11.07 -10.50
N TYR A 24 4.72 -9.82 -10.43
CA TYR A 24 5.44 -8.80 -9.75
C TYR A 24 4.69 -8.59 -8.48
N GLN A 25 5.31 -8.82 -7.38
CA GLN A 25 4.62 -8.65 -6.12
C GLN A 25 4.91 -7.25 -5.61
N LEU A 26 4.22 -6.82 -4.60
CA LEU A 26 4.27 -5.44 -4.14
C LEU A 26 5.66 -5.06 -3.63
N GLY A 27 6.10 -5.76 -2.63
CA GLY A 27 7.42 -5.54 -2.12
C GLY A 27 7.40 -4.76 -0.84
N PHE A 28 6.40 -4.99 -0.02
CA PHE A 28 6.32 -4.38 1.28
C PHE A 28 5.46 -5.25 2.18
N SER A 29 5.64 -5.11 3.44
CA SER A 29 4.89 -5.90 4.40
C SER A 29 4.04 -4.97 5.27
N VAL A 30 2.80 -5.37 5.49
CA VAL A 30 1.82 -4.55 6.19
C VAL A 30 1.11 -5.29 7.32
N GLN A 31 1.12 -4.67 8.48
CA GLN A 31 0.45 -5.19 9.63
C GLN A 31 -0.57 -4.16 10.12
N ASN A 32 -1.84 -4.54 10.04
CA ASN A 32 -3.02 -3.72 10.45
C ASN A 32 -3.25 -2.54 9.52
N GLY A 33 -2.43 -2.45 8.50
CA GLY A 33 -2.51 -1.35 7.57
C GLY A 33 -1.24 -0.56 7.58
N ILE A 34 -0.40 -0.80 8.55
CA ILE A 34 0.85 -0.08 8.67
C ILE A 34 1.98 -0.87 8.04
N ILE A 35 2.70 -0.22 7.15
CA ILE A 35 3.87 -0.76 6.49
C ILE A 35 5.00 -0.93 7.49
N CYS A 36 5.37 -2.16 7.72
CA CYS A 36 6.39 -2.45 8.70
C CYS A 36 7.77 -2.66 8.02
N SER A 37 7.75 -3.03 6.76
CA SER A 37 8.99 -3.23 6.02
C SER A 37 8.77 -3.07 4.51
N LEU A 38 9.81 -2.67 3.82
CA LEU A 38 9.80 -2.44 2.39
C LEU A 38 10.93 -3.25 1.75
N MET A 39 10.73 -3.69 0.53
CA MET A 39 11.72 -4.48 -0.16
C MET A 39 12.41 -3.64 -1.24
N ARG A 40 13.70 -3.58 -1.13
CA ARG A 40 14.57 -2.90 -2.08
C ARG A 40 14.43 -3.53 -3.45
N GLY A 41 14.23 -2.69 -4.45
CA GLY A 41 14.11 -3.18 -5.81
C GLY A 41 12.71 -3.66 -6.10
N GLY A 42 11.83 -3.46 -5.16
CA GLY A 42 10.47 -3.84 -5.36
C GLY A 42 9.70 -2.70 -5.93
N ILE A 43 8.56 -2.99 -6.51
CA ILE A 43 7.73 -1.93 -7.07
C ILE A 43 7.29 -0.94 -6.01
N ALA A 44 7.11 -1.41 -4.80
CA ALA A 44 6.69 -0.60 -3.69
C ALA A 44 7.68 0.50 -3.39
N GLU A 45 8.95 0.18 -3.50
CA GLU A 45 10.02 1.13 -3.23
C GLU A 45 9.96 2.27 -4.23
N ARG A 46 9.66 1.92 -5.46
CA ARG A 46 9.52 2.89 -6.55
C ARG A 46 8.09 3.42 -6.70
N GLY A 47 7.20 2.93 -5.86
CA GLY A 47 5.86 3.40 -5.84
C GLY A 47 5.67 4.52 -4.84
N GLY A 48 6.60 4.62 -3.90
CA GLY A 48 6.53 5.66 -2.90
C GLY A 48 6.18 5.11 -1.53
N VAL A 49 6.18 3.80 -1.41
CA VAL A 49 5.87 3.11 -0.18
C VAL A 49 7.00 3.34 0.83
N ARG A 50 6.63 3.56 2.09
CA ARG A 50 7.59 3.80 3.16
C ARG A 50 7.10 3.20 4.44
N VAL A 51 8.03 2.67 5.16
CA VAL A 51 7.82 2.05 6.44
C VAL A 51 7.40 3.09 7.45
N GLY A 52 6.46 2.73 8.29
CA GLY A 52 5.94 3.66 9.25
C GLY A 52 4.78 4.41 8.68
N HIS A 53 4.26 3.91 7.59
CA HIS A 53 3.13 4.49 6.95
C HIS A 53 1.91 3.63 7.10
N ARG A 54 0.85 4.27 7.46
CA ARG A 54 -0.45 3.67 7.61
C ARG A 54 -1.19 3.79 6.30
N ILE A 55 -1.46 2.70 5.67
CA ILE A 55 -2.21 2.72 4.44
C ILE A 55 -3.67 2.90 4.76
N ILE A 56 -4.25 3.92 4.22
CA ILE A 56 -5.62 4.18 4.43
C ILE A 56 -6.46 3.86 3.21
N GLU A 57 -5.82 3.63 2.08
CA GLU A 57 -6.56 3.39 0.84
C GLU A 57 -5.73 2.59 -0.09
N ILE A 58 -6.39 1.73 -0.84
CA ILE A 58 -5.78 0.96 -1.87
C ILE A 58 -6.78 0.86 -3.01
N ASN A 59 -6.35 1.26 -4.19
CA ASN A 59 -7.10 1.12 -5.45
C ASN A 59 -8.35 2.04 -5.52
N GLY A 60 -8.61 2.77 -4.45
CA GLY A 60 -9.77 3.63 -4.41
C GLY A 60 -10.67 3.30 -3.25
N GLN A 61 -10.33 2.26 -2.52
CA GLN A 61 -11.11 1.86 -1.37
C GLN A 61 -10.29 2.09 -0.12
N SER A 62 -10.89 2.75 0.85
CA SER A 62 -10.24 2.98 2.10
C SER A 62 -10.17 1.68 2.91
N VAL A 63 -8.96 1.14 3.01
CA VAL A 63 -8.74 -0.15 3.60
C VAL A 63 -8.27 0.01 5.01
N VAL A 64 -8.50 1.17 5.52
CA VAL A 64 -8.09 1.53 6.83
C VAL A 64 -9.02 0.88 7.87
N ALA A 65 -10.10 0.32 7.37
CA ALA A 65 -11.09 -0.37 8.16
C ALA A 65 -11.21 -1.81 7.64
N THR A 66 -10.23 -2.18 6.87
CA THR A 66 -10.17 -3.46 6.26
C THR A 66 -9.15 -4.31 7.06
N PRO A 67 -9.50 -5.58 7.36
CA PRO A 67 -8.59 -6.46 8.09
C PRO A 67 -7.36 -6.88 7.27
N HIS A 68 -6.32 -7.32 7.99
CA HIS A 68 -5.02 -7.75 7.45
C HIS A 68 -5.17 -8.61 6.21
N GLU A 69 -5.93 -9.67 6.35
CA GLU A 69 -6.10 -10.66 5.30
C GLU A 69 -6.60 -10.02 4.05
N LYS A 70 -7.60 -9.19 4.20
CA LYS A 70 -8.22 -8.53 3.09
C LYS A 70 -7.25 -7.62 2.41
N ILE A 71 -6.65 -6.73 3.18
CA ILE A 71 -5.66 -5.78 2.67
C ILE A 71 -4.59 -6.52 1.86
N VAL A 72 -4.12 -7.62 2.41
CA VAL A 72 -3.08 -8.41 1.77
C VAL A 72 -3.61 -9.14 0.53
N HIS A 73 -4.84 -9.61 0.60
CA HIS A 73 -5.41 -10.42 -0.48
C HIS A 73 -5.70 -9.54 -1.68
N ILE A 74 -6.21 -8.36 -1.37
CA ILE A 74 -6.54 -7.38 -2.36
C ILE A 74 -5.27 -6.87 -3.03
N LEU A 75 -4.26 -6.57 -2.22
CA LEU A 75 -2.95 -6.16 -2.76
C LEU A 75 -2.36 -7.22 -3.66
N SER A 76 -2.50 -8.46 -3.27
CA SER A 76 -1.99 -9.57 -4.03
C SER A 76 -2.67 -9.72 -5.41
N ASN A 77 -3.91 -9.26 -5.55
CA ASN A 77 -4.64 -9.45 -6.81
C ASN A 77 -4.74 -8.21 -7.68
N ALA A 78 -4.39 -7.07 -7.15
CA ALA A 78 -4.49 -5.83 -7.90
C ALA A 78 -3.19 -5.52 -8.61
N VAL A 79 -3.26 -5.16 -9.89
CA VAL A 79 -2.09 -4.75 -10.65
C VAL A 79 -2.39 -3.41 -11.36
N GLY A 80 -1.43 -2.92 -12.12
CA GLY A 80 -1.57 -1.67 -12.81
C GLY A 80 -1.27 -0.52 -11.91
N GLU A 81 -1.84 0.61 -12.22
CA GLU A 81 -1.74 1.78 -11.38
C GLU A 81 -2.62 1.60 -10.17
N ILE A 82 -2.00 1.49 -9.05
CA ILE A 82 -2.69 1.28 -7.82
C ILE A 82 -2.43 2.45 -6.91
N HIS A 83 -3.47 3.13 -6.57
CA HIS A 83 -3.40 4.27 -5.68
C HIS A 83 -3.53 3.80 -4.29
N MET A 84 -2.66 4.21 -3.47
CA MET A 84 -2.81 3.97 -2.09
C MET A 84 -2.61 5.28 -1.40
N LYS A 85 -3.19 5.42 -0.28
CA LYS A 85 -3.01 6.62 0.48
C LYS A 85 -2.39 6.22 1.75
N THR A 86 -1.28 6.76 2.04
CA THR A 86 -0.59 6.39 3.22
C THR A 86 -0.35 7.60 4.12
N MET A 87 -0.43 7.38 5.41
CA MET A 87 -0.21 8.41 6.38
C MET A 87 1.07 8.07 7.08
N PRO A 88 1.72 8.98 7.81
CA PRO A 88 2.89 8.66 8.65
C PRO A 88 2.42 8.00 9.96
N ALA A 89 1.27 7.31 9.82
CA ALA A 89 0.55 6.60 10.87
C ALA A 89 -0.04 7.55 11.90
N ALA A 90 -0.02 8.81 11.55
CA ALA A 90 -0.53 9.91 12.30
C ALA A 90 -0.19 11.16 11.52
N GLU A 7 -10.94 14.55 1.19
CA GLU A 7 -10.38 13.28 1.65
C GLU A 7 -8.90 13.44 1.90
N THR A 8 -8.57 13.88 3.07
CA THR A 8 -7.23 14.01 3.55
C THR A 8 -7.29 13.96 5.07
N MET A 9 -7.12 12.77 5.62
CA MET A 9 -7.23 12.57 7.06
C MET A 9 -6.15 13.30 7.85
N GLY A 10 -4.91 13.00 7.59
CA GLY A 10 -3.84 13.65 8.32
C GLY A 10 -2.51 13.14 7.89
N ASN A 11 -1.85 13.90 7.03
CA ASN A 11 -0.55 13.53 6.42
C ASN A 11 -0.73 12.30 5.57
N VAL A 12 -1.04 12.51 4.35
CA VAL A 12 -1.32 11.45 3.47
C VAL A 12 -0.41 11.50 2.31
N THR A 13 0.27 10.46 2.16
CA THR A 13 1.16 10.23 1.12
C THR A 13 0.54 9.21 0.21
N THR A 14 0.16 9.66 -0.90
CA THR A 14 -0.42 8.82 -1.87
C THR A 14 0.70 8.09 -2.59
N VAL A 15 0.51 6.86 -2.72
CA VAL A 15 1.43 5.99 -3.34
C VAL A 15 0.85 5.52 -4.62
N LEU A 16 1.65 5.43 -5.61
CA LEU A 16 1.21 4.86 -6.79
C LEU A 16 2.10 3.71 -7.12
N ILE A 17 1.54 2.57 -7.06
CA ILE A 17 2.22 1.39 -7.42
C ILE A 17 1.81 1.03 -8.80
N ARG A 18 2.77 0.79 -9.62
CA ARG A 18 2.49 0.33 -10.92
C ARG A 18 2.95 -1.06 -11.05
N ARG A 19 2.01 -1.92 -10.99
CA ARG A 19 2.20 -3.32 -11.02
C ARG A 19 1.62 -3.92 -12.31
N PRO A 20 2.46 -4.40 -13.22
CA PRO A 20 1.99 -5.02 -14.49
C PRO A 20 1.05 -6.22 -14.24
N ASP A 21 1.49 -7.15 -13.42
CA ASP A 21 0.68 -8.32 -13.10
C ASP A 21 1.19 -8.90 -11.78
N LEU A 22 0.65 -10.04 -11.39
CA LEU A 22 0.94 -10.66 -10.11
C LEU A 22 2.35 -11.27 -10.01
N ARG A 23 3.01 -11.43 -11.15
CA ARG A 23 4.43 -11.90 -11.17
C ARG A 23 5.32 -10.85 -10.53
N TYR A 24 4.83 -9.63 -10.56
CA TYR A 24 5.49 -8.53 -9.93
C TYR A 24 4.89 -8.39 -8.58
N GLN A 25 5.62 -8.71 -7.56
CA GLN A 25 5.07 -8.58 -6.25
C GLN A 25 5.39 -7.25 -5.67
N LEU A 26 4.55 -6.83 -4.73
CA LEU A 26 4.60 -5.50 -4.10
C LEU A 26 6.02 -5.21 -3.59
N GLY A 27 6.48 -6.02 -2.68
CA GLY A 27 7.80 -5.83 -2.14
C GLY A 27 7.75 -5.33 -0.72
N PHE A 28 6.59 -4.93 -0.28
CA PHE A 28 6.45 -4.44 1.06
C PHE A 28 5.61 -5.40 1.89
N SER A 29 5.85 -5.42 3.15
CA SER A 29 5.13 -6.26 4.07
C SER A 29 4.18 -5.38 4.89
N VAL A 30 2.92 -5.68 4.83
CA VAL A 30 1.92 -4.94 5.58
C VAL A 30 1.29 -5.80 6.67
N GLN A 31 1.24 -5.21 7.83
CA GLN A 31 0.61 -5.81 8.97
C GLN A 31 -0.28 -4.78 9.59
N ASN A 32 -1.56 -5.11 9.70
CA ASN A 32 -2.57 -4.22 10.33
C ASN A 32 -2.79 -2.96 9.52
N GLY A 33 -2.31 -2.99 8.29
CA GLY A 33 -2.41 -1.86 7.42
C GLY A 33 -1.15 -1.04 7.44
N ILE A 34 -0.24 -1.37 8.32
CA ILE A 34 1.00 -0.62 8.42
C ILE A 34 2.12 -1.36 7.71
N ILE A 35 2.79 -0.65 6.85
CA ILE A 35 3.96 -1.12 6.15
C ILE A 35 5.09 -1.33 7.15
N CYS A 36 5.43 -2.57 7.36
CA CYS A 36 6.40 -2.98 8.33
C CYS A 36 7.80 -3.16 7.70
N SER A 37 7.84 -3.48 6.43
CA SER A 37 9.10 -3.71 5.75
C SER A 37 8.97 -3.35 4.27
N LEU A 38 10.11 -3.10 3.62
CA LEU A 38 10.15 -2.69 2.21
C LEU A 38 11.35 -3.32 1.49
N MET A 39 11.10 -3.83 0.30
CA MET A 39 12.12 -4.38 -0.57
C MET A 39 12.82 -3.28 -1.33
N ARG A 40 14.11 -3.20 -1.16
CA ARG A 40 14.93 -2.24 -1.85
C ARG A 40 15.05 -2.72 -3.28
N GLY A 41 14.67 -1.90 -4.21
CA GLY A 41 14.69 -2.27 -5.59
C GLY A 41 13.36 -2.84 -6.04
N GLY A 42 12.44 -2.97 -5.11
CA GLY A 42 11.14 -3.50 -5.43
C GLY A 42 10.25 -2.42 -5.99
N ILE A 43 9.09 -2.80 -6.50
CA ILE A 43 8.15 -1.81 -7.02
C ILE A 43 7.66 -0.90 -5.95
N ALA A 44 7.46 -1.42 -4.76
CA ALA A 44 6.95 -0.65 -3.64
C ALA A 44 7.81 0.58 -3.34
N GLU A 45 9.11 0.39 -3.32
CA GLU A 45 10.05 1.47 -3.08
C GLU A 45 9.94 2.53 -4.18
N ARG A 46 9.84 2.05 -5.40
CA ARG A 46 9.73 2.90 -6.58
C ARG A 46 8.34 3.55 -6.69
N GLY A 47 7.37 2.96 -6.02
CA GLY A 47 6.03 3.47 -5.98
C GLY A 47 5.85 4.50 -4.87
N GLY A 48 6.76 4.50 -3.91
CA GLY A 48 6.69 5.48 -2.84
C GLY A 48 6.14 4.90 -1.56
N VAL A 49 6.11 3.60 -1.48
CA VAL A 49 5.65 2.90 -0.31
C VAL A 49 6.73 3.00 0.74
N ARG A 50 6.42 3.53 1.90
CA ARG A 50 7.43 3.68 2.94
C ARG A 50 6.99 2.98 4.16
N VAL A 51 7.96 2.56 4.87
CA VAL A 51 7.79 1.80 6.07
C VAL A 51 7.41 2.72 7.21
N GLY A 52 6.53 2.26 8.04
CA GLY A 52 6.01 3.09 9.09
C GLY A 52 4.91 3.95 8.58
N HIS A 53 4.23 3.44 7.59
CA HIS A 53 3.11 4.09 6.99
C HIS A 53 1.89 3.20 7.07
N ARG A 54 0.79 3.77 7.43
CA ARG A 54 -0.45 3.05 7.49
C ARG A 54 -1.22 3.32 6.24
N ILE A 55 -1.57 2.30 5.55
CA ILE A 55 -2.33 2.41 4.35
C ILE A 55 -3.79 2.61 4.69
N ILE A 56 -4.35 3.65 4.14
CA ILE A 56 -5.72 3.94 4.38
C ILE A 56 -6.59 3.70 3.16
N GLU A 57 -5.99 3.52 2.02
CA GLU A 57 -6.76 3.38 0.79
C GLU A 57 -5.95 2.70 -0.23
N ILE A 58 -6.58 1.87 -1.01
CA ILE A 58 -5.95 1.13 -2.08
C ILE A 58 -6.88 1.17 -3.25
N ASN A 59 -6.37 1.59 -4.39
CA ASN A 59 -7.06 1.55 -5.69
C ASN A 59 -8.21 2.58 -5.80
N GLY A 60 -8.67 3.06 -4.69
CA GLY A 60 -9.79 3.97 -4.66
C GLY A 60 -10.82 3.53 -3.65
N GLN A 61 -10.48 2.52 -2.86
CA GLN A 61 -11.34 2.05 -1.81
C GLN A 61 -10.63 2.21 -0.49
N SER A 62 -11.39 2.61 0.51
CA SER A 62 -10.86 2.86 1.81
C SER A 62 -10.66 1.53 2.49
N VAL A 63 -9.43 1.12 2.64
CA VAL A 63 -9.16 -0.16 3.19
C VAL A 63 -8.77 -0.01 4.63
N VAL A 64 -8.93 1.18 5.10
CA VAL A 64 -8.63 1.50 6.47
C VAL A 64 -9.75 0.92 7.38
N ALA A 65 -10.82 0.52 6.74
CA ALA A 65 -11.96 -0.08 7.38
C ALA A 65 -12.09 -1.52 6.91
N THR A 66 -11.04 -2.00 6.29
CA THR A 66 -10.95 -3.31 5.78
C THR A 66 -10.09 -4.13 6.76
N PRO A 67 -10.48 -5.40 7.04
CA PRO A 67 -9.70 -6.30 7.90
C PRO A 67 -8.23 -6.33 7.45
N HIS A 68 -7.33 -6.34 8.42
CA HIS A 68 -5.89 -6.30 8.15
C HIS A 68 -5.43 -7.36 7.14
N GLU A 69 -5.94 -8.56 7.28
CA GLU A 69 -5.59 -9.63 6.39
C GLU A 69 -6.14 -9.38 5.00
N LYS A 70 -7.36 -8.83 4.94
CA LYS A 70 -8.02 -8.53 3.70
C LYS A 70 -7.19 -7.57 2.91
N ILE A 71 -6.70 -6.54 3.58
CA ILE A 71 -5.84 -5.53 2.96
C ILE A 71 -4.67 -6.21 2.23
N VAL A 72 -4.08 -7.18 2.90
CA VAL A 72 -2.97 -7.92 2.36
C VAL A 72 -3.43 -8.78 1.17
N HIS A 73 -4.64 -9.28 1.23
CA HIS A 73 -5.17 -10.18 0.22
C HIS A 73 -5.49 -9.36 -1.04
N ILE A 74 -6.02 -8.19 -0.81
CA ILE A 74 -6.36 -7.26 -1.84
C ILE A 74 -5.10 -6.77 -2.54
N LEU A 75 -4.10 -6.36 -1.75
CA LEU A 75 -2.79 -5.95 -2.29
C LEU A 75 -2.16 -7.07 -3.11
N SER A 76 -2.29 -8.29 -2.60
CA SER A 76 -1.79 -9.48 -3.25
C SER A 76 -2.38 -9.66 -4.67
N ASN A 77 -3.64 -9.29 -4.85
CA ASN A 77 -4.34 -9.47 -6.15
C ASN A 77 -4.37 -8.22 -7.01
N ALA A 78 -4.01 -7.09 -6.44
CA ALA A 78 -4.15 -5.84 -7.14
C ALA A 78 -2.95 -5.51 -7.99
N VAL A 79 -3.20 -5.14 -9.25
CA VAL A 79 -2.18 -4.72 -10.19
C VAL A 79 -2.68 -3.43 -10.91
N GLY A 80 -1.88 -2.86 -11.79
CA GLY A 80 -2.27 -1.66 -12.53
C GLY A 80 -1.72 -0.44 -11.86
N GLU A 81 -2.29 0.71 -12.14
CA GLU A 81 -1.96 1.91 -11.42
C GLU A 81 -2.72 1.83 -10.12
N ILE A 82 -2.00 1.61 -9.07
CA ILE A 82 -2.63 1.44 -7.80
C ILE A 82 -2.41 2.69 -7.00
N HIS A 83 -3.51 3.33 -6.67
CA HIS A 83 -3.47 4.59 -5.96
C HIS A 83 -3.74 4.24 -4.55
N MET A 84 -2.78 4.39 -3.74
CA MET A 84 -2.88 3.96 -2.42
C MET A 84 -2.61 5.16 -1.52
N LYS A 85 -3.20 5.23 -0.36
CA LYS A 85 -3.00 6.37 0.50
C LYS A 85 -2.38 5.88 1.74
N THR A 86 -1.32 6.49 2.11
CA THR A 86 -0.64 6.08 3.29
C THR A 86 -0.40 7.26 4.21
N MET A 87 -0.50 7.04 5.49
CA MET A 87 -0.26 8.06 6.49
C MET A 87 0.99 7.65 7.21
N PRO A 88 1.61 8.50 8.05
CA PRO A 88 2.84 8.14 8.82
C PRO A 88 2.51 7.19 10.00
N ALA A 89 1.46 6.40 9.79
CA ALA A 89 0.94 5.41 10.71
C ALA A 89 0.33 6.04 11.93
N ALA A 90 -0.06 7.28 11.76
CA ALA A 90 -0.76 8.01 12.75
C ALA A 90 -2.21 7.68 12.58
#